data_5XJZ
# 
_entry.id   5XJZ 
# 
_audit_conform.dict_name       mmcif_pdbx.dic 
_audit_conform.dict_version    5.387 
_audit_conform.dict_location   http://mmcif.pdb.org/dictionaries/ascii/mmcif_pdbx.dic 
# 
loop_
_database_2.database_id 
_database_2.database_code 
_database_2.pdbx_database_accession 
_database_2.pdbx_DOI 
PDB   5XJZ         pdb_00005xjz 10.2210/pdb5xjz/pdb 
WWPDB D_1300003665 ?            ?                   
# 
loop_
_pdbx_audit_revision_history.ordinal 
_pdbx_audit_revision_history.data_content_type 
_pdbx_audit_revision_history.major_revision 
_pdbx_audit_revision_history.minor_revision 
_pdbx_audit_revision_history.revision_date 
1 'Structure model' 1 0 2017-12-06 
2 'Structure model' 1 1 2024-03-27 
# 
_pdbx_audit_revision_details.ordinal             1 
_pdbx_audit_revision_details.revision_ordinal    1 
_pdbx_audit_revision_details.data_content_type   'Structure model' 
_pdbx_audit_revision_details.provider            repository 
_pdbx_audit_revision_details.type                'Initial release' 
_pdbx_audit_revision_details.description         ? 
_pdbx_audit_revision_details.details             ? 
# 
loop_
_pdbx_audit_revision_group.ordinal 
_pdbx_audit_revision_group.revision_ordinal 
_pdbx_audit_revision_group.data_content_type 
_pdbx_audit_revision_group.group 
1 2 'Structure model' 'Data collection'      
2 2 'Structure model' 'Database references'  
3 2 'Structure model' 'Derived calculations' 
# 
loop_
_pdbx_audit_revision_category.ordinal 
_pdbx_audit_revision_category.revision_ordinal 
_pdbx_audit_revision_category.data_content_type 
_pdbx_audit_revision_category.category 
1 2 'Structure model' chem_comp_atom               
2 2 'Structure model' chem_comp_bond               
3 2 'Structure model' database_2                   
4 2 'Structure model' pdbx_struct_special_symmetry 
5 2 'Structure model' struct_conn                  
# 
loop_
_pdbx_audit_revision_item.ordinal 
_pdbx_audit_revision_item.revision_ordinal 
_pdbx_audit_revision_item.data_content_type 
_pdbx_audit_revision_item.item 
1  2 'Structure model' '_database_2.pdbx_DOI'                
2  2 'Structure model' '_database_2.pdbx_database_accession' 
3  2 'Structure model' '_struct_conn.ptnr1_auth_asym_id'     
4  2 'Structure model' '_struct_conn.ptnr1_auth_comp_id'     
5  2 'Structure model' '_struct_conn.ptnr1_auth_seq_id'      
6  2 'Structure model' '_struct_conn.ptnr1_label_asym_id'    
7  2 'Structure model' '_struct_conn.ptnr1_label_atom_id'    
8  2 'Structure model' '_struct_conn.ptnr1_label_comp_id'    
9  2 'Structure model' '_struct_conn.ptnr1_label_seq_id'     
10 2 'Structure model' '_struct_conn.ptnr1_symmetry'         
11 2 'Structure model' '_struct_conn.ptnr2_auth_asym_id'     
12 2 'Structure model' '_struct_conn.ptnr2_auth_comp_id'     
13 2 'Structure model' '_struct_conn.ptnr2_auth_seq_id'      
14 2 'Structure model' '_struct_conn.ptnr2_label_asym_id'    
15 2 'Structure model' '_struct_conn.ptnr2_label_atom_id'    
16 2 'Structure model' '_struct_conn.ptnr2_label_comp_id'    
17 2 'Structure model' '_struct_conn.ptnr2_label_seq_id'     
18 2 'Structure model' '_struct_conn.ptnr2_symmetry'         
# 
_pdbx_database_status.status_code                     REL 
_pdbx_database_status.status_code_sf                  REL 
_pdbx_database_status.status_code_mr                  ? 
_pdbx_database_status.entry_id                        5XJZ 
_pdbx_database_status.recvd_initial_deposition_date   2017-05-04 
_pdbx_database_status.SG_entry                        N 
_pdbx_database_status.deposit_site                    PDBJ 
_pdbx_database_status.process_site                    PDBJ 
_pdbx_database_status.status_code_cs                  ? 
_pdbx_database_status.methods_development_category    ? 
_pdbx_database_status.pdb_format_compatible           Y 
_pdbx_database_status.status_code_nmr_data            ? 
# 
loop_
_audit_author.name 
_audit_author.pdbx_ordinal 
_audit_author.identifier_ORCID 
'Liu, H.H.' 1 ? 
'Gan, J.H.' 2 ? 
# 
_citation.abstract                  ? 
_citation.abstract_id_CAS           ? 
_citation.book_id_ISBN              ? 
_citation.book_publisher            ? 
_citation.book_publisher_city       ? 
_citation.book_title                ? 
_citation.coordinate_linkage        ? 
_citation.country                   GE 
_citation.database_id_Medline       ? 
_citation.details                   ? 
_citation.id                        primary 
_citation.journal_abbrev            'Angew. Chem. Int. Ed. Engl.' 
_citation.journal_id_ASTM           ACIEAY 
_citation.journal_id_CSD            0179 
_citation.journal_id_ISSN           1521-3773 
_citation.journal_full              ? 
_citation.journal_issue             ? 
_citation.journal_volume            56 
_citation.language                  ? 
_citation.page_first                9430 
_citation.page_last                 9434 
_citation.title                     'A DNA Structure Containing AgI -Mediated G:G and C:C Base Pairs' 
_citation.year                      2017 
_citation.database_id_CSD           ? 
_citation.pdbx_database_id_DOI      10.1002/anie.201704891 
_citation.pdbx_database_id_PubMed   28635152 
_citation.unpublished_flag          ? 
# 
loop_
_citation_author.citation_id 
_citation_author.name 
_citation_author.ordinal 
_citation_author.identifier_ORCID 
primary 'Liu, H.H.'           1  ? 
primary 'Shen, F.S.'          2  ? 
primary 'Haruehanroengra, P.' 3  ? 
primary 'Yao, Q.Q.'           4  ? 
primary 'Cheng, Y.S.'         5  ? 
primary 'Chen, Y.Q.'          6  ? 
primary 'Yang, C.'            7  ? 
primary 'Zhang, J.'           8  ? 
primary 'Wu, B.X.'            9  ? 
primary 'Luo, Q.'             10 ? 
primary 'Cui, R.X.'           11 ? 
primary 'Li, J.X.'            12 ? 
primary 'Ma, J.B.'            13 ? 
primary 'Sheng, J.'           14 ? 
primary 'Gan, J.H.'           15 ? 
# 
loop_
_entity.id 
_entity.type 
_entity.src_method 
_entity.pdbx_description 
_entity.formula_weight 
_entity.pdbx_number_of_molecules 
_entity.pdbx_ec 
_entity.pdbx_mutation 
_entity.pdbx_fragment 
_entity.details 
1 polymer     syn 
;DNA (5'-D(*GP*CP*AP*CP*GP*CP*GP*C)-3')
;
2412.594 2  ? ? ? ? 
2 non-polymer syn 'SILVER ION'                             107.868  3  ? ? ? ? 
3 non-polymer syn SPERMINE                                 202.340  1  ? ? ? ? 
4 water       nat water                                    18.015   83 ? ? ? ? 
# 
_entity_poly.entity_id                      1 
_entity_poly.type                           polydeoxyribonucleotide 
_entity_poly.nstd_linkage                   no 
_entity_poly.nstd_monomer                   no 
_entity_poly.pdbx_seq_one_letter_code       '(DG)(DC)(DA)(DC)(DG)(DC)(DG)(DC)' 
_entity_poly.pdbx_seq_one_letter_code_can   GCACGCGC 
_entity_poly.pdbx_strand_id                 A,B 
_entity_poly.pdbx_target_identifier         ? 
# 
loop_
_pdbx_entity_nonpoly.entity_id 
_pdbx_entity_nonpoly.name 
_pdbx_entity_nonpoly.comp_id 
2 'SILVER ION' AG  
3 SPERMINE     SPM 
4 water        HOH 
# 
loop_
_entity_poly_seq.entity_id 
_entity_poly_seq.num 
_entity_poly_seq.mon_id 
_entity_poly_seq.hetero 
1 1 DG n 
1 2 DC n 
1 3 DA n 
1 4 DC n 
1 5 DG n 
1 6 DC n 
1 7 DG n 
1 8 DC n 
# 
_pdbx_entity_src_syn.entity_id              1 
_pdbx_entity_src_syn.pdbx_src_id            1 
_pdbx_entity_src_syn.pdbx_alt_source_flag   sample 
_pdbx_entity_src_syn.pdbx_beg_seq_num       1 
_pdbx_entity_src_syn.pdbx_end_seq_num       8 
_pdbx_entity_src_syn.organism_scientific    'synthetic construct' 
_pdbx_entity_src_syn.organism_common_name   ? 
_pdbx_entity_src_syn.ncbi_taxonomy_id       32630 
_pdbx_entity_src_syn.details                ? 
# 
loop_
_chem_comp.id 
_chem_comp.type 
_chem_comp.mon_nstd_flag 
_chem_comp.name 
_chem_comp.pdbx_synonyms 
_chem_comp.formula 
_chem_comp.formula_weight 
AG  non-polymer   . 'SILVER ION'                         ? 'Ag 1'            107.868 
DA  'DNA linking' y "2'-DEOXYADENOSINE-5'-MONOPHOSPHATE" ? 'C10 H14 N5 O6 P' 331.222 
DC  'DNA linking' y "2'-DEOXYCYTIDINE-5'-MONOPHOSPHATE"  ? 'C9 H14 N3 O7 P'  307.197 
DG  'DNA linking' y "2'-DEOXYGUANOSINE-5'-MONOPHOSPHATE" ? 'C10 H14 N5 O7 P' 347.221 
HOH non-polymer   . WATER                                ? 'H2 O'            18.015  
SPM non-polymer   . SPERMINE                             ? 'C10 H26 N4'      202.340 
# 
loop_
_pdbx_poly_seq_scheme.asym_id 
_pdbx_poly_seq_scheme.entity_id 
_pdbx_poly_seq_scheme.seq_id 
_pdbx_poly_seq_scheme.mon_id 
_pdbx_poly_seq_scheme.ndb_seq_num 
_pdbx_poly_seq_scheme.pdb_seq_num 
_pdbx_poly_seq_scheme.auth_seq_num 
_pdbx_poly_seq_scheme.pdb_mon_id 
_pdbx_poly_seq_scheme.auth_mon_id 
_pdbx_poly_seq_scheme.pdb_strand_id 
_pdbx_poly_seq_scheme.pdb_ins_code 
_pdbx_poly_seq_scheme.hetero 
A 1 1 DG 1 1 1 DG Gd A . n 
A 1 2 DC 2 2 2 DC Cd A . n 
A 1 3 DA 3 3 3 DA Ad A . n 
A 1 4 DC 4 4 4 DC Cd A . n 
A 1 5 DG 5 5 5 DG Gd A . n 
A 1 6 DC 6 6 6 DC Cd A . n 
A 1 7 DG 7 7 7 DG Gd A . n 
A 1 8 DC 8 8 8 DC Cd A . n 
B 1 1 DG 1 1 1 DG Gd B . n 
B 1 2 DC 2 2 2 DC Cd B . n 
B 1 3 DA 3 3 3 DA Ad B . n 
B 1 4 DC 4 4 4 DC Cd B . n 
B 1 5 DG 5 5 5 DG Gd B . n 
B 1 6 DC 6 6 6 DC Cd B . n 
B 1 7 DG 7 7 7 DG Gd B . n 
B 1 8 DC 8 8 8 DC Cd B . n 
# 
loop_
_pdbx_nonpoly_scheme.asym_id 
_pdbx_nonpoly_scheme.entity_id 
_pdbx_nonpoly_scheme.mon_id 
_pdbx_nonpoly_scheme.ndb_seq_num 
_pdbx_nonpoly_scheme.pdb_seq_num 
_pdbx_nonpoly_scheme.auth_seq_num 
_pdbx_nonpoly_scheme.pdb_mon_id 
_pdbx_nonpoly_scheme.auth_mon_id 
_pdbx_nonpoly_scheme.pdb_strand_id 
_pdbx_nonpoly_scheme.pdb_ins_code 
C 2 AG  1  101 1   AG  AG  A . 
D 2 AG  1  102 2   AG  AG  A . 
E 2 AG  1  103 3   AG  AG  A . 
F 3 SPM 1  101 1   SPM SPM B . 
G 4 HOH 1  201 42  HOH HOH A . 
G 4 HOH 2  202 8   HOH HOH A . 
G 4 HOH 3  203 32  HOH HOH A . 
G 4 HOH 4  204 11  HOH HOH A . 
G 4 HOH 5  205 111 HOH HOH A . 
G 4 HOH 6  206 6   HOH HOH A . 
G 4 HOH 7  207 34  HOH HOH A . 
G 4 HOH 8  208 25  HOH HOH A . 
G 4 HOH 9  209 97  HOH HOH A . 
G 4 HOH 10 210 1   HOH HOH A . 
G 4 HOH 11 211 13  HOH HOH A . 
G 4 HOH 12 212 46  HOH HOH A . 
G 4 HOH 13 213 28  HOH HOH A . 
G 4 HOH 14 214 72  HOH HOH A . 
G 4 HOH 15 215 66  HOH HOH A . 
G 4 HOH 16 216 18  HOH HOH A . 
G 4 HOH 17 217 75  HOH HOH A . 
G 4 HOH 18 218 48  HOH HOH A . 
G 4 HOH 19 219 31  HOH HOH A . 
G 4 HOH 20 220 65  HOH HOH A . 
G 4 HOH 21 221 21  HOH HOH A . 
G 4 HOH 22 222 41  HOH HOH A . 
G 4 HOH 23 223 4   HOH HOH A . 
G 4 HOH 24 224 23  HOH HOH A . 
G 4 HOH 25 225 67  HOH HOH A . 
G 4 HOH 26 226 36  HOH HOH A . 
G 4 HOH 27 227 20  HOH HOH A . 
G 4 HOH 28 228 101 HOH HOH A . 
G 4 HOH 29 229 73  HOH HOH A . 
G 4 HOH 30 230 89  HOH HOH A . 
G 4 HOH 31 231 96  HOH HOH A . 
G 4 HOH 32 232 56  HOH HOH A . 
G 4 HOH 33 233 90  HOH HOH A . 
G 4 HOH 34 234 114 HOH HOH A . 
G 4 HOH 35 235 95  HOH HOH A . 
G 4 HOH 36 236 92  HOH HOH A . 
G 4 HOH 37 237 94  HOH HOH A . 
G 4 HOH 38 238 117 HOH HOH A . 
G 4 HOH 39 239 91  HOH HOH A . 
G 4 HOH 40 240 93  HOH HOH A . 
H 4 HOH 1  201 5   HOH HOH B . 
H 4 HOH 2  202 22  HOH HOH B . 
H 4 HOH 3  203 12  HOH HOH B . 
H 4 HOH 4  204 14  HOH HOH B . 
H 4 HOH 5  205 58  HOH HOH B . 
H 4 HOH 6  206 51  HOH HOH B . 
H 4 HOH 7  207 9   HOH HOH B . 
H 4 HOH 8  208 7   HOH HOH B . 
H 4 HOH 9  209 44  HOH HOH B . 
H 4 HOH 10 210 10  HOH HOH B . 
H 4 HOH 11 211 33  HOH HOH B . 
H 4 HOH 12 212 16  HOH HOH B . 
H 4 HOH 13 213 17  HOH HOH B . 
H 4 HOH 14 214 55  HOH HOH B . 
H 4 HOH 15 215 61  HOH HOH B . 
H 4 HOH 16 216 26  HOH HOH B . 
H 4 HOH 17 217 2   HOH HOH B . 
H 4 HOH 18 218 45  HOH HOH B . 
H 4 HOH 19 219 3   HOH HOH B . 
H 4 HOH 20 220 50  HOH HOH B . 
H 4 HOH 21 221 29  HOH HOH B . 
H 4 HOH 22 222 60  HOH HOH B . 
H 4 HOH 23 223 35  HOH HOH B . 
H 4 HOH 24 224 59  HOH HOH B . 
H 4 HOH 25 225 104 HOH HOH B . 
H 4 HOH 26 226 57  HOH HOH B . 
H 4 HOH 27 227 30  HOH HOH B . 
H 4 HOH 28 228 102 HOH HOH B . 
H 4 HOH 29 229 38  HOH HOH B . 
H 4 HOH 30 230 19  HOH HOH B . 
H 4 HOH 31 231 27  HOH HOH B . 
H 4 HOH 32 232 100 HOH HOH B . 
H 4 HOH 33 233 116 HOH HOH B . 
H 4 HOH 34 234 105 HOH HOH B . 
H 4 HOH 35 235 103 HOH HOH B . 
H 4 HOH 36 236 118 HOH HOH B . 
H 4 HOH 37 237 24  HOH HOH B . 
H 4 HOH 38 238 64  HOH HOH B . 
H 4 HOH 39 239 107 HOH HOH B . 
H 4 HOH 40 240 106 HOH HOH B . 
H 4 HOH 41 241 115 HOH HOH B . 
H 4 HOH 42 242 109 HOH HOH B . 
H 4 HOH 43 243 119 HOH HOH B . 
# 
loop_
_software.citation_id 
_software.classification 
_software.compiler_name 
_software.compiler_version 
_software.contact_author 
_software.contact_author_email 
_software.date 
_software.description 
_software.dependencies 
_software.hardware 
_software.language 
_software.location 
_software.mods 
_software.name 
_software.os 
_software.os_version 
_software.type 
_software.version 
_software.pdbx_ordinal 
? refinement       ? ? ? ? ? ? ? ? ? ? ? REFMAC   ? ? ? 5.8.0135 1 
? 'data reduction' ? ? ? ? ? ? ? ? ? ? ? HKL-3000 ? ? ? .        2 
? 'data scaling'   ? ? ? ? ? ? ? ? ? ? ? HKL-3000 ? ? ? .        3 
? phasing          ? ? ? ? ? ? ? ? ? ? ? SHELXDE  ? ? ? .        4 
# 
_cell.angle_alpha                  90.00 
_cell.angle_alpha_esd              ? 
_cell.angle_beta                   90.00 
_cell.angle_beta_esd               ? 
_cell.angle_gamma                  90.00 
_cell.angle_gamma_esd              ? 
_cell.entry_id                     5XJZ 
_cell.details                      ? 
_cell.formula_units_Z              ? 
_cell.length_a                     40.236 
_cell.length_a_esd                 ? 
_cell.length_b                     42.546 
_cell.length_b_esd                 ? 
_cell.length_c                     25.301 
_cell.length_c_esd                 ? 
_cell.volume                       ? 
_cell.volume_esd                   ? 
_cell.Z_PDB                        8 
_cell.reciprocal_angle_alpha       ? 
_cell.reciprocal_angle_beta        ? 
_cell.reciprocal_angle_gamma       ? 
_cell.reciprocal_angle_alpha_esd   ? 
_cell.reciprocal_angle_beta_esd    ? 
_cell.reciprocal_angle_gamma_esd   ? 
_cell.reciprocal_length_a          ? 
_cell.reciprocal_length_b          ? 
_cell.reciprocal_length_c          ? 
_cell.reciprocal_length_a_esd      ? 
_cell.reciprocal_length_b_esd      ? 
_cell.reciprocal_length_c_esd      ? 
_cell.pdbx_unique_axis             ? 
# 
_symmetry.entry_id                         5XJZ 
_symmetry.cell_setting                     ? 
_symmetry.Int_Tables_number                18 
_symmetry.space_group_name_Hall            ? 
_symmetry.space_group_name_H-M             'P 21 21 2' 
_symmetry.pdbx_full_space_group_name_H-M   ? 
# 
_exptl.absorpt_coefficient_mu     ? 
_exptl.absorpt_correction_T_max   ? 
_exptl.absorpt_correction_T_min   ? 
_exptl.absorpt_correction_type    ? 
_exptl.absorpt_process_details    ? 
_exptl.entry_id                   5XJZ 
_exptl.crystals_number            1 
_exptl.details                    ? 
_exptl.method                     'X-RAY DIFFRACTION' 
_exptl.method_details             ? 
# 
_exptl_crystal.colour                      ? 
_exptl_crystal.density_diffrn              ? 
_exptl_crystal.density_Matthews            2.24 
_exptl_crystal.density_method              ? 
_exptl_crystal.density_percent_sol         45.19 
_exptl_crystal.description                 Needle 
_exptl_crystal.F_000                       ? 
_exptl_crystal.id                          1 
_exptl_crystal.preparation                 ? 
_exptl_crystal.size_max                    ? 
_exptl_crystal.size_mid                    ? 
_exptl_crystal.size_min                    ? 
_exptl_crystal.size_rad                    ? 
_exptl_crystal.colour_lustre               ? 
_exptl_crystal.colour_modifier             ? 
_exptl_crystal.colour_primary              ? 
_exptl_crystal.density_meas                ? 
_exptl_crystal.density_meas_esd            ? 
_exptl_crystal.density_meas_gt             ? 
_exptl_crystal.density_meas_lt             ? 
_exptl_crystal.density_meas_temp           ? 
_exptl_crystal.density_meas_temp_esd       ? 
_exptl_crystal.density_meas_temp_gt        ? 
_exptl_crystal.density_meas_temp_lt        ? 
_exptl_crystal.pdbx_crystal_image_url      ? 
_exptl_crystal.pdbx_crystal_image_format   ? 
_exptl_crystal.pdbx_mosaicity              ? 
_exptl_crystal.pdbx_mosaicity_esd          ? 
# 
_exptl_crystal_grow.apparatus       ? 
_exptl_crystal_grow.atmosphere      ? 
_exptl_crystal_grow.crystal_id      1 
_exptl_crystal_grow.details         ? 
_exptl_crystal_grow.method          'VAPOR DIFFUSION, HANGING DROP' 
_exptl_crystal_grow.method_ref      ? 
_exptl_crystal_grow.pH              7 
_exptl_crystal_grow.pressure        ? 
_exptl_crystal_grow.pressure_esd    ? 
_exptl_crystal_grow.seeding         ? 
_exptl_crystal_grow.seeding_ref     ? 
_exptl_crystal_grow.temp            291 
_exptl_crystal_grow.temp_details    ? 
_exptl_crystal_grow.temp_esd        ? 
_exptl_crystal_grow.time            ? 
_exptl_crystal_grow.pdbx_details    '10% v/v MPD, 40mM Sodium cacodylate pH 7.0, 12mM Spermine tetra-HCl, 80mM NaCl' 
_exptl_crystal_grow.pdbx_pH_range   ? 
# 
_diffrn.ambient_environment    ? 
_diffrn.ambient_temp           100 
_diffrn.ambient_temp_details   ? 
_diffrn.ambient_temp_esd       ? 
_diffrn.crystal_id             1 
_diffrn.crystal_support        ? 
_diffrn.crystal_treatment      ? 
_diffrn.details                ? 
_diffrn.id                     1 
_diffrn.ambient_pressure       ? 
_diffrn.ambient_pressure_esd   ? 
_diffrn.ambient_pressure_gt    ? 
_diffrn.ambient_pressure_lt    ? 
_diffrn.ambient_temp_gt        ? 
_diffrn.ambient_temp_lt        ? 
# 
_diffrn_detector.details                      ? 
_diffrn_detector.detector                     PIXEL 
_diffrn_detector.diffrn_id                    1 
_diffrn_detector.type                         'DECTRIS PILATUS3 S 6M' 
_diffrn_detector.area_resol_mean              ? 
_diffrn_detector.dtime                        ? 
_diffrn_detector.pdbx_frames_total            ? 
_diffrn_detector.pdbx_collection_time_total   ? 
_diffrn_detector.pdbx_collection_date         2016-12-11 
# 
_diffrn_radiation.collimation                      ? 
_diffrn_radiation.diffrn_id                        1 
_diffrn_radiation.filter_edge                      ? 
_diffrn_radiation.inhomogeneity                    ? 
_diffrn_radiation.monochromator                    ? 
_diffrn_radiation.polarisn_norm                    ? 
_diffrn_radiation.polarisn_ratio                   ? 
_diffrn_radiation.probe                            ? 
_diffrn_radiation.type                             ? 
_diffrn_radiation.xray_symbol                      ? 
_diffrn_radiation.wavelength_id                    1 
_diffrn_radiation.pdbx_monochromatic_or_laue_m_l   M 
_diffrn_radiation.pdbx_wavelength_list             ? 
_diffrn_radiation.pdbx_wavelength                  ? 
_diffrn_radiation.pdbx_diffrn_protocol             'SINGLE WAVELENGTH' 
_diffrn_radiation.pdbx_analyzer                    ? 
_diffrn_radiation.pdbx_scattering_type             x-ray 
# 
_diffrn_radiation_wavelength.id           1 
_diffrn_radiation_wavelength.wavelength   0.979 
_diffrn_radiation_wavelength.wt           1.0 
# 
_diffrn_source.current                     ? 
_diffrn_source.details                     ? 
_diffrn_source.diffrn_id                   1 
_diffrn_source.power                       ? 
_diffrn_source.size                        ? 
_diffrn_source.source                      SYNCHROTRON 
_diffrn_source.target                      ? 
_diffrn_source.type                        'SSRF BEAMLINE BL19U1' 
_diffrn_source.voltage                     ? 
_diffrn_source.take-off_angle              ? 
_diffrn_source.pdbx_wavelength_list        0.979 
_diffrn_source.pdbx_wavelength             ? 
_diffrn_source.pdbx_synchrotron_beamline   BL19U1 
_diffrn_source.pdbx_synchrotron_site       SSRF 
# 
_reflns.B_iso_Wilson_estimate            ? 
_reflns.entry_id                         5XJZ 
_reflns.data_reduction_details           ? 
_reflns.data_reduction_method            ? 
_reflns.d_resolution_high                0.98 
_reflns.d_resolution_low                 30 
_reflns.details                          ? 
_reflns.limit_h_max                      ? 
_reflns.limit_h_min                      ? 
_reflns.limit_k_max                      ? 
_reflns.limit_k_min                      ? 
_reflns.limit_l_max                      ? 
_reflns.limit_l_min                      ? 
_reflns.number_all                       ? 
_reflns.number_obs                       24202 
_reflns.observed_criterion               ? 
_reflns.observed_criterion_F_max         ? 
_reflns.observed_criterion_F_min         ? 
_reflns.observed_criterion_I_max         ? 
_reflns.observed_criterion_I_min         ? 
_reflns.observed_criterion_sigma_F       ? 
_reflns.observed_criterion_sigma_I       ? 
_reflns.percent_possible_obs             99.4 
_reflns.R_free_details                   ? 
_reflns.Rmerge_F_all                     ? 
_reflns.Rmerge_F_obs                     ? 
_reflns.Friedel_coverage                 ? 
_reflns.number_gt                        ? 
_reflns.threshold_expression             ? 
_reflns.pdbx_redundancy                  6.4 
_reflns.pdbx_Rmerge_I_obs                ? 
_reflns.pdbx_Rmerge_I_all                ? 
_reflns.pdbx_Rsym_value                  ? 
_reflns.pdbx_netI_over_av_sigmaI         ? 
_reflns.pdbx_netI_over_sigmaI            31 
_reflns.pdbx_res_netI_over_av_sigmaI_2   ? 
_reflns.pdbx_res_netI_over_sigmaI_2      ? 
_reflns.pdbx_chi_squared                 ? 
_reflns.pdbx_scaling_rejects             ? 
_reflns.pdbx_d_res_high_opt              ? 
_reflns.pdbx_d_res_low_opt               ? 
_reflns.pdbx_d_res_opt_method            ? 
_reflns.phase_calculation_details        ? 
_reflns.pdbx_Rrim_I_all                  ? 
_reflns.pdbx_Rpim_I_all                  ? 
_reflns.pdbx_d_opt                       ? 
_reflns.pdbx_number_measured_all         ? 
_reflns.pdbx_diffrn_id                   1 
_reflns.pdbx_ordinal                     1 
_reflns.pdbx_CC_half                     ? 
_reflns.pdbx_R_split                     ? 
# 
_reflns_shell.d_res_high                  0.98 
_reflns_shell.d_res_low                   1.01 
_reflns_shell.meanI_over_sigI_all         ? 
_reflns_shell.meanI_over_sigI_obs         2.2 
_reflns_shell.number_measured_all         ? 
_reflns_shell.number_measured_obs         ? 
_reflns_shell.number_possible             ? 
_reflns_shell.number_unique_all           ? 
_reflns_shell.number_unique_obs           1694 
_reflns_shell.percent_possible_all        97.5 
_reflns_shell.percent_possible_obs        ? 
_reflns_shell.Rmerge_F_all                ? 
_reflns_shell.Rmerge_F_obs                ? 
_reflns_shell.Rmerge_I_all                ? 
_reflns_shell.Rmerge_I_obs                0.492 
_reflns_shell.meanI_over_sigI_gt          ? 
_reflns_shell.meanI_over_uI_all           ? 
_reflns_shell.meanI_over_uI_gt            ? 
_reflns_shell.number_measured_gt          ? 
_reflns_shell.number_unique_gt            ? 
_reflns_shell.percent_possible_gt         ? 
_reflns_shell.Rmerge_F_gt                 ? 
_reflns_shell.Rmerge_I_gt                 ? 
_reflns_shell.pdbx_redundancy             4.5 
_reflns_shell.pdbx_Rsym_value             ? 
_reflns_shell.pdbx_chi_squared            ? 
_reflns_shell.pdbx_netI_over_sigmaI_all   ? 
_reflns_shell.pdbx_netI_over_sigmaI_obs   ? 
_reflns_shell.pdbx_Rrim_I_all             ? 
_reflns_shell.pdbx_Rpim_I_all             ? 
_reflns_shell.pdbx_rejects                ? 
_reflns_shell.pdbx_ordinal                1 
_reflns_shell.pdbx_diffrn_id              1 
_reflns_shell.pdbx_CC_half                ? 
_reflns_shell.pdbx_R_split                ? 
# 
_refine.aniso_B[1][1]                            0.11 
_refine.aniso_B[1][2]                            -0.00 
_refine.aniso_B[1][3]                            0.00 
_refine.aniso_B[2][2]                            -0.44 
_refine.aniso_B[2][3]                            0.00 
_refine.aniso_B[3][3]                            0.33 
_refine.B_iso_max                                ? 
_refine.B_iso_mean                               10.719 
_refine.B_iso_min                                ? 
_refine.correlation_coeff_Fo_to_Fc               0.980 
_refine.correlation_coeff_Fo_to_Fc_free          0.977 
_refine.details                                  'HYDROGENS HAVE BEEN ADDED IN THE RIDING POSITIONS' 
_refine.diff_density_max                         ? 
_refine.diff_density_max_esd                     ? 
_refine.diff_density_min                         ? 
_refine.diff_density_min_esd                     ? 
_refine.diff_density_rms                         ? 
_refine.diff_density_rms_esd                     ? 
_refine.entry_id                                 5XJZ 
_refine.pdbx_refine_id                           'X-RAY DIFFRACTION' 
_refine.ls_abs_structure_details                 ? 
_refine.ls_abs_structure_Flack                   ? 
_refine.ls_abs_structure_Flack_esd               ? 
_refine.ls_abs_structure_Rogers                  ? 
_refine.ls_abs_structure_Rogers_esd              ? 
_refine.ls_d_res_high                            0.98 
_refine.ls_d_res_low                             29.23 
_refine.ls_extinction_coef                       ? 
_refine.ls_extinction_coef_esd                   ? 
_refine.ls_extinction_expression                 ? 
_refine.ls_extinction_method                     ? 
_refine.ls_goodness_of_fit_all                   ? 
_refine.ls_goodness_of_fit_all_esd               ? 
_refine.ls_goodness_of_fit_obs                   ? 
_refine.ls_goodness_of_fit_obs_esd               ? 
_refine.ls_hydrogen_treatment                    ? 
_refine.ls_matrix_type                           ? 
_refine.ls_number_constraints                    ? 
_refine.ls_number_parameters                     ? 
_refine.ls_number_reflns_all                     ? 
_refine.ls_number_reflns_obs                     24202 
_refine.ls_number_reflns_R_free                  1243 
_refine.ls_number_reflns_R_work                  ? 
_refine.ls_number_restraints                     ? 
_refine.ls_percent_reflns_obs                    99.36 
_refine.ls_percent_reflns_R_free                 4.9 
_refine.ls_R_factor_all                          ? 
_refine.ls_R_factor_obs                          0.12399 
_refine.ls_R_factor_R_free                       0.13065 
_refine.ls_R_factor_R_free_error                 ? 
_refine.ls_R_factor_R_free_error_details         ? 
_refine.ls_R_factor_R_work                       0.12364 
_refine.ls_R_Fsqd_factor_obs                     ? 
_refine.ls_R_I_factor_obs                        ? 
_refine.ls_redundancy_reflns_all                 ? 
_refine.ls_redundancy_reflns_obs                 ? 
_refine.ls_restrained_S_all                      ? 
_refine.ls_restrained_S_obs                      ? 
_refine.ls_shift_over_esd_max                    ? 
_refine.ls_shift_over_esd_mean                   ? 
_refine.ls_structure_factor_coef                 ? 
_refine.ls_weighting_details                     ? 
_refine.ls_weighting_scheme                      ? 
_refine.ls_wR_factor_all                         ? 
_refine.ls_wR_factor_obs                         ? 
_refine.ls_wR_factor_R_free                      ? 
_refine.ls_wR_factor_R_work                      ? 
_refine.occupancy_max                            ? 
_refine.occupancy_min                            ? 
_refine.solvent_model_details                    ? 
_refine.solvent_model_param_bsol                 ? 
_refine.solvent_model_param_ksol                 ? 
_refine.ls_R_factor_gt                           ? 
_refine.ls_goodness_of_fit_gt                    ? 
_refine.ls_goodness_of_fit_ref                   ? 
_refine.ls_shift_over_su_max                     ? 
_refine.ls_shift_over_su_max_lt                  ? 
_refine.ls_shift_over_su_mean                    ? 
_refine.ls_shift_over_su_mean_lt                 ? 
_refine.pdbx_ls_sigma_I                          ? 
_refine.pdbx_ls_sigma_F                          ? 
_refine.pdbx_ls_sigma_Fsqd                       ? 
_refine.pdbx_data_cutoff_high_absF               ? 
_refine.pdbx_data_cutoff_high_rms_absF           ? 
_refine.pdbx_data_cutoff_low_absF                ? 
_refine.pdbx_isotropic_thermal_model             ? 
_refine.pdbx_ls_cross_valid_method               THROUGHOUT 
_refine.pdbx_method_to_determine_struct          SAD 
_refine.pdbx_starting_model                      ? 
_refine.pdbx_stereochemistry_target_values       ? 
_refine.pdbx_R_Free_selection_details            RANDOM 
_refine.pdbx_stereochem_target_val_spec_case     ? 
_refine.pdbx_overall_ESU_R                       0.018 
_refine.pdbx_overall_ESU_R_Free                  0.017 
_refine.pdbx_solvent_vdw_probe_radii             1.20 
_refine.pdbx_solvent_ion_probe_radii             0.80 
_refine.pdbx_solvent_shrinkage_radii             0.80 
_refine.pdbx_real_space_R                        ? 
_refine.pdbx_density_correlation                 ? 
_refine.pdbx_pd_number_of_powder_patterns        ? 
_refine.pdbx_pd_number_of_points                 ? 
_refine.pdbx_pd_meas_number_of_points            ? 
_refine.pdbx_pd_proc_ls_prof_R_factor            ? 
_refine.pdbx_pd_proc_ls_prof_wR_factor           ? 
_refine.pdbx_pd_Marquardt_correlation_coeff      ? 
_refine.pdbx_pd_Fsqrd_R_factor                   ? 
_refine.pdbx_pd_ls_matrix_band_width             ? 
_refine.pdbx_overall_phase_error                 ? 
_refine.pdbx_overall_SU_R_free_Cruickshank_DPI   ? 
_refine.pdbx_overall_SU_R_free_Blow_DPI          ? 
_refine.pdbx_overall_SU_R_Blow_DPI               ? 
_refine.pdbx_TLS_residual_ADP_flag               ? 
_refine.pdbx_diffrn_id                           1 
_refine.overall_SU_B                             0.405 
_refine.overall_SU_ML                            0.010 
_refine.overall_SU_R_Cruickshank_DPI             ? 
_refine.overall_SU_R_free                        ? 
_refine.overall_FOM_free_R_set                   ? 
_refine.overall_FOM_work_R_set                   ? 
_refine.pdbx_average_fsc_overall                 ? 
_refine.pdbx_average_fsc_work                    ? 
_refine.pdbx_average_fsc_free                    ? 
# 
_refine_hist.pdbx_refine_id                   'X-RAY DIFFRACTION' 
_refine_hist.cycle_id                         1 
_refine_hist.pdbx_number_atoms_protein        0 
_refine_hist.pdbx_number_atoms_nucleic_acid   320 
_refine_hist.pdbx_number_atoms_ligand         17 
_refine_hist.number_atoms_solvent             83 
_refine_hist.number_atoms_total               420 
_refine_hist.d_res_high                       0.98 
_refine_hist.d_res_low                        29.23 
# 
loop_
_refine_ls_restr.pdbx_refine_id 
_refine_ls_restr.criterion 
_refine_ls_restr.dev_ideal 
_refine_ls_restr.dev_ideal_target 
_refine_ls_restr.number 
_refine_ls_restr.rejects 
_refine_ls_restr.type 
_refine_ls_restr.weight 
_refine_ls_restr.pdbx_restraint_function 
'X-RAY DIFFRACTION' ? 0.004  0.011  371 ? r_bond_refined_d             ? ? 
'X-RAY DIFFRACTION' ? 0.005  0.020  204 ? r_bond_other_d               ? ? 
'X-RAY DIFFRACTION' ? 1.276  1.195  560 ? r_angle_refined_deg          ? ? 
'X-RAY DIFFRACTION' ? 1.546  3.000  478 ? r_angle_other_deg            ? ? 
'X-RAY DIFFRACTION' ? ?      ?      ?   ? r_dihedral_angle_1_deg       ? ? 
'X-RAY DIFFRACTION' ? ?      ?      ?   ? r_dihedral_angle_2_deg       ? ? 
'X-RAY DIFFRACTION' ? ?      ?      ?   ? r_dihedral_angle_3_deg       ? ? 
'X-RAY DIFFRACTION' ? ?      ?      ?   ? r_dihedral_angle_4_deg       ? ? 
'X-RAY DIFFRACTION' ? 0.066  0.200  48  ? r_chiral_restr               ? ? 
'X-RAY DIFFRACTION' ? 0.023  0.020  194 ? r_gen_planes_refined         ? ? 
'X-RAY DIFFRACTION' ? 0.003  0.020  92  ? r_gen_planes_other           ? ? 
'X-RAY DIFFRACTION' ? ?      ?      ?   ? r_nbd_refined                ? ? 
'X-RAY DIFFRACTION' ? ?      ?      ?   ? r_nbd_other                  ? ? 
'X-RAY DIFFRACTION' ? ?      ?      ?   ? r_nbtor_refined              ? ? 
'X-RAY DIFFRACTION' ? ?      ?      ?   ? r_nbtor_other                ? ? 
'X-RAY DIFFRACTION' ? ?      ?      ?   ? r_xyhbond_nbd_refined        ? ? 
'X-RAY DIFFRACTION' ? ?      ?      ?   ? r_xyhbond_nbd_other          ? ? 
'X-RAY DIFFRACTION' ? ?      ?      ?   ? r_metal_ion_refined          ? ? 
'X-RAY DIFFRACTION' ? ?      ?      ?   ? r_metal_ion_other            ? ? 
'X-RAY DIFFRACTION' ? ?      ?      ?   ? r_symmetry_vdw_refined       ? ? 
'X-RAY DIFFRACTION' ? ?      ?      ?   ? r_symmetry_vdw_other         ? ? 
'X-RAY DIFFRACTION' ? ?      ?      ?   ? r_symmetry_hbond_refined     ? ? 
'X-RAY DIFFRACTION' ? ?      ?      ?   ? r_symmetry_hbond_other       ? ? 
'X-RAY DIFFRACTION' ? ?      ?      ?   ? r_symmetry_metal_ion_refined ? ? 
'X-RAY DIFFRACTION' ? ?      ?      ?   ? r_symmetry_metal_ion_other   ? ? 
'X-RAY DIFFRACTION' ? ?      ?      ?   ? r_mcbond_it                  ? ? 
'X-RAY DIFFRACTION' ? ?      ?      ?   ? r_mcbond_other               ? ? 
'X-RAY DIFFRACTION' ? ?      ?      ?   ? r_mcangle_it                 ? ? 
'X-RAY DIFFRACTION' ? ?      ?      ?   ? r_mcangle_other              ? ? 
'X-RAY DIFFRACTION' ? 0.544  0.888  371 ? r_scbond_it                  ? ? 
'X-RAY DIFFRACTION' ? 0.543  0.891  372 ? r_scbond_other               ? ? 
'X-RAY DIFFRACTION' ? ?      ?      ?   ? r_scangle_it                 ? ? 
'X-RAY DIFFRACTION' ? 0.734  1.320  561 ? r_scangle_other              ? ? 
'X-RAY DIFFRACTION' ? 1.912  10.049 591 ? r_long_range_B_refined       ? ? 
'X-RAY DIFFRACTION' ? 1.307  9.210  547 ? r_long_range_B_other         ? ? 
'X-RAY DIFFRACTION' ? 1.993  3.000  575 ? r_rigid_bond_restr           ? ? 
'X-RAY DIFFRACTION' ? 16.063 5.000  13  ? r_sphericity_free            ? ? 
'X-RAY DIFFRACTION' ? 5.534  5.000  614 ? r_sphericity_bonded          ? ? 
# 
_refine_ls_shell.pdbx_refine_id                   'X-RAY DIFFRACTION' 
_refine_ls_shell.d_res_high                       0.980 
_refine_ls_shell.d_res_low                        1.006 
_refine_ls_shell.number_reflns_all                ? 
_refine_ls_shell.number_reflns_obs                ? 
_refine_ls_shell.number_reflns_R_free             98 
_refine_ls_shell.number_reflns_R_work             1694 
_refine_ls_shell.percent_reflns_obs               96.76 
_refine_ls_shell.percent_reflns_R_free            ? 
_refine_ls_shell.R_factor_all                     ? 
_refine_ls_shell.R_factor_obs                     ? 
_refine_ls_shell.R_factor_R_free                  0.352 
_refine_ls_shell.R_factor_R_free_error            ? 
_refine_ls_shell.R_factor_R_work                  0.350 
_refine_ls_shell.redundancy_reflns_all            ? 
_refine_ls_shell.redundancy_reflns_obs            ? 
_refine_ls_shell.wR_factor_all                    ? 
_refine_ls_shell.wR_factor_obs                    ? 
_refine_ls_shell.wR_factor_R_free                 ? 
_refine_ls_shell.wR_factor_R_work                 ? 
_refine_ls_shell.pdbx_total_number_of_bins_used   20 
_refine_ls_shell.pdbx_phase_error                 ? 
_refine_ls_shell.pdbx_fsc_work                    ? 
_refine_ls_shell.pdbx_fsc_free                    ? 
# 
_struct.entry_id                     5XJZ 
_struct.title                        'Structure of DNA1-Ag complex' 
_struct.pdbx_model_details           ? 
_struct.pdbx_formula_weight          ? 
_struct.pdbx_formula_weight_method   ? 
_struct.pdbx_model_type_details      ? 
_struct.pdbx_CASP_flag               N 
# 
_struct_keywords.entry_id        5XJZ 
_struct_keywords.text            'DNA, Ag, base pair' 
_struct_keywords.pdbx_keywords   DNA 
# 
loop_
_struct_asym.id 
_struct_asym.pdbx_blank_PDB_chainid_flag 
_struct_asym.pdbx_modified 
_struct_asym.entity_id 
_struct_asym.details 
A N N 1 ? 
B N N 1 ? 
C N N 2 ? 
D N N 2 ? 
E N N 2 ? 
F N N 3 ? 
G N N 4 ? 
H N N 4 ? 
# 
_struct_ref.id                         1 
_struct_ref.db_name                    PDB 
_struct_ref.db_code                    5XJZ 
_struct_ref.pdbx_db_accession          5XJZ 
_struct_ref.pdbx_db_isoform            ? 
_struct_ref.entity_id                  1 
_struct_ref.pdbx_seq_one_letter_code   ? 
_struct_ref.pdbx_align_begin           1 
# 
loop_
_struct_ref_seq.align_id 
_struct_ref_seq.ref_id 
_struct_ref_seq.pdbx_PDB_id_code 
_struct_ref_seq.pdbx_strand_id 
_struct_ref_seq.seq_align_beg 
_struct_ref_seq.pdbx_seq_align_beg_ins_code 
_struct_ref_seq.seq_align_end 
_struct_ref_seq.pdbx_seq_align_end_ins_code 
_struct_ref_seq.pdbx_db_accession 
_struct_ref_seq.db_align_beg 
_struct_ref_seq.pdbx_db_align_beg_ins_code 
_struct_ref_seq.db_align_end 
_struct_ref_seq.pdbx_db_align_end_ins_code 
_struct_ref_seq.pdbx_auth_seq_align_beg 
_struct_ref_seq.pdbx_auth_seq_align_end 
1 1 5XJZ A 1 ? 8 ? 5XJZ 1 ? 8 ? 1 8 
2 1 5XJZ B 1 ? 8 ? 5XJZ 1 ? 8 ? 1 8 
# 
_pdbx_struct_assembly.id                   1 
_pdbx_struct_assembly.details              author_and_software_defined_assembly 
_pdbx_struct_assembly.method_details       PISA 
_pdbx_struct_assembly.oligomeric_details   dimeric 
_pdbx_struct_assembly.oligomeric_count     2 
# 
loop_
_pdbx_struct_assembly_prop.biol_id 
_pdbx_struct_assembly_prop.type 
_pdbx_struct_assembly_prop.value 
_pdbx_struct_assembly_prop.details 
1 'ABSA (A^2)' 1160 ? 
1 MORE         -12  ? 
1 'SSA (A^2)'  2550 ? 
# 
_pdbx_struct_assembly_gen.assembly_id       1 
_pdbx_struct_assembly_gen.oper_expression   1 
_pdbx_struct_assembly_gen.asym_id_list      A,B,C,D,E,F,G,H 
# 
_pdbx_struct_assembly_auth_evidence.id                     1 
_pdbx_struct_assembly_auth_evidence.assembly_id            1 
_pdbx_struct_assembly_auth_evidence.experimental_support   none 
_pdbx_struct_assembly_auth_evidence.details                ? 
# 
_pdbx_struct_oper_list.id                   1 
_pdbx_struct_oper_list.type                 'identity operation' 
_pdbx_struct_oper_list.name                 1_555 
_pdbx_struct_oper_list.symmetry_operation   x,y,z 
_pdbx_struct_oper_list.matrix[1][1]         1.0000000000 
_pdbx_struct_oper_list.matrix[1][2]         0.0000000000 
_pdbx_struct_oper_list.matrix[1][3]         0.0000000000 
_pdbx_struct_oper_list.vector[1]            0.0000000000 
_pdbx_struct_oper_list.matrix[2][1]         0.0000000000 
_pdbx_struct_oper_list.matrix[2][2]         1.0000000000 
_pdbx_struct_oper_list.matrix[2][3]         0.0000000000 
_pdbx_struct_oper_list.vector[2]            0.0000000000 
_pdbx_struct_oper_list.matrix[3][1]         0.0000000000 
_pdbx_struct_oper_list.matrix[3][2]         0.0000000000 
_pdbx_struct_oper_list.matrix[3][3]         1.0000000000 
_pdbx_struct_oper_list.vector[3]            0.0000000000 
# 
loop_
_struct_conn.id 
_struct_conn.conn_type_id 
_struct_conn.pdbx_leaving_atom_flag 
_struct_conn.pdbx_PDB_id 
_struct_conn.ptnr1_label_asym_id 
_struct_conn.ptnr1_label_comp_id 
_struct_conn.ptnr1_label_seq_id 
_struct_conn.ptnr1_label_atom_id 
_struct_conn.pdbx_ptnr1_label_alt_id 
_struct_conn.pdbx_ptnr1_PDB_ins_code 
_struct_conn.pdbx_ptnr1_standard_comp_id 
_struct_conn.ptnr1_symmetry 
_struct_conn.ptnr2_label_asym_id 
_struct_conn.ptnr2_label_comp_id 
_struct_conn.ptnr2_label_seq_id 
_struct_conn.ptnr2_label_atom_id 
_struct_conn.pdbx_ptnr2_label_alt_id 
_struct_conn.pdbx_ptnr2_PDB_ins_code 
_struct_conn.ptnr1_auth_asym_id 
_struct_conn.ptnr1_auth_comp_id 
_struct_conn.ptnr1_auth_seq_id 
_struct_conn.ptnr2_auth_asym_id 
_struct_conn.ptnr2_auth_comp_id 
_struct_conn.ptnr2_auth_seq_id 
_struct_conn.ptnr2_symmetry 
_struct_conn.pdbx_ptnr3_label_atom_id 
_struct_conn.pdbx_ptnr3_label_seq_id 
_struct_conn.pdbx_ptnr3_label_comp_id 
_struct_conn.pdbx_ptnr3_label_asym_id 
_struct_conn.pdbx_ptnr3_label_alt_id 
_struct_conn.pdbx_ptnr3_PDB_ins_code 
_struct_conn.details 
_struct_conn.pdbx_dist_value 
_struct_conn.pdbx_value_order 
_struct_conn.pdbx_role 
metalc1  metalc ? ? A DC 4 N3 ? ? ? 1_555 E AG . AG ? ? A DC 4   A AG 103 1_555 ? ? ? ? ? ? ?            2.148 ? ? 
metalc2  metalc ? ? A DG 7 N7 ? ? ? 1_555 C AG . AG ? ? A DG 7   A AG 101 1_555 ? ? ? ? ? ? ?            2.165 ? ? 
metalc3  metalc ? ? A DC 8 N3 ? ? ? 1_555 D AG . AG ? ? A DC 8   A AG 102 1_555 ? ? ? ? ? ? ?            2.147 ? ? 
metalc4  metalc ? ? C AG . AG ? ? ? 1_555 B DG 7 N7 ? ? A AG 101 B DG 7   1_555 ? ? ? ? ? ? ?            2.138 ? ? 
metalc5  metalc ? ? D AG . AG ? ? ? 1_555 B DC 8 N3 ? ? A AG 102 B DC 8   1_555 ? ? ? ? ? ? ?            2.144 ? ? 
metalc6  metalc ? ? E AG . AG ? ? ? 2_754 B DC 4 N3 ? ? A AG 103 B DC 4   1_555 ? ? ? ? ? ? ?            2.135 ? ? 
hydrog1  hydrog ? ? A DG 1 N2 ? ? ? 1_555 A DC 6 O2 ? ? A DG 1   A DC 6   1_555 ? ? ? ? ? ? 'DG-DC PAIR' ?     ? ? 
hydrog2  hydrog ? ? A DG 1 N1 ? ? ? 1_555 B DC 6 N3 ? ? A DG 1   B DC 6   1_555 ? ? ? ? ? ? WATSON-CRICK ?     ? ? 
hydrog3  hydrog ? ? A DG 1 N2 ? ? ? 1_555 B DC 6 O2 ? ? A DG 1   B DC 6   1_555 ? ? ? ? ? ? WATSON-CRICK ?     ? ? 
hydrog4  hydrog ? ? A DG 1 O6 ? ? ? 1_555 B DC 6 N4 ? ? A DG 1   B DC 6   1_555 ? ? ? ? ? ? WATSON-CRICK ?     ? ? 
hydrog5  hydrog ? ? A DC 2 O2 ? ? ? 1_555 A DG 5 N2 ? ? A DC 2   A DG 5   1_555 ? ? ? ? ? ? 'DC-DG PAIR' ?     ? ? 
hydrog6  hydrog ? ? A DC 2 N3 ? ? ? 1_555 B DG 5 N1 ? ? A DC 2   B DG 5   1_555 ? ? ? ? ? ? WATSON-CRICK ?     ? ? 
hydrog7  hydrog ? ? A DC 2 N4 ? ? ? 1_555 B DG 5 O6 ? ? A DC 2   B DG 5   1_555 ? ? ? ? ? ? WATSON-CRICK ?     ? ? 
hydrog8  hydrog ? ? A DC 2 O2 ? ? ? 1_555 B DG 5 N2 ? ? A DC 2   B DG 5   1_555 ? ? ? ? ? ? WATSON-CRICK ?     ? ? 
hydrog9  hydrog ? ? A DA 3 N6 ? ? ? 1_555 B DA 3 N7 ? ? A DA 3   B DA 3   1_555 ? ? ? ? ? ? TYPE_2_PAIR  ?     ? ? 
hydrog10 hydrog ? ? A DA 3 N7 ? ? ? 1_555 B DA 3 N6 ? ? A DA 3   B DA 3   1_555 ? ? ? ? ? ? TYPE_2_PAIR  ?     ? ? 
hydrog11 hydrog ? ? A DG 5 N1 ? ? ? 1_555 B DC 2 N3 ? ? A DG 5   B DC 2   1_555 ? ? ? ? ? ? WATSON-CRICK ?     ? ? 
hydrog12 hydrog ? ? A DG 5 N2 ? ? ? 1_555 B DC 2 O2 ? ? A DG 5   B DC 2   1_555 ? ? ? ? ? ? WATSON-CRICK ?     ? ? 
hydrog13 hydrog ? ? A DG 5 O6 ? ? ? 1_555 B DC 2 N4 ? ? A DG 5   B DC 2   1_555 ? ? ? ? ? ? WATSON-CRICK ?     ? ? 
hydrog14 hydrog ? ? A DC 6 N3 ? ? ? 1_555 B DG 1 N1 ? ? A DC 6   B DG 1   1_555 ? ? ? ? ? ? WATSON-CRICK ?     ? ? 
hydrog15 hydrog ? ? A DC 6 N4 ? ? ? 1_555 B DG 1 O6 ? ? A DC 6   B DG 1   1_555 ? ? ? ? ? ? WATSON-CRICK ?     ? ? 
hydrog16 hydrog ? ? A DC 6 O2 ? ? ? 1_555 B DG 1 N2 ? ? A DC 6   B DG 1   1_555 ? ? ? ? ? ? WATSON-CRICK ?     ? ? 
hydrog17 hydrog ? ? A DG 7 O6 ? ? ? 1_555 B DC 8 N4 ? ? A DG 7   B DC 8   1_555 ? ? ? ? ? ? 'DG-DC PAIR' ?     ? ? 
hydrog18 hydrog ? ? A DC 8 N4 ? ? ? 1_555 B DG 7 O6 ? ? A DC 8   B DG 7   1_555 ? ? ? ? ? ? 'DC-DG PAIR' ?     ? ? 
hydrog19 hydrog ? ? B DG 1 N2 ? ? ? 1_555 B DC 6 O2 ? ? B DG 1   B DC 6   1_555 ? ? ? ? ? ? 'DG-DC PAIR' ?     ? ? 
hydrog20 hydrog ? ? B DC 2 O2 ? ? ? 1_555 B DG 5 N2 ? ? B DC 2   B DG 5   1_555 ? ? ? ? ? ? 'DC-DG PAIR' ?     ? ? 
# 
loop_
_struct_conn_type.id 
_struct_conn_type.criteria 
_struct_conn_type.reference 
metalc ? ? 
hydrog ? ? 
# 
loop_
_pdbx_struct_conn_angle.id 
_pdbx_struct_conn_angle.ptnr1_label_atom_id 
_pdbx_struct_conn_angle.ptnr1_label_alt_id 
_pdbx_struct_conn_angle.ptnr1_label_asym_id 
_pdbx_struct_conn_angle.ptnr1_label_comp_id 
_pdbx_struct_conn_angle.ptnr1_label_seq_id 
_pdbx_struct_conn_angle.ptnr1_auth_atom_id 
_pdbx_struct_conn_angle.ptnr1_auth_asym_id 
_pdbx_struct_conn_angle.ptnr1_auth_comp_id 
_pdbx_struct_conn_angle.ptnr1_auth_seq_id 
_pdbx_struct_conn_angle.ptnr1_PDB_ins_code 
_pdbx_struct_conn_angle.ptnr1_symmetry 
_pdbx_struct_conn_angle.ptnr2_label_atom_id 
_pdbx_struct_conn_angle.ptnr2_label_alt_id 
_pdbx_struct_conn_angle.ptnr2_label_asym_id 
_pdbx_struct_conn_angle.ptnr2_label_comp_id 
_pdbx_struct_conn_angle.ptnr2_label_seq_id 
_pdbx_struct_conn_angle.ptnr2_auth_atom_id 
_pdbx_struct_conn_angle.ptnr2_auth_asym_id 
_pdbx_struct_conn_angle.ptnr2_auth_comp_id 
_pdbx_struct_conn_angle.ptnr2_auth_seq_id 
_pdbx_struct_conn_angle.ptnr2_PDB_ins_code 
_pdbx_struct_conn_angle.ptnr2_symmetry 
_pdbx_struct_conn_angle.ptnr3_label_atom_id 
_pdbx_struct_conn_angle.ptnr3_label_alt_id 
_pdbx_struct_conn_angle.ptnr3_label_asym_id 
_pdbx_struct_conn_angle.ptnr3_label_comp_id 
_pdbx_struct_conn_angle.ptnr3_label_seq_id 
_pdbx_struct_conn_angle.ptnr3_auth_atom_id 
_pdbx_struct_conn_angle.ptnr3_auth_asym_id 
_pdbx_struct_conn_angle.ptnr3_auth_comp_id 
_pdbx_struct_conn_angle.ptnr3_auth_seq_id 
_pdbx_struct_conn_angle.ptnr3_PDB_ins_code 
_pdbx_struct_conn_angle.ptnr3_symmetry 
_pdbx_struct_conn_angle.value 
_pdbx_struct_conn_angle.value_esd 
1 N3 ? A DC 4 ? A DC 4 ? 1_555 AG ? E AG . ? A AG 103 ? 1_555 N3 ? B DC 4 ? B DC 4 ? 1_555 42.5  ? 
2 N7 ? A DG 7 ? A DG 7 ? 1_555 AG ? C AG . ? A AG 101 ? 1_555 N7 ? B DG 7 ? B DG 7 ? 1_555 165.8 ? 
3 N3 ? A DC 8 ? A DC 8 ? 1_555 AG ? D AG . ? A AG 102 ? 1_555 N3 ? B DC 8 ? B DC 8 ? 1_555 163.5 ? 
# 
loop_
_struct_site.id 
_struct_site.pdbx_evidence_code 
_struct_site.pdbx_auth_asym_id 
_struct_site.pdbx_auth_comp_id 
_struct_site.pdbx_auth_seq_id 
_struct_site.pdbx_auth_ins_code 
_struct_site.pdbx_num_residues 
_struct_site.details 
AC1 Software A AG  101 ? 6  'binding site for residue AG A 101'  
AC2 Software A AG  102 ? 7  'binding site for residue AG A 102'  
AC3 Software A AG  103 ? 5  'binding site for residue AG A 103'  
AC4 Software B SPM 101 ? 11 'binding site for residue SPM B 101' 
# 
loop_
_struct_site_gen.id 
_struct_site_gen.site_id 
_struct_site_gen.pdbx_num_res 
_struct_site_gen.label_comp_id 
_struct_site_gen.label_asym_id 
_struct_site_gen.label_seq_id 
_struct_site_gen.pdbx_auth_ins_code 
_struct_site_gen.auth_comp_id 
_struct_site_gen.auth_asym_id 
_struct_site_gen.auth_seq_id 
_struct_site_gen.label_atom_id 
_struct_site_gen.label_alt_id 
_struct_site_gen.symmetry 
_struct_site_gen.details 
1  AC1 6  DG  A 1 ? DG  A 1   . ? 1_555 ? 
2  AC1 6  DC  A 6 ? DC  A 6   . ? 1_555 ? 
3  AC1 6  DG  A 7 ? DG  A 7   . ? 1_555 ? 
4  AC1 6  AG  D . ? AG  A 102 . ? 1_555 ? 
5  AC1 6  DC  B 6 ? DC  B 6   . ? 1_555 ? 
6  AC1 6  DG  B 7 ? DG  B 7   . ? 1_555 ? 
7  AC2 7  DC  A 4 ? DC  A 4   . ? 3_655 ? 
8  AC2 7  DG  A 7 ? DG  A 7   . ? 1_555 ? 
9  AC2 7  DC  A 8 ? DC  A 8   . ? 1_555 ? 
10 AC2 7  AG  C . ? AG  A 101 . ? 1_555 ? 
11 AC2 7  AG  E . ? AG  A 103 . ? 3_655 ? 
12 AC2 7  DG  B 7 ? DG  B 7   . ? 1_555 ? 
13 AC2 7  DC  B 8 ? DC  B 8   . ? 1_555 ? 
14 AC3 5  DC  A 4 ? DC  A 4   . ? 1_555 ? 
15 AC3 5  DC  A 8 ? DC  A 8   . ? 3_645 ? 
16 AC3 5  AG  D . ? AG  A 102 . ? 3_645 ? 
17 AC3 5  DC  B 4 ? DC  B 4   . ? 2_756 ? 
18 AC3 5  DC  B 8 ? DC  B 8   . ? 3_645 ? 
19 AC4 11 DG  A 1 ? DG  A 1   . ? 1_554 ? 
20 AC4 11 DC  A 2 ? DC  A 2   . ? 1_554 ? 
21 AC4 11 DG  A 5 ? DG  A 5   . ? 1_554 ? 
22 AC4 11 DC  A 6 ? DC  A 6   . ? 1_554 ? 
23 AC4 11 DC  A 8 ? DC  A 8   . ? 3_644 ? 
24 AC4 11 HOH G . ? HOH A 204 . ? 3_644 ? 
25 AC4 11 HOH G . ? HOH A 217 . ? 1_554 ? 
26 AC4 11 HOH G . ? HOH A 232 . ? 1_554 ? 
27 AC4 11 DC  B 2 ? DC  B 2   . ? 1_555 ? 
28 AC4 11 DG  B 5 ? DG  B 5   . ? 1_555 ? 
29 AC4 11 DC  B 6 ? DC  B 6   . ? 1_555 ? 
# 
loop_
_pdbx_struct_special_symmetry.id 
_pdbx_struct_special_symmetry.PDB_model_num 
_pdbx_struct_special_symmetry.auth_asym_id 
_pdbx_struct_special_symmetry.auth_comp_id 
_pdbx_struct_special_symmetry.auth_seq_id 
_pdbx_struct_special_symmetry.PDB_ins_code 
_pdbx_struct_special_symmetry.label_asym_id 
_pdbx_struct_special_symmetry.label_comp_id 
_pdbx_struct_special_symmetry.label_seq_id 
1 1 A HOH 210 ? G HOH . 
2 1 B HOH 219 ? H HOH . 
# 
_pdbx_distant_solvent_atoms.id                                1 
_pdbx_distant_solvent_atoms.PDB_model_num                     1 
_pdbx_distant_solvent_atoms.auth_atom_id                      O 
_pdbx_distant_solvent_atoms.label_alt_id                      ? 
_pdbx_distant_solvent_atoms.auth_asym_id                      A 
_pdbx_distant_solvent_atoms.auth_comp_id                      HOH 
_pdbx_distant_solvent_atoms.auth_seq_id                       240 
_pdbx_distant_solvent_atoms.PDB_ins_code                      ? 
_pdbx_distant_solvent_atoms.neighbor_macromolecule_distance   6.53 
_pdbx_distant_solvent_atoms.neighbor_ligand_distance          . 
# 
loop_
_chem_comp_atom.comp_id 
_chem_comp_atom.atom_id 
_chem_comp_atom.type_symbol 
_chem_comp_atom.pdbx_aromatic_flag 
_chem_comp_atom.pdbx_stereo_config 
_chem_comp_atom.pdbx_ordinal 
AG  AG     AG N N 1   
DA  OP3    O  N N 2   
DA  P      P  N N 3   
DA  OP1    O  N N 4   
DA  OP2    O  N N 5   
DA  "O5'"  O  N N 6   
DA  "C5'"  C  N N 7   
DA  "C4'"  C  N R 8   
DA  "O4'"  O  N N 9   
DA  "C3'"  C  N S 10  
DA  "O3'"  O  N N 11  
DA  "C2'"  C  N N 12  
DA  "C1'"  C  N R 13  
DA  N9     N  Y N 14  
DA  C8     C  Y N 15  
DA  N7     N  Y N 16  
DA  C5     C  Y N 17  
DA  C6     C  Y N 18  
DA  N6     N  N N 19  
DA  N1     N  Y N 20  
DA  C2     C  Y N 21  
DA  N3     N  Y N 22  
DA  C4     C  Y N 23  
DA  HOP3   H  N N 24  
DA  HOP2   H  N N 25  
DA  "H5'"  H  N N 26  
DA  "H5''" H  N N 27  
DA  "H4'"  H  N N 28  
DA  "H3'"  H  N N 29  
DA  "HO3'" H  N N 30  
DA  "H2'"  H  N N 31  
DA  "H2''" H  N N 32  
DA  "H1'"  H  N N 33  
DA  H8     H  N N 34  
DA  H61    H  N N 35  
DA  H62    H  N N 36  
DA  H2     H  N N 37  
DC  OP3    O  N N 38  
DC  P      P  N N 39  
DC  OP1    O  N N 40  
DC  OP2    O  N N 41  
DC  "O5'"  O  N N 42  
DC  "C5'"  C  N N 43  
DC  "C4'"  C  N R 44  
DC  "O4'"  O  N N 45  
DC  "C3'"  C  N S 46  
DC  "O3'"  O  N N 47  
DC  "C2'"  C  N N 48  
DC  "C1'"  C  N R 49  
DC  N1     N  N N 50  
DC  C2     C  N N 51  
DC  O2     O  N N 52  
DC  N3     N  N N 53  
DC  C4     C  N N 54  
DC  N4     N  N N 55  
DC  C5     C  N N 56  
DC  C6     C  N N 57  
DC  HOP3   H  N N 58  
DC  HOP2   H  N N 59  
DC  "H5'"  H  N N 60  
DC  "H5''" H  N N 61  
DC  "H4'"  H  N N 62  
DC  "H3'"  H  N N 63  
DC  "HO3'" H  N N 64  
DC  "H2'"  H  N N 65  
DC  "H2''" H  N N 66  
DC  "H1'"  H  N N 67  
DC  H41    H  N N 68  
DC  H42    H  N N 69  
DC  H5     H  N N 70  
DC  H6     H  N N 71  
DG  OP3    O  N N 72  
DG  P      P  N N 73  
DG  OP1    O  N N 74  
DG  OP2    O  N N 75  
DG  "O5'"  O  N N 76  
DG  "C5'"  C  N N 77  
DG  "C4'"  C  N R 78  
DG  "O4'"  O  N N 79  
DG  "C3'"  C  N S 80  
DG  "O3'"  O  N N 81  
DG  "C2'"  C  N N 82  
DG  "C1'"  C  N R 83  
DG  N9     N  Y N 84  
DG  C8     C  Y N 85  
DG  N7     N  Y N 86  
DG  C5     C  Y N 87  
DG  C6     C  N N 88  
DG  O6     O  N N 89  
DG  N1     N  N N 90  
DG  C2     C  N N 91  
DG  N2     N  N N 92  
DG  N3     N  N N 93  
DG  C4     C  Y N 94  
DG  HOP3   H  N N 95  
DG  HOP2   H  N N 96  
DG  "H5'"  H  N N 97  
DG  "H5''" H  N N 98  
DG  "H4'"  H  N N 99  
DG  "H3'"  H  N N 100 
DG  "HO3'" H  N N 101 
DG  "H2'"  H  N N 102 
DG  "H2''" H  N N 103 
DG  "H1'"  H  N N 104 
DG  H8     H  N N 105 
DG  H1     H  N N 106 
DG  H21    H  N N 107 
DG  H22    H  N N 108 
HOH O      O  N N 109 
HOH H1     H  N N 110 
HOH H2     H  N N 111 
SPM N1     N  N N 112 
SPM C2     C  N N 113 
SPM C3     C  N N 114 
SPM C4     C  N N 115 
SPM N5     N  N N 116 
SPM C6     C  N N 117 
SPM C7     C  N N 118 
SPM C8     C  N N 119 
SPM C9     C  N N 120 
SPM N10    N  N N 121 
SPM C11    C  N N 122 
SPM C12    C  N N 123 
SPM C13    C  N N 124 
SPM N14    N  N N 125 
SPM HN11   H  N N 126 
SPM HN12   H  N N 127 
SPM H21    H  N N 128 
SPM H22    H  N N 129 
SPM H31    H  N N 130 
SPM H32    H  N N 131 
SPM H41    H  N N 132 
SPM H42    H  N N 133 
SPM HN5    H  N N 134 
SPM H61    H  N N 135 
SPM H62    H  N N 136 
SPM H71    H  N N 137 
SPM H72    H  N N 138 
SPM H81    H  N N 139 
SPM H82    H  N N 140 
SPM H91    H  N N 141 
SPM H92    H  N N 142 
SPM HN0    H  N N 143 
SPM H111   H  N N 144 
SPM H112   H  N N 145 
SPM H121   H  N N 146 
SPM H122   H  N N 147 
SPM H131   H  N N 148 
SPM H132   H  N N 149 
SPM HN41   H  N N 150 
SPM HN42   H  N N 151 
# 
loop_
_chem_comp_bond.comp_id 
_chem_comp_bond.atom_id_1 
_chem_comp_bond.atom_id_2 
_chem_comp_bond.value_order 
_chem_comp_bond.pdbx_aromatic_flag 
_chem_comp_bond.pdbx_stereo_config 
_chem_comp_bond.pdbx_ordinal 
DA  OP3   P      sing N N 1   
DA  OP3   HOP3   sing N N 2   
DA  P     OP1    doub N N 3   
DA  P     OP2    sing N N 4   
DA  P     "O5'"  sing N N 5   
DA  OP2   HOP2   sing N N 6   
DA  "O5'" "C5'"  sing N N 7   
DA  "C5'" "C4'"  sing N N 8   
DA  "C5'" "H5'"  sing N N 9   
DA  "C5'" "H5''" sing N N 10  
DA  "C4'" "O4'"  sing N N 11  
DA  "C4'" "C3'"  sing N N 12  
DA  "C4'" "H4'"  sing N N 13  
DA  "O4'" "C1'"  sing N N 14  
DA  "C3'" "O3'"  sing N N 15  
DA  "C3'" "C2'"  sing N N 16  
DA  "C3'" "H3'"  sing N N 17  
DA  "O3'" "HO3'" sing N N 18  
DA  "C2'" "C1'"  sing N N 19  
DA  "C2'" "H2'"  sing N N 20  
DA  "C2'" "H2''" sing N N 21  
DA  "C1'" N9     sing N N 22  
DA  "C1'" "H1'"  sing N N 23  
DA  N9    C8     sing Y N 24  
DA  N9    C4     sing Y N 25  
DA  C8    N7     doub Y N 26  
DA  C8    H8     sing N N 27  
DA  N7    C5     sing Y N 28  
DA  C5    C6     sing Y N 29  
DA  C5    C4     doub Y N 30  
DA  C6    N6     sing N N 31  
DA  C6    N1     doub Y N 32  
DA  N6    H61    sing N N 33  
DA  N6    H62    sing N N 34  
DA  N1    C2     sing Y N 35  
DA  C2    N3     doub Y N 36  
DA  C2    H2     sing N N 37  
DA  N3    C4     sing Y N 38  
DC  OP3   P      sing N N 39  
DC  OP3   HOP3   sing N N 40  
DC  P     OP1    doub N N 41  
DC  P     OP2    sing N N 42  
DC  P     "O5'"  sing N N 43  
DC  OP2   HOP2   sing N N 44  
DC  "O5'" "C5'"  sing N N 45  
DC  "C5'" "C4'"  sing N N 46  
DC  "C5'" "H5'"  sing N N 47  
DC  "C5'" "H5''" sing N N 48  
DC  "C4'" "O4'"  sing N N 49  
DC  "C4'" "C3'"  sing N N 50  
DC  "C4'" "H4'"  sing N N 51  
DC  "O4'" "C1'"  sing N N 52  
DC  "C3'" "O3'"  sing N N 53  
DC  "C3'" "C2'"  sing N N 54  
DC  "C3'" "H3'"  sing N N 55  
DC  "O3'" "HO3'" sing N N 56  
DC  "C2'" "C1'"  sing N N 57  
DC  "C2'" "H2'"  sing N N 58  
DC  "C2'" "H2''" sing N N 59  
DC  "C1'" N1     sing N N 60  
DC  "C1'" "H1'"  sing N N 61  
DC  N1    C2     sing N N 62  
DC  N1    C6     sing N N 63  
DC  C2    O2     doub N N 64  
DC  C2    N3     sing N N 65  
DC  N3    C4     doub N N 66  
DC  C4    N4     sing N N 67  
DC  C4    C5     sing N N 68  
DC  N4    H41    sing N N 69  
DC  N4    H42    sing N N 70  
DC  C5    C6     doub N N 71  
DC  C5    H5     sing N N 72  
DC  C6    H6     sing N N 73  
DG  OP3   P      sing N N 74  
DG  OP3   HOP3   sing N N 75  
DG  P     OP1    doub N N 76  
DG  P     OP2    sing N N 77  
DG  P     "O5'"  sing N N 78  
DG  OP2   HOP2   sing N N 79  
DG  "O5'" "C5'"  sing N N 80  
DG  "C5'" "C4'"  sing N N 81  
DG  "C5'" "H5'"  sing N N 82  
DG  "C5'" "H5''" sing N N 83  
DG  "C4'" "O4'"  sing N N 84  
DG  "C4'" "C3'"  sing N N 85  
DG  "C4'" "H4'"  sing N N 86  
DG  "O4'" "C1'"  sing N N 87  
DG  "C3'" "O3'"  sing N N 88  
DG  "C3'" "C2'"  sing N N 89  
DG  "C3'" "H3'"  sing N N 90  
DG  "O3'" "HO3'" sing N N 91  
DG  "C2'" "C1'"  sing N N 92  
DG  "C2'" "H2'"  sing N N 93  
DG  "C2'" "H2''" sing N N 94  
DG  "C1'" N9     sing N N 95  
DG  "C1'" "H1'"  sing N N 96  
DG  N9    C8     sing Y N 97  
DG  N9    C4     sing Y N 98  
DG  C8    N7     doub Y N 99  
DG  C8    H8     sing N N 100 
DG  N7    C5     sing Y N 101 
DG  C5    C6     sing N N 102 
DG  C5    C4     doub Y N 103 
DG  C6    O6     doub N N 104 
DG  C6    N1     sing N N 105 
DG  N1    C2     sing N N 106 
DG  N1    H1     sing N N 107 
DG  C2    N2     sing N N 108 
DG  C2    N3     doub N N 109 
DG  N2    H21    sing N N 110 
DG  N2    H22    sing N N 111 
DG  N3    C4     sing N N 112 
HOH O     H1     sing N N 113 
HOH O     H2     sing N N 114 
SPM N1    C2     sing N N 115 
SPM N1    HN11   sing N N 116 
SPM N1    HN12   sing N N 117 
SPM C2    C3     sing N N 118 
SPM C2    H21    sing N N 119 
SPM C2    H22    sing N N 120 
SPM C3    C4     sing N N 121 
SPM C3    H31    sing N N 122 
SPM C3    H32    sing N N 123 
SPM C4    N5     sing N N 124 
SPM C4    H41    sing N N 125 
SPM C4    H42    sing N N 126 
SPM N5    C6     sing N N 127 
SPM N5    HN5    sing N N 128 
SPM C6    C7     sing N N 129 
SPM C6    H61    sing N N 130 
SPM C6    H62    sing N N 131 
SPM C7    C8     sing N N 132 
SPM C7    H71    sing N N 133 
SPM C7    H72    sing N N 134 
SPM C8    C9     sing N N 135 
SPM C8    H81    sing N N 136 
SPM C8    H82    sing N N 137 
SPM C9    N10    sing N N 138 
SPM C9    H91    sing N N 139 
SPM C9    H92    sing N N 140 
SPM N10   C11    sing N N 141 
SPM N10   HN0    sing N N 142 
SPM C11   C12    sing N N 143 
SPM C11   H111   sing N N 144 
SPM C11   H112   sing N N 145 
SPM C12   C13    sing N N 146 
SPM C12   H121   sing N N 147 
SPM C12   H122   sing N N 148 
SPM C13   N14    sing N N 149 
SPM C13   H131   sing N N 150 
SPM C13   H132   sing N N 151 
SPM N14   HN41   sing N N 152 
SPM N14   HN42   sing N N 153 
# 
loop_
_ndb_struct_conf_na.entry_id 
_ndb_struct_conf_na.feature 
5XJZ 'double helix' 
5XJZ 'hairpin loop' 
# 
loop_
_ndb_struct_na_base_pair.model_number 
_ndb_struct_na_base_pair.i_label_asym_id 
_ndb_struct_na_base_pair.i_label_comp_id 
_ndb_struct_na_base_pair.i_label_seq_id 
_ndb_struct_na_base_pair.i_symmetry 
_ndb_struct_na_base_pair.j_label_asym_id 
_ndb_struct_na_base_pair.j_label_comp_id 
_ndb_struct_na_base_pair.j_label_seq_id 
_ndb_struct_na_base_pair.j_symmetry 
_ndb_struct_na_base_pair.shear 
_ndb_struct_na_base_pair.stretch 
_ndb_struct_na_base_pair.stagger 
_ndb_struct_na_base_pair.buckle 
_ndb_struct_na_base_pair.propeller 
_ndb_struct_na_base_pair.opening 
_ndb_struct_na_base_pair.pair_number 
_ndb_struct_na_base_pair.pair_name 
_ndb_struct_na_base_pair.i_auth_asym_id 
_ndb_struct_na_base_pair.i_auth_seq_id 
_ndb_struct_na_base_pair.i_PDB_ins_code 
_ndb_struct_na_base_pair.j_auth_asym_id 
_ndb_struct_na_base_pair.j_auth_seq_id 
_ndb_struct_na_base_pair.j_PDB_ins_code 
_ndb_struct_na_base_pair.hbond_type_28 
_ndb_struct_na_base_pair.hbond_type_12 
1 B DA 3 1_555 A DA 3 1_555 -5.286 5.218  0.044 -5.994 44.013  -179.334 1 B_DA3:DA3_A B 3 ? A 3 ? 2  7 
1 B DG 5 1_555 A DC 2 1_555 -0.315 -0.173 0.252 -2.598 -4.867  -4.105   2 B_DG5:DC2_A B 5 ? A 2 ? 19 1 
1 B DC 6 1_555 A DG 1 1_555 0.167  -0.088 0.364 0.206  -8.648  -0.405   3 B_DC6:DG1_A B 6 ? A 1 ? 19 1 
1 B DC 8 1_555 A DG 7 1_555 -0.444 3.482  0.631 45.321 5.692   -113.665 4 B_DC8:DG7_A B 8 ? A 7 ? ?  ? 
1 A DC 8 1_555 B DG 7 1_555 -0.469 3.410  0.514 49.363 5.153   -110.595 5 A_DC8:DG7_B A 8 ? B 7 ? ?  ? 
1 A DC 6 1_555 B DG 1 1_555 0.253  -0.111 0.364 4.718  -12.034 -0.399   6 A_DC6:DG1_B A 6 ? B 1 ? 19 1 
1 A DG 5 1_555 B DC 2 1_555 -0.252 -0.130 0.219 0.874  -2.322  -2.387   7 A_DG5:DC2_B A 5 ? B 2 ? 19 1 
# 
loop_
_ndb_struct_na_base_pair_step.model_number 
_ndb_struct_na_base_pair_step.i_label_asym_id_1 
_ndb_struct_na_base_pair_step.i_label_comp_id_1 
_ndb_struct_na_base_pair_step.i_label_seq_id_1 
_ndb_struct_na_base_pair_step.i_symmetry_1 
_ndb_struct_na_base_pair_step.j_label_asym_id_1 
_ndb_struct_na_base_pair_step.j_label_comp_id_1 
_ndb_struct_na_base_pair_step.j_label_seq_id_1 
_ndb_struct_na_base_pair_step.j_symmetry_1 
_ndb_struct_na_base_pair_step.i_label_asym_id_2 
_ndb_struct_na_base_pair_step.i_label_comp_id_2 
_ndb_struct_na_base_pair_step.i_label_seq_id_2 
_ndb_struct_na_base_pair_step.i_symmetry_2 
_ndb_struct_na_base_pair_step.j_label_asym_id_2 
_ndb_struct_na_base_pair_step.j_label_comp_id_2 
_ndb_struct_na_base_pair_step.j_label_seq_id_2 
_ndb_struct_na_base_pair_step.j_symmetry_2 
_ndb_struct_na_base_pair_step.shift 
_ndb_struct_na_base_pair_step.slide 
_ndb_struct_na_base_pair_step.rise 
_ndb_struct_na_base_pair_step.tilt 
_ndb_struct_na_base_pair_step.roll 
_ndb_struct_na_base_pair_step.twist 
_ndb_struct_na_base_pair_step.x_displacement 
_ndb_struct_na_base_pair_step.y_displacement 
_ndb_struct_na_base_pair_step.helical_rise 
_ndb_struct_na_base_pair_step.inclination 
_ndb_struct_na_base_pair_step.tip 
_ndb_struct_na_base_pair_step.helical_twist 
_ndb_struct_na_base_pair_step.step_number 
_ndb_struct_na_base_pair_step.step_name 
_ndb_struct_na_base_pair_step.i_auth_asym_id_1 
_ndb_struct_na_base_pair_step.i_auth_seq_id_1 
_ndb_struct_na_base_pair_step.i_PDB_ins_code_1 
_ndb_struct_na_base_pair_step.j_auth_asym_id_1 
_ndb_struct_na_base_pair_step.j_auth_seq_id_1 
_ndb_struct_na_base_pair_step.j_PDB_ins_code_1 
_ndb_struct_na_base_pair_step.i_auth_asym_id_2 
_ndb_struct_na_base_pair_step.i_auth_seq_id_2 
_ndb_struct_na_base_pair_step.i_PDB_ins_code_2 
_ndb_struct_na_base_pair_step.j_auth_asym_id_2 
_ndb_struct_na_base_pair_step.j_auth_seq_id_2 
_ndb_struct_na_base_pair_step.j_PDB_ins_code_2 
1 B DA 3 1_555 A DA 3 1_555 B DG 5 1_555 A DC 2 1_555 -1.438 6.169  -2.576 -98.773 -126.277 98.535   2.070 1.533  -4.534 -64.992 
50.836  167.194  1 BB_DA3DG5:DC2DA3_AA B 3 ? A 3 ? B 5 ? A 2 ? 
1 B DG 5 1_555 A DC 2 1_555 B DC 6 1_555 A DG 1 1_555 0.510  0.797  3.340  -2.487  -2.948   38.990   1.544 -1.060 3.237  -4.403  
3.714   39.172   2 BB_DG5DC6:DG1DC2_AA B 5 ? A 2 ? B 6 ? A 1 ? 
1 B DC 6 1_555 A DG 1 1_555 B DC 8 1_555 A DG 7 1_555 1.693  3.194  4.368  11.490  12.360   101.843  1.789 -0.847 4.750  7.924   
-7.366  102.847  3 BB_DC6DC8:DG7DG1_AA B 6 ? A 1 ? B 8 ? A 7 ? 
1 B DC 8 1_555 A DG 7 1_555 A DC 8 1_555 B DG 7 1_555 4.876  1.310  -0.056 20.419  3.512    178.904  0.655 -2.438 -0.048 1.756   
-10.210 178.922  4 BA_DC8DC8:DG7DG7_BA B 8 ? A 7 ? A 8 ? B 7 ? 
1 A DC 8 1_555 B DG 7 1_555 A DC 6 1_555 B DG 1 1_555 -1.766 -3.276 -4.479 -13.263 -13.855  -100.861 1.806 -0.848 -4.926 8.930   
-8.549  -102.178 5 AA_DC8DC6:DG1DG7_BB A 8 ? B 7 ? A 6 ? B 1 ? 
1 A DC 6 1_555 B DG 1 1_555 A DG 5 1_555 B DC 2 1_555 -0.171 -0.559 -3.313 2.997   3.049    -38.057  1.237 -0.638 -3.238 -4.658  
4.578   -38.288  6 AA_DC6DG5:DC2DG1_BB A 6 ? B 1 ? A 5 ? B 2 ? 
# 
_pdbx_audit_support.funding_organization   'National Natural Science Foundation of China' 
_pdbx_audit_support.country                China 
_pdbx_audit_support.grant_number           31370728 
_pdbx_audit_support.ordinal                1 
# 
_atom_sites.entry_id                    5XJZ 
_atom_sites.fract_transf_matrix[1][1]   -0.00978021 
_atom_sites.fract_transf_matrix[1][2]   0.01316122 
_atom_sites.fract_transf_matrix[1][3]   -0.01867622 
_atom_sites.fract_transf_matrix[2][1]   -0.02146265 
_atom_sites.fract_transf_matrix[2][2]   -0.00307071 
_atom_sites.fract_transf_matrix[2][3]   0.00907544 
_atom_sites.fract_transf_matrix[3][1]   0.00420140 
_atom_sites.fract_transf_matrix[3][2]   0.03312702 
_atom_sites.fract_transf_matrix[3][3]   0.02114462 
_atom_sites.fract_transf_vector[1]      0.865635 
_atom_sites.fract_transf_vector[2]      0.151646 
_atom_sites.fract_transf_vector[3]      -0.260260 
# 
loop_
_atom_type.symbol 
AG 
C  
N  
O  
P  
# 
loop_
_atom_site.group_PDB 
_atom_site.id 
_atom_site.type_symbol 
_atom_site.label_atom_id 
_atom_site.label_alt_id 
_atom_site.label_comp_id 
_atom_site.label_asym_id 
_atom_site.label_entity_id 
_atom_site.label_seq_id 
_atom_site.pdbx_PDB_ins_code 
_atom_site.Cartn_x 
_atom_site.Cartn_y 
_atom_site.Cartn_z 
_atom_site.occupancy 
_atom_site.B_iso_or_equiv 
_atom_site.pdbx_formal_charge 
_atom_site.auth_seq_id 
_atom_site.auth_comp_id 
_atom_site.auth_asym_id 
_atom_site.auth_atom_id 
_atom_site.pdbx_PDB_model_num 
ATOM   1   O  "O5'" . DG  A 1 1 ? -5.942  8.259   1.634   1.00 15.27 ? 1   DG  A "O5'" 1 
ATOM   2   C  "C5'" . DG  A 1 1 ? -5.227  8.292   2.878   1.00 12.98 ? 1   DG  A "C5'" 1 
ATOM   3   C  "C4'" . DG  A 1 1 ? -3.830  7.735   2.726   1.00 10.32 ? 1   DG  A "C4'" 1 
ATOM   4   O  "O4'" . DG  A 1 1 ? -3.864  6.344   2.336   1.00 10.08 ? 1   DG  A "O4'" 1 
ATOM   5   C  "C3'" . DG  A 1 1 ? -2.943  8.417   1.691   1.00 10.55 ? 1   DG  A "C3'" 1 
ATOM   6   O  "O3'" . DG  A 1 1 ? -1.640  8.413   2.276   1.00 10.37 ? 1   DG  A "O3'" 1 
ATOM   7   C  "C2'" . DG  A 1 1 ? -3.098  7.541   0.456   1.00 10.48 ? 1   DG  A "C2'" 1 
ATOM   8   C  "C1'" . DG  A 1 1 ? -3.284  6.154   1.041   1.00 9.92  ? 1   DG  A "C1'" 1 
ATOM   9   N  N9    . DG  A 1 1 ? -4.145  5.217   0.323   1.00 9.98  ? 1   DG  A N9    1 
ATOM   10  C  C8    . DG  A 1 1 ? -5.434  5.421   -0.107  1.00 10.01 ? 1   DG  A C8    1 
ATOM   11  N  N7    . DG  A 1 1 ? -5.988  4.345   -0.594  1.00 10.54 ? 1   DG  A N7    1 
ATOM   12  C  C5    . DG  A 1 1 ? -5.021  3.362   -0.441  1.00 9.52  ? 1   DG  A C5    1 
ATOM   13  C  C6    . DG  A 1 1 ? -5.055  1.984   -0.764  1.00 9.13  ? 1   DG  A C6    1 
ATOM   14  O  O6    . DG  A 1 1 ? -5.981  1.332   -1.253  1.00 10.43 ? 1   DG  A O6    1 
ATOM   15  N  N1    . DG  A 1 1 ? -3.866  1.349   -0.424  1.00 8.43  ? 1   DG  A N1    1 
ATOM   16  C  C2    . DG  A 1 1 ? -2.778  1.962   0.149   1.00 8.13  ? 1   DG  A C2    1 
ATOM   17  N  N2    . DG  A 1 1 ? -1.718  1.179   0.392   1.00 8.47  ? 1   DG  A N2    1 
ATOM   18  N  N3    . DG  A 1 1 ? -2.741  3.244   0.471   1.00 8.65  ? 1   DG  A N3    1 
ATOM   19  C  C4    . DG  A 1 1 ? -3.886  3.880   0.144   1.00 9.18  ? 1   DG  A C4    1 
ATOM   20  P  P     . DC  A 1 2 ? -0.399  9.105   1.549   1.00 10.63 ? 2   DC  A P     1 
ATOM   21  O  OP1   . DC  A 1 2 ? 0.496   9.629   2.605   1.00 11.50 ? 2   DC  A OP1   1 
ATOM   22  O  OP2   . DC  A 1 2 ? -0.901  10.023  0.488   1.00 11.98 ? 2   DC  A OP2   1 
ATOM   23  O  "O5'" . DC  A 1 2 ? 0.331   7.895   0.837   1.00 9.36  ? 2   DC  A "O5'" 1 
ATOM   24  C  "C5'" . DC  A 1 2 ? 1.020   6.909   1.619   1.00 8.30  ? 2   DC  A "C5'" 1 
ATOM   25  C  "C4'" . DC  A 1 2 ? 1.902   6.095   0.708   1.00 7.29  ? 2   DC  A "C4'" 1 
ATOM   26  O  "O4'" . DC  A 1 2 ? 1.082   5.203   -0.076  1.00 7.70  ? 2   DC  A "O4'" 1 
ATOM   27  C  "C3'" . DC  A 1 2 ? 2.695   6.930   -0.292  1.00 7.48  ? 2   DC  A "C3'" 1 
ATOM   28  O  "O3'" . DC  A 1 2 ? 4.017   6.420   -0.396  1.00 7.31  ? 2   DC  A "O3'" 1 
ATOM   29  C  "C2'" . DC  A 1 2 ? 1.914   6.796   -1.585  1.00 7.61  ? 2   DC  A "C2'" 1 
ATOM   30  C  "C1'" . DC  A 1 2 ? 1.270   5.428   -1.461  1.00 7.25  ? 2   DC  A "C1'" 1 
ATOM   31  N  N1    . DC  A 1 2 ? -0.040  5.248   -2.107  1.00 7.12  ? 2   DC  A N1    1 
ATOM   32  C  C2    . DC  A 1 2 ? -0.468  3.943   -2.378  1.00 6.97  ? 2   DC  A C2    1 
ATOM   33  O  O2    . DC  A 1 2 ? 0.296   2.998   -2.138  1.00 7.55  ? 2   DC  A O2    1 
ATOM   34  N  N3    . DC  A 1 2 ? -1.698  3.750   -2.909  1.00 7.01  ? 2   DC  A N3    1 
ATOM   35  C  C4    . DC  A 1 2 ? -2.509  4.792   -3.110  1.00 7.71  ? 2   DC  A C4    1 
ATOM   36  N  N4    . DC  A 1 2 ? -3.715  4.557   -3.628  1.00 8.42  ? 2   DC  A N4    1 
ATOM   37  C  C5    . DC  A 1 2 ? -2.112  6.126   -2.803  1.00 7.91  ? 2   DC  A C5    1 
ATOM   38  C  C6    . DC  A 1 2 ? -0.890  6.304   -2.288  1.00 7.76  ? 2   DC  A C6    1 
ATOM   39  P  P     . DA  A 1 3 ? 5.265   7.422   -0.385  1.00 7.08  ? 3   DA  A P     1 
ATOM   40  O  OP1   . DA  A 1 3 ? 5.103   8.382   0.741   1.00 7.92  ? 3   DA  A OP1   1 
ATOM   41  O  OP2   . DA  A 1 3 ? 5.469   7.961   -1.753  1.00 7.98  ? 3   DA  A OP2   1 
ATOM   42  O  "O5'" . DA  A 1 3 ? 6.463   6.417   -0.120  1.00 7.68  ? 3   DA  A "O5'" 1 
ATOM   43  C  "C5'" . DA  A 1 3 ? 6.554   5.729   1.141   1.00 7.88  ? 3   DA  A "C5'" 1 
ATOM   44  C  "C4'" . DA  A 1 3 ? 7.166   4.366   0.928   1.00 7.86  ? 3   DA  A "C4'" 1 
ATOM   45  O  "O4'" . DA  A 1 3 ? 6.291   3.588   0.086   1.00 7.75  ? 3   DA  A "O4'" 1 
ATOM   46  C  "C3'" . DA  A 1 3 ? 8.526   4.360   0.231   1.00 7.60  ? 3   DA  A "C3'" 1 
ATOM   47  O  "O3'" . DA  A 1 3 ? 9.254   3.261   0.781   1.00 8.38  ? 3   DA  A "O3'" 1 
ATOM   48  C  "C2'" . DA  A 1 3 ? 8.171   4.051   -1.212  1.00 7.29  ? 3   DA  A "C2'" 1 
ATOM   49  C  "C1'" . DA  A 1 3 ? 7.012   3.100   -1.028  1.00 7.37  ? 3   DA  A "C1'" 1 
ATOM   50  N  N9    . DA  A 1 3 ? 6.084   3.006   -2.146  1.00 6.88  ? 3   DA  A N9    1 
ATOM   51  C  C8    . DA  A 1 3 ? 4.914   3.696   -2.350  1.00 7.12  ? 3   DA  A C8    1 
ATOM   52  N  N7    . DA  A 1 3 ? 4.280   3.345   -3.442  1.00 6.71  ? 3   DA  A N7    1 
ATOM   53  C  C5    . DA  A 1 3 ? 5.089   2.364   -3.998  1.00 6.61  ? 3   DA  A C5    1 
ATOM   54  C  C6    . DA  A 1 3 ? 4.970   1.584   -5.160  1.00 6.62  ? 3   DA  A C6    1 
ATOM   55  N  N6    . DA  A 1 3 ? 3.940   1.668   -6.007  1.00 6.91  ? 3   DA  A N6    1 
ATOM   56  N  N1    . DA  A 1 3 ? 5.965   0.709   -5.430  1.00 7.02  ? 3   DA  A N1    1 
ATOM   57  C  C2    . DA  A 1 3 ? 6.989   0.612   -4.573  1.00 7.29  ? 3   DA  A C2    1 
ATOM   58  N  N3    . DA  A 1 3 ? 7.199   1.272   -3.437  1.00 7.33  ? 3   DA  A N3    1 
ATOM   59  C  C4    . DA  A 1 3 ? 6.208   2.152   -3.212  1.00 6.63  ? 3   DA  A C4    1 
ATOM   60  P  P     . DC  A 1 4 ? 10.737  3.419   1.319   1.00 9.45  ? 4   DC  A P     1 
ATOM   61  O  OP1   . DC  A 1 4 ? 11.520  4.163   0.318   1.00 11.06 ? 4   DC  A OP1   1 
ATOM   62  O  OP2   . DC  A 1 4 ? 11.181  2.077   1.747   1.00 10.86 ? 4   DC  A OP2   1 
ATOM   63  O  "O5'" . DC  A 1 4 ? 10.582  4.382   2.574   1.00 9.58  ? 4   DC  A "O5'" 1 
ATOM   64  C  "C5'" . DC  A 1 4 ? 10.140  3.901   3.851   1.00 9.16  ? 4   DC  A "C5'" 1 
ATOM   65  C  "C4'" . DC  A 1 4 ? 10.126  5.037   4.846   1.00 8.96  ? 4   DC  A "C4'" 1 
ATOM   66  O  "O4'" . DC  A 1 4 ? 11.445  5.624   4.959   1.00 8.69  ? 4   DC  A "O4'" 1 
ATOM   67  C  "C3'" . DC  A 1 4 ? 9.198   6.193   4.478   1.00 8.91  ? 4   DC  A "C3'" 1 
ATOM   68  O  "O3'" . DC  A 1 4 ? 8.743   6.892   5.636   1.00 9.59  ? 4   DC  A "O3'" 1 
ATOM   69  C  "C2'" . DC  A 1 4 ? 10.127  7.163   3.779   1.00 9.20  ? 4   DC  A "C2'" 1 
ATOM   70  C  "C1'" . DC  A 1 4 ? 11.390  7.000   4.609   1.00 8.82  ? 4   DC  A "C1'" 1 
ATOM   71  N  N1    . DC  A 1 4 ? 12.624  7.341   3.884   1.00 8.48  ? 4   DC  A N1    1 
ATOM   72  C  C2    . DC  A 1 4 ? 13.234  8.580   4.110   1.00 8.52  ? 4   DC  A C2    1 
ATOM   73  O  O2    . DC  A 1 4 ? 12.747  9.353   4.949   1.00 9.30  ? 4   DC  A O2    1 
ATOM   74  N  N3    . DC  A 1 4 ? 14.342  8.906   3.406   1.00 8.56  ? 4   DC  A N3    1 
ATOM   75  C  C4    . DC  A 1 4 ? 14.829  8.058   2.497   1.00 7.96  ? 4   DC  A C4    1 
ATOM   76  N  N4    . DC  A 1 4 ? 15.918  8.423   1.819   1.00 8.49  ? 4   DC  A N4    1 
ATOM   77  C  C5    . DC  A 1 4 ? 14.218  6.799   2.238   1.00 9.09  ? 4   DC  A C5    1 
ATOM   78  C  C6    . DC  A 1 4 ? 13.126  6.485   2.944   1.00 9.60  ? 4   DC  A C6    1 
ATOM   79  P  P     . DG  A 1 5 ? 7.481   6.393   6.472   1.00 10.35 ? 5   DG  A P     1 
ATOM   80  O  OP1   . DG  A 1 5 ? 7.174   7.447   7.459   1.00 11.86 ? 5   DG  A OP1   1 
ATOM   81  O  OP2   . DG  A 1 5 ? 7.712   5.000   6.921   1.00 11.38 ? 5   DG  A OP2   1 
ATOM   82  O  "O5'" . DG  A 1 5 ? 6.322   6.285   5.387   1.00 9.66  ? 5   DG  A "O5'" 1 
ATOM   83  C  "C5'" . DG  A 1 5 ? 5.770   7.441   4.745   1.00 9.73  ? 5   DG  A "C5'" 1 
ATOM   84  C  "C4'" . DG  A 1 5 ? 4.291   7.231   4.533   1.00 8.20  ? 5   DG  A "C4'" 1 
ATOM   85  O  "O4'" . DG  A 1 5 ? 4.059   6.181   3.572   1.00 8.03  ? 5   DG  A "O4'" 1 
ATOM   86  C  "C3'" . DG  A 1 5 ? 3.525   6.822   5.792   1.00 8.05  ? 5   DG  A "C3'" 1 
ATOM   87  O  "O3'" . DG  A 1 5 ? 2.283   7.523   5.783   1.00 8.44  ? 5   DG  A "O3'" 1 
ATOM   88  C  "C2'" . DG  A 1 5 ? 3.449   5.307   5.696   1.00 7.63  ? 5   DG  A "C2'" 1 
ATOM   89  C  "C1'" . DG  A 1 5 ? 3.532   5.010   4.207   1.00 7.40  ? 5   DG  A "C1'" 1 
ATOM   90  N  N9    . DG  A 1 5 ? 4.380   3.881   3.834   1.00 7.16  ? 5   DG  A N9    1 
ATOM   91  C  C8    . DG  A 1 5 ? 5.525   3.438   4.453   1.00 7.92  ? 5   DG  A C8    1 
ATOM   92  N  N7    . DG  A 1 5 ? 6.086   2.436   3.832   1.00 7.77  ? 5   DG  A N7    1 
ATOM   93  C  C5    . DG  A 1 5 ? 5.276   2.219   2.726   1.00 7.10  ? 5   DG  A C5    1 
ATOM   94  C  C6    . DG  A 1 5 ? 5.407   1.292   1.659   1.00 7.13  ? 5   DG  A C6    1 
ATOM   95  O  O6    . DG  A 1 5 ? 6.299   0.461   1.469   1.00 8.26  ? 5   DG  A O6    1 
ATOM   96  N  N1    . DG  A 1 5 ? 4.357   1.401   0.751   1.00 6.98  ? 5   DG  A N1    1 
ATOM   97  C  C2    . DG  A 1 5 ? 3.347   2.328   0.824   1.00 6.85  ? 5   DG  A C2    1 
ATOM   98  N  N2    . DG  A 1 5 ? 2.447   2.309   -0.170  1.00 7.27  ? 5   DG  A N2    1 
ATOM   99  N  N3    . DG  A 1 5 ? 3.229   3.215   1.800   1.00 7.16  ? 5   DG  A N3    1 
ATOM   100 C  C4    . DG  A 1 5 ? 4.226   3.109   2.706   1.00 7.03  ? 5   DG  A C4    1 
ATOM   101 P  P     . DC  A 1 6 ? 1.174   7.279   6.913   1.00 8.77  ? 6   DC  A P     1 
ATOM   102 O  OP1   . DC  A 1 6 ? 0.467   8.566   7.099   1.00 9.53  ? 6   DC  A OP1   1 
ATOM   103 O  OP2   . DC  A 1 6 ? 1.790   6.604   8.081   1.00 9.65  ? 6   DC  A OP2   1 
ATOM   104 O  "O5'" . DC  A 1 6 ? 0.178   6.246   6.235   1.00 8.24  ? 6   DC  A "O5'" 1 
ATOM   105 C  "C5'" . DC  A 1 6 ? -0.599  6.692   5.112   1.00 7.85  ? 6   DC  A "C5'" 1 
ATOM   106 C  "C4'" . DC  A 1 6 ? -1.125  5.513   4.332   1.00 8.08  ? 6   DC  A "C4'" 1 
ATOM   107 O  "O4'" . DC  A 1 6 ? -0.044  4.728   3.818   1.00 7.91  ? 6   DC  A "O4'" 1 
ATOM   108 C  "C3'" . DC  A 1 6 ? -1.950  4.520   5.132   1.00 8.48  ? 6   DC  A "C3'" 1 
ATOM   109 O  "O3'" . DC  A 1 6 ? -3.246  5.110   5.237   1.00 9.18  ? 6   DC  A "O3'" 1 
ATOM   110 C  "C2'" . DC  A 1 6 ? -1.868  3.274   4.272   1.00 8.52  ? 6   DC  A "C2'" 1 
ATOM   111 C  "C1'" . DC  A 1 6 ? -0.507  3.399   3.585   1.00 7.81  ? 6   DC  A "C1'" 1 
ATOM   112 N  N1    . DC  A 1 6 ? 0.543   2.499   4.069   1.00 8.01  ? 6   DC  A N1    1 
ATOM   113 C  C2    . DC  A 1 6 ? 0.982   1.443   3.259   1.00 8.01  ? 6   DC  A C2    1 
ATOM   114 O  O2    . DC  A 1 6 ? 0.406   1.223   2.181   1.00 8.47  ? 6   DC  A O2    1 
ATOM   115 N  N3    . DC  A 1 6 ? 2.035   0.696   3.664   1.00 7.92  ? 6   DC  A N3    1 
ATOM   116 C  C4    . DC  A 1 6 ? 2.610   0.937   4.845   1.00 8.21  ? 6   DC  A C4    1 
ATOM   117 N  N4    . DC  A 1 6 ? 3.641   0.176   5.205   1.00 9.08  ? 6   DC  A N4    1 
ATOM   118 C  C5    . DC  A 1 6 ? 2.175   1.995   5.691   1.00 8.57  ? 6   DC  A C5    1 
ATOM   119 C  C6    . DC  A 1 6 ? 1.146   2.740   5.272   1.00 8.25  ? 6   DC  A C6    1 
ATOM   120 P  P     . DG  A 1 7 ? -4.394  4.514   6.168   1.00 8.88  ? 7   DG  A P     1 
ATOM   121 O  OP1   . DG  A 1 7 ? -5.103  5.669   6.758   1.00 10.44 ? 7   DG  A OP1   1 
ATOM   122 O  OP2   . DG  A 1 7 ? -3.853  3.452   7.053   1.00 9.06  ? 7   DG  A OP2   1 
ATOM   123 O  "O5'" . DG  A 1 7 ? -5.375  3.819   5.133   1.00 8.96  ? 7   DG  A "O5'" 1 
ATOM   124 C  "C5'" . DG  A 1 7 ? -6.158  4.636   4.250   1.00 9.38  ? 7   DG  A "C5'" 1 
ATOM   125 C  "C4'" . DG  A 1 7 ? -6.977  3.774   3.322   1.00 9.69  ? 7   DG  A "C4'" 1 
ATOM   126 O  "O4'" . DG  A 1 7 ? -6.106  2.953   2.524   1.00 9.98  ? 7   DG  A "O4'" 1 
ATOM   127 C  "C3'" . DG  A 1 7 ? -7.909  2.787   4.018   1.00 9.19  ? 7   DG  A "C3'" 1 
ATOM   128 O  "O3'" . DG  A 1 7 ? -9.175  3.386   4.289   1.00 9.66  ? 7   DG  A "O3'" 1 
ATOM   129 C  "C2'" . DG  A 1 7 ? -8.054  1.678   2.992   1.00 9.62  ? 7   DG  A "C2'" 1 
ATOM   130 C  "C1'" . DG  A 1 7 ? -6.768  1.747   2.179   1.00 9.46  ? 7   DG  A "C1'" 1 
ATOM   131 N  N9    . DG  A 1 7 ? -5.824  0.653   2.382   1.00 8.82  ? 7   DG  A N9    1 
ATOM   132 C  C8    . DG  A 1 7 ? -4.493  0.771   2.702   1.00 8.99  ? 7   DG  A C8    1 
ATOM   133 N  N7    . DG  A 1 7 ? -3.871  -0.375  2.730   1.00 9.07  ? 7   DG  A N7    1 
ATOM   134 C  C5    . DG  A 1 7 ? -4.848  -1.306  2.404   1.00 8.72  ? 7   DG  A C5    1 
ATOM   135 C  C6    . DG  A 1 7 ? -4.767  -2.720  2.298   1.00 8.99  ? 7   DG  A C6    1 
ATOM   136 O  O6    . DG  A 1 7 ? -3.780  -3.447  2.462   1.00 10.30 ? 7   DG  A O6    1 
ATOM   137 N  N1    . DG  A 1 7 ? -5.992  -3.277  1.943   1.00 9.54  ? 7   DG  A N1    1 
ATOM   138 C  C2    . DG  A 1 7 ? -7.150  -2.567  1.732   1.00 9.63  ? 7   DG  A C2    1 
ATOM   139 N  N2    . DG  A 1 7 ? -8.235  -3.285  1.401   1.00 11.53 ? 7   DG  A N2    1 
ATOM   140 N  N3    . DG  A 1 7 ? -7.238  -1.248  1.838   1.00 9.00  ? 7   DG  A N3    1 
ATOM   141 C  C4    . DG  A 1 7 ? -6.059  -0.688  2.182   1.00 8.51  ? 7   DG  A C4    1 
ATOM   142 P  P     . DC  A 1 8 ? -9.845  3.245   5.730   1.00 10.53 ? 8   DC  A P     1 
ATOM   143 O  OP1   . DC  A 1 8 ? -11.192 3.863   5.652   1.00 12.71 ? 8   DC  A OP1   1 
ATOM   144 O  OP2   . DC  A 1 8 ? -8.893  3.719   6.755   1.00 11.69 ? 8   DC  A OP2   1 
ATOM   145 O  "O5'" . DC  A 1 8 ? -9.968  1.678   5.966   1.00 10.89 ? 8   DC  A "O5'" 1 
ATOM   146 C  "C5'" . DC  A 1 8 ? -10.941 0.866   5.293   1.00 11.14 ? 8   DC  A "C5'" 1 
ATOM   147 C  "C4'" . DC  A 1 8 ? -10.553 -0.592  5.401   1.00 10.90 ? 8   DC  A "C4'" 1 
ATOM   148 O  "O4'" . DC  A 1 8 ? -9.301  -0.814  4.714   1.00 10.13 ? 8   DC  A "O4'" 1 
ATOM   149 C  "C3'" . DC  A 1 8 ? -10.321 -1.109  6.819   1.00 10.75 ? 8   DC  A "C3'" 1 
ATOM   150 O  "O3'" . DC  A 1 8 ? -11.529 -1.575  7.429   1.00 12.85 ? 8   DC  A "O3'" 1 
ATOM   151 C  "C2'" . DC  A 1 8 ? -9.346  -2.250  6.602   1.00 10.25 ? 8   DC  A "C2'" 1 
ATOM   152 C  "C1'" . DC  A 1 8 ? -8.510  -1.765  5.431   1.00 9.62  ? 8   DC  A "C1'" 1 
ATOM   153 N  N1    . DC  A 1 8 ? -7.227  -1.116  5.767   1.00 8.29  ? 8   DC  A N1    1 
ATOM   154 C  C2    . DC  A 1 8 ? -6.038  -1.801  5.511   1.00 8.00  ? 8   DC  A C2    1 
ATOM   155 O  O2    . DC  A 1 8 ? -6.097  -2.976  5.120   1.00 8.77  ? 8   DC  A O2    1 
ATOM   156 N  N3    . DC  A 1 8 ? -4.855  -1.181  5.735   1.00 7.85  ? 8   DC  A N3    1 
ATOM   157 C  C4    . DC  A 1 8 ? -4.835  0.071   6.203   1.00 7.74  ? 8   DC  A C4    1 
ATOM   158 N  N4    . DC  A 1 8 ? -3.648  0.650   6.400   1.00 8.33  ? 8   DC  A N4    1 
ATOM   159 C  C5    . DC  A 1 8 ? -6.033  0.787   6.487   1.00 8.60  ? 8   DC  A C5    1 
ATOM   160 C  C6    . DC  A 1 8 ? -7.196  0.167   6.246   1.00 8.74  ? 8   DC  A C6    1 
ATOM   161 O  "O5'" . DG  B 1 1 ? 5.261   -8.057  -0.748  1.00 13.84 ? 1   DG  B "O5'" 1 
ATOM   162 C  "C5'" . DG  B 1 1 ? 3.958   -8.627  -0.939  1.00 10.72 ? 1   DG  B "C5'" 1 
ATOM   163 C  "C4'" . DG  B 1 1 ? 3.015   -7.666  -1.626  1.00 9.07  ? 1   DG  B "C4'" 1 
ATOM   164 O  "O4'" . DG  B 1 1 ? 2.759   -6.525  -0.785  1.00 8.84  ? 1   DG  B "O4'" 1 
ATOM   165 C  "C3'" . DG  B 1 1 ? 3.479   -7.087  -2.958  1.00 9.24  ? 1   DG  B "C3'" 1 
ATOM   166 O  "O3'" . DG  B 1 1 ? 2.298   -6.944  -3.759  1.00 8.82  ? 1   DG  B "O3'" 1 
ATOM   167 C  "C2'" . DG  B 1 1 ? 4.114   -5.765  -2.558  1.00 9.44  ? 1   DG  B "C2'" 1 
ATOM   168 C  "C1'" . DG  B 1 1 ? 3.261   -5.327  -1.383  1.00 8.63  ? 1   DG  B "C1'" 1 
ATOM   169 N  N9    . DG  B 1 1 ? 3.932   -4.571  -0.328  1.00 8.72  ? 1   DG  B N9    1 
ATOM   170 C  C8    . DG  B 1 1 ? 5.079   -4.920  0.347   1.00 9.01  ? 1   DG  B C8    1 
ATOM   171 N  N7    . DG  B 1 1 ? 5.375   -4.090  1.311   1.00 9.55  ? 1   DG  B N7    1 
ATOM   172 C  C5    . DG  B 1 1 ? 4.348   -3.156  1.289   1.00 8.39  ? 1   DG  B C5    1 
ATOM   173 C  C6    . DG  B 1 1 ? 4.104   -2.032  2.127   1.00 8.45  ? 1   DG  B C6    1 
ATOM   174 O  O6    . DG  B 1 1 ? 4.759   -1.641  3.100   1.00 9.70  ? 1   DG  B O6    1 
ATOM   175 N  N1    . DG  B 1 1 ? 2.929   -1.374  1.772   1.00 7.85  ? 1   DG  B N1    1 
ATOM   176 C  C2    . DG  B 1 1 ? 2.098   -1.744  0.741   1.00 7.57  ? 1   DG  B C2    1 
ATOM   177 N  N2    . DG  B 1 1 ? 1.020   -0.975  0.544   1.00 8.51  ? 1   DG  B N2    1 
ATOM   178 N  N3    . DG  B 1 1 ? 2.301   -2.800  -0.028  1.00 7.73  ? 1   DG  B N3    1 
ATOM   179 C  C4    . DG  B 1 1 ? 3.437   -3.454  0.298   1.00 8.15  ? 1   DG  B C4    1 
ATOM   180 P  P     . DC  B 1 2 ? 2.369   -6.371  -5.239  1.00 9.98  ? 2   DC  B P     1 
ATOM   181 O  OP1   . DC  B 1 2 ? 1.216   -6.923  -5.983  1.00 10.82 ? 2   DC  B OP1   1 
ATOM   182 O  OP2   . DC  B 1 2 ? 3.745   -6.565  -5.761  1.00 12.82 ? 2   DC  B OP2   1 
ATOM   183 O  "O5'" . DC  B 1 2 ? 2.147   -4.812  -5.037  1.00 8.98  ? 2   DC  B "O5'" 1 
ATOM   184 C  "C5'" . DC  B 1 2 ? 0.858   -4.318  -4.638  1.00 7.79  ? 2   DC  B "C5'" 1 
ATOM   185 C  "C4'" . DC  B 1 2 ? 0.787   -2.835  -4.890  1.00 6.70  ? 2   DC  B "C4'" 1 
ATOM   186 O  "O4'" . DC  B 1 2 ? 1.540   -2.151  -3.867  1.00 7.70  ? 2   DC  B "O4'" 1 
ATOM   187 C  "C3'" . DC  B 1 2 ? 1.373   -2.380  -6.229  1.00 7.01  ? 2   DC  B "C3'" 1 
ATOM   188 O  "O3'" . DC  B 1 2 ? 0.510   -1.404  -6.808  1.00 7.11  ? 2   DC  B "O3'" 1 
ATOM   189 C  "C2'" . DC  B 1 2 ? 2.724   -1.794  -5.860  1.00 7.26  ? 2   DC  B "C2'" 1 
ATOM   190 C  "C1'" . DC  B 1 2 ? 2.498   -1.283  -4.451  1.00 7.09  ? 2   DC  B "C1'" 1 
ATOM   191 N  N1    . DC  B 1 2 ? 3.656   -1.259  -3.548  1.00 6.86  ? 2   DC  B N1    1 
ATOM   192 C  C2    . DC  B 1 2 ? 3.612   -0.391  -2.449  1.00 6.74  ? 2   DC  B C2    1 
ATOM   193 O  O2    . DC  B 1 2 ? 2.656   0.394   -2.340  1.00 7.17  ? 2   DC  B O2    1 
ATOM   194 N  N3    . DC  B 1 2 ? 4.632   -0.404  -1.559  1.00 7.03  ? 2   DC  B N3    1 
ATOM   195 C  C4    . DC  B 1 2 ? 5.628   -1.284  -1.695  1.00 7.43  ? 2   DC  B C4    1 
ATOM   196 N  N4    . DC  B 1 2 ? 6.613   -1.269  -0.792  1.00 8.06  ? 2   DC  B N4    1 
ATOM   197 C  C5    . DC  B 1 2 ? 5.666   -2.216  -2.772  1.00 7.56  ? 2   DC  B C5    1 
ATOM   198 C  C6    . DC  B 1 2 ? 4.657   -2.186  -3.653  1.00 7.49  ? 2   DC  B C6    1 
ATOM   199 P  P     . DA  B 1 3 ? 0.074   -1.519  -8.343  1.00 7.01  ? 3   DA  B P     1 
ATOM   200 O  OP1   . DA  B 1 3 ? -0.296  -2.924  -8.638  1.00 7.84  ? 3   DA  B OP1   1 
ATOM   201 O  OP2   . DA  B 1 3 ? 1.103   -0.864  -9.195  1.00 7.76  ? 3   DA  B OP2   1 
ATOM   202 O  "O5'" . DA  B 1 3 ? -1.206  -0.580  -8.376  1.00 7.60  ? 3   DA  B "O5'" 1 
ATOM   203 C  "C5'" . DA  B 1 3 ? -2.423  -0.989  -7.733  1.00 7.87  ? 3   DA  B "C5'" 1 
ATOM   204 C  "C4'" . DA  B 1 3 ? -3.236  0.230   -7.376  1.00 7.43  ? 3   DA  B "C4'" 1 
ATOM   205 O  "O4'" . DA  B 1 3 ? -2.502  1.011   -6.413  1.00 7.72  ? 3   DA  B "O4'" 1 
ATOM   206 C  "C3'" . DA  B 1 3 ? -3.536  1.184   -8.533  1.00 8.07  ? 3   DA  B "C3'" 1 
ATOM   207 O  "O3'" . DA  B 1 3 ? -4.826  1.753   -8.303  1.00 8.60  ? 3   DA  B "O3'" 1 
ATOM   208 C  "C2'" . DA  B 1 3 ? -2.464  2.249   -8.399  1.00 7.50  ? 3   DA  B "C2'" 1 
ATOM   209 C  "C1'" . DA  B 1 3 ? -2.298  2.327   -6.901  1.00 7.32  ? 3   DA  B "C1'" 1 
ATOM   210 N  N9    . DA  B 1 3 ? -0.993  2.771   -6.431  1.00 6.88  ? 3   DA  B N9    1 
ATOM   211 C  C8    . DA  B 1 3 ? 0.102   2.008   -6.112  1.00 6.98  ? 3   DA  B C8    1 
ATOM   212 N  N7    . DA  B 1 3 ? 1.120   2.706   -5.675  1.00 6.71  ? 3   DA  B N7    1 
ATOM   213 C  C5    . DA  B 1 3 ? 0.664   4.015   -5.701  1.00 6.38  ? 3   DA  B C5    1 
ATOM   214 C  C6    . DA  B 1 3 ? 1.266   5.231   -5.349  1.00 6.51  ? 3   DA  B C6    1 
ATOM   215 N  N6    . DA  B 1 3 ? 2.499   5.330   -4.854  1.00 6.69  ? 3   DA  B N6    1 
ATOM   216 N  N1    . DA  B 1 3 ? 0.544   6.360   -5.515  1.00 6.91  ? 3   DA  B N1    1 
ATOM   217 C  C2    . DA  B 1 3 ? -0.708  6.261   -5.980  1.00 7.21  ? 3   DA  B C2    1 
ATOM   218 N  N3    . DA  B 1 3 ? -1.388  5.171   -6.333  1.00 7.51  ? 3   DA  B N3    1 
ATOM   219 C  C4    . DA  B 1 3 ? -0.635  4.070   -6.167  1.00 6.69  ? 3   DA  B C4    1 
ATOM   220 P  P     . DC  B 1 4 ? -5.843  1.990   -9.505  1.00 9.28  ? 4   DC  B P     1 
ATOM   221 O  OP1   . DC  B 1 4 ? -5.088  2.526   -10.656 1.00 11.61 ? 4   DC  B OP1   1 
ATOM   222 O  OP2   . DC  B 1 4 ? -6.985  2.758   -8.969  1.00 11.12 ? 4   DC  B OP2   1 
ATOM   223 O  "O5'" . DC  B 1 4 ? -6.324  0.528   -9.892  1.00 8.98  ? 4   DC  B "O5'" 1 
ATOM   224 C  "C5'" . DC  B 1 4 ? -7.304  -0.166  -9.102  1.00 9.18  ? 4   DC  B "C5'" 1 
ATOM   225 C  "C4'" . DC  B 1 4 ? -7.375  -1.605  -9.558  1.00 8.86  ? 4   DC  B "C4'" 1 
ATOM   226 O  "O4'" . DC  B 1 4 ? -7.844  -1.656  -10.923 1.00 8.73  ? 4   DC  B "O4'" 1 
ATOM   227 C  "C3'" . DC  B 1 4 ? -6.025  -2.322  -9.571  1.00 8.88  ? 4   DC  B "C3'" 1 
ATOM   228 O  "O3'" . DC  B 1 4 ? -6.219  -3.728  -9.420  1.00 9.87  ? 4   DC  B "O3'" 1 
ATOM   229 C  "C2'" . DC  B 1 4 ? -5.532  -2.108  -10.990 1.00 9.06  ? 4   DC  B "C2'" 1 
ATOM   230 C  "C1'" . DC  B 1 4 ? -6.837  -2.220  -11.760 1.00 8.70  ? 4   DC  B "C1'" 1 
ATOM   231 N  N1    . DC  B 1 4 ? -6.906  -1.521  -13.046 1.00 8.19  ? 4   DC  B N1    1 
ATOM   232 C  C2    . DC  B 1 4 ? -7.004  -2.263  -14.234 1.00 7.99  ? 4   DC  B C2    1 
ATOM   233 O  O2    . DC  B 1 4 ? -6.949  -3.501  -14.182 1.00 8.75  ? 4   DC  B O2    1 
ATOM   234 N  N3    . DC  B 1 4 ? -7.172  -1.609  -15.408 1.00 7.67  ? 4   DC  B N3    1 
ATOM   235 C  C4    . DC  B 1 4 ? -7.260  -0.276  -15.423 1.00 7.93  ? 4   DC  B C4    1 
ATOM   236 N  N4    . DC  B 1 4 ? -7.419  0.329   -16.602 1.00 9.11  ? 4   DC  B N4    1 
ATOM   237 C  C5    . DC  B 1 4 ? -7.187  0.499   -14.229 1.00 8.71  ? 4   DC  B C5    1 
ATOM   238 C  C6    . DC  B 1 4 ? -7.012  -0.158  -13.074 1.00 8.99  ? 4   DC  B C6    1 
ATOM   239 P  P     . DG  B 1 5 ? -6.272  -4.397  -7.980  1.00 10.51 ? 5   DG  B P     1 
ATOM   240 O  OP1   . DG  B 1 5 ? -6.465  -5.843  -8.199  1.00 12.19 ? 5   DG  B OP1   1 
ATOM   241 O  OP2   . DG  B 1 5 ? -7.227  -3.647  -7.124  1.00 11.33 ? 5   DG  B OP2   1 
ATOM   242 O  "O5'" . DG  B 1 5 ? -4.838  -4.080  -7.369  1.00 9.57  ? 5   DG  B "O5'" 1 
ATOM   243 C  "C5'" . DG  B 1 5 ? -3.652  -4.756  -7.803  1.00 9.25  ? 5   DG  B "C5'" 1 
ATOM   244 C  "C4'" . DG  B 1 5 ? -2.843  -5.165  -6.594  1.00 7.76  ? 5   DG  B "C4'" 1 
ATOM   245 O  "O4'" . DG  B 1 5 ? -2.441  -3.993  -5.849  1.00 7.85  ? 5   DG  B "O4'" 1 
ATOM   246 C  "C3'" . DG  B 1 5 ? -3.571  -6.076  -5.606  1.00 7.93  ? 5   DG  B "C3'" 1 
ATOM   247 O  "O3'" . DG  B 1 5 ? -2.628  -7.058  -5.169  1.00 8.40  ? 5   DG  B "O3'" 1 
ATOM   248 C  "C2'" . DG  B 1 5 ? -4.065  -5.122  -4.531  1.00 7.82  ? 5   DG  B "C2'" 1 
ATOM   249 C  "C1'" . DG  B 1 5 ? -3.110  -3.933  -4.584  1.00 7.58  ? 5   DG  B "C1'" 1 
ATOM   250 N  N9    . DG  B 1 5 ? -3.746  -2.620  -4.477  1.00 7.23  ? 5   DG  B N9    1 
ATOM   251 C  C8    . DG  B 1 5 ? -5.019  -2.266  -4.858  1.00 7.51  ? 5   DG  B C8    1 
ATOM   252 N  N7    . DG  B 1 5 ? -5.274  -1.000  -4.676  1.00 7.51  ? 5   DG  B N7    1 
ATOM   253 C  C5    . DG  B 1 5 ? -4.097  -0.482  -4.157  1.00 7.17  ? 5   DG  B C5    1 
ATOM   254 C  C6    . DG  B 1 5 ? -3.761  0.847   -3.802  1.00 7.32  ? 5   DG  B C6    1 
ATOM   255 O  O6    . DG  B 1 5 ? -4.469  1.858   -3.868  1.00 8.22  ? 5   DG  B O6    1 
ATOM   256 N  N1    . DG  B 1 5 ? -2.448  0.942   -3.345  1.00 7.30  ? 5   DG  B N1    1 
ATOM   257 C  C2    . DG  B 1 5 ? -1.562  -0.107  -3.269  1.00 6.85  ? 5   DG  B C2    1 
ATOM   258 N  N2    . DG  B 1 5 ? -0.333  0.180   -2.812  1.00 7.41  ? 5   DG  B N2    1 
ATOM   259 N  N3    . DG  B 1 5 ? -1.868  -1.353  -3.589  1.00 6.93  ? 5   DG  B N3    1 
ATOM   260 C  C4    . DG  B 1 5 ? -3.138  -1.464  -4.040  1.00 6.91  ? 5   DG  B C4    1 
ATOM   261 P  P     . DC  B 1 6 ? -2.969  -8.107  -4.007  1.00 8.45  ? 6   DC  B P     1 
ATOM   262 O  OP1   . DC  B 1 6 ? -2.223  -9.348  -4.327  1.00 9.63  ? 6   DC  B OP1   1 
ATOM   263 O  OP2   . DC  B 1 6 ? -4.432  -8.166  -3.806  1.00 9.35  ? 6   DC  B OP2   1 
ATOM   264 O  "O5'" . DC  B 1 6 ? -2.343  -7.428  -2.718  1.00 7.57  ? 6   DC  B "O5'" 1 
ATOM   265 C  "C5'" . DC  B 1 6 ? -0.922  -7.301  -2.638  1.00 7.94  ? 6   DC  B "C5'" 1 
ATOM   266 C  "C4'" . DC  B 1 6 ? -0.561  -6.301  -1.573  1.00 7.74  ? 6   DC  B "C4'" 1 
ATOM   267 O  "O4'" . DC  B 1 6 ? -1.028  -4.988  -1.917  1.00 7.70  ? 6   DC  B "O4'" 1 
ATOM   268 C  "C3'" . DC  B 1 6 ? -1.144  -6.550  -0.190  1.00 7.83  ? 6   DC  B "C3'" 1 
ATOM   269 O  "O3'" . DC  B 1 6 ? -0.370  -7.605  0.381   1.00 8.42  ? 6   DC  B "O3'" 1 
ATOM   270 C  "C2'" . DC  B 1 6 ? -0.998  -5.187  0.457   1.00 7.73  ? 6   DC  B "C2'" 1 
ATOM   271 C  "C1'" . DC  B 1 6 ? -1.184  -4.225  -0.714  1.00 7.84  ? 6   DC  B "C1'" 1 
ATOM   272 N  N1    . DC  B 1 6 ? -2.498  -3.578  -0.791  1.00 7.66  ? 6   DC  B N1    1 
ATOM   273 C  C2    . DC  B 1 6 ? -2.604  -2.206  -0.538  1.00 8.02  ? 6   DC  B C2    1 
ATOM   274 O  O2    . DC  B 1 6 ? -1.607  -1.590  -0.126  1.00 8.80  ? 6   DC  B O2    1 
ATOM   275 N  N3    . DC  B 1 6 ? -3.798  -1.594  -0.713  1.00 8.01  ? 6   DC  B N3    1 
ATOM   276 C  C4    . DC  B 1 6 ? -4.860  -2.301  -1.107  1.00 8.45  ? 6   DC  B C4    1 
ATOM   277 N  N4    . DC  B 1 6 ? -6.021  -1.660  -1.257  1.00 9.24  ? 6   DC  B N4    1 
ATOM   278 C  C5    . DC  B 1 6 ? -4.786  -3.704  -1.334  1.00 8.56  ? 6   DC  B C5    1 
ATOM   279 C  C6    . DC  B 1 6 ? -3.596  -4.295  -1.178  1.00 8.36  ? 6   DC  B C6    1 
ATOM   280 P  P     . DG  B 1 7 ? -0.578  -8.095  1.884   1.00 8.39  ? 7   DG  B P     1 
ATOM   281 O  OP1   . DG  B 1 7 ? -0.278  -9.550  1.884   1.00 9.43  ? 7   DG  B OP1   1 
ATOM   282 O  OP2   . DG  B 1 7 ? -1.894  -7.634  2.388   1.00 9.01  ? 7   DG  B OP2   1 
ATOM   283 O  "O5'" . DG  B 1 7 ? 0.551   -7.326  2.698   1.00 8.65  ? 7   DG  B "O5'" 1 
ATOM   284 C  "C5'" . DG  B 1 7 ? 1.938   -7.508  2.375   1.00 8.99  ? 7   DG  B "C5'" 1 
ATOM   285 C  "C4'" . DG  B 1 7 ? 2.792   -6.603  3.228   1.00 8.69  ? 7   DG  B "C4'" 1 
ATOM   286 O  "O4'" . DG  B 1 7 ? 2.428   -5.232  2.974   1.00 9.23  ? 7   DG  B "O4'" 1 
ATOM   287 C  "C3'" . DG  B 1 7 ? 2.595   -6.791  4.729   1.00 8.41  ? 7   DG  B "C3'" 1 
ATOM   288 O  "O3'" . DG  B 1 7 ? 3.517   -7.759  5.223   1.00 9.15  ? 7   DG  B "O3'" 1 
ATOM   289 C  "C2'" . DG  B 1 7 ? 2.884   -5.419  5.303   1.00 8.60  ? 7   DG  B "C2'" 1 
ATOM   290 C  "C1'" . DG  B 1 7 ? 2.689   -4.457  4.134   1.00 8.46  ? 7   DG  B "C1'" 1 
ATOM   291 N  N9    . DG  B 1 7 ? 1.610   -3.486  4.276   1.00 8.07  ? 7   DG  B N9    1 
ATOM   292 C  C8    . DG  B 1 7 ? 0.626   -3.209  3.358   1.00 8.33  ? 7   DG  B C8    1 
ATOM   293 N  N7    . DG  B 1 7 ? -0.163  -2.238  3.730   1.00 8.25  ? 7   DG  B N7    1 
ATOM   294 C  C5    . DG  B 1 7 ? 0.330   -1.850  4.967   1.00 8.24  ? 7   DG  B C5    1 
ATOM   295 C  C6    . DG  B 1 7 ? -0.119  -0.842  5.854   1.00 8.76  ? 7   DG  B C6    1 
ATOM   296 O  O6    . DG  B 1 7 ? -1.076  -0.074  5.718   1.00 10.06 ? 7   DG  B O6    1 
ATOM   297 N  N1    . DG  B 1 7 ? 0.667   -0.782  7.001   1.00 8.91  ? 7   DG  B N1    1 
ATOM   298 C  C2    . DG  B 1 7 ? 1.735   -1.607  7.268   1.00 8.95  ? 7   DG  B C2    1 
ATOM   299 N  N2    . DG  B 1 7 ? 2.376   -1.395  8.423   1.00 10.42 ? 7   DG  B N2    1 
ATOM   300 N  N3    . DG  B 1 7 ? 2.176   -2.536  6.437   1.00 8.43  ? 7   DG  B N3    1 
ATOM   301 C  C4    . DG  B 1 7 ? 1.424   -2.611  5.319   1.00 7.93  ? 7   DG  B C4    1 
ATOM   302 P  P     . DC  B 1 8 ? 3.085   -8.845  6.317   1.00 9.16  ? 8   DC  B P     1 
ATOM   303 O  OP1   . DC  B 1 8 ? 4.339   -9.434  6.822   1.00 11.09 ? 8   DC  B OP1   1 
ATOM   304 O  OP2   . DC  B 1 8 ? 2.054   -9.734  5.765   1.00 9.52  ? 8   DC  B OP2   1 
ATOM   305 O  "O5'" . DC  B 1 8 ? 2.387   -7.996  7.469   1.00 9.69  ? 8   DC  B "O5'" 1 
ATOM   306 C  "C5'" . DC  B 1 8 ? 3.142   -7.341  8.503   1.00 10.11 ? 8   DC  B "C5'" 1 
ATOM   307 C  "C4'" . DC  B 1 8 ? 2.249   -6.385  9.259   1.00 10.05 ? 8   DC  B "C4'" 1 
ATOM   308 O  "O4'" . DC  B 1 8 ? 1.798   -5.340  8.371   1.00 9.65  ? 8   DC  B "O4'" 1 
ATOM   309 C  "C3'" . DC  B 1 8 ? 0.974   -6.994  9.841   1.00 10.04 ? 8   DC  B "C3'" 1 
ATOM   310 O  "O3'" . DC  B 1 8 ? 1.184   -7.474  11.173  1.00 11.17 ? 8   DC  B "O3'" 1 
ATOM   311 C  "C2'" . DC  B 1 8 ? 0.002   -5.827  9.843   1.00 9.50  ? 8   DC  B "C2'" 1 
ATOM   312 C  "C1'" . DC  B 1 8 ? 0.452   -4.969  8.674   1.00 9.20  ? 8   DC  B "C1'" 1 
ATOM   313 N  N1    . DC  B 1 8 ? -0.336  -5.116  7.440   1.00 7.87  ? 8   DC  B N1    1 
ATOM   314 C  C2    . DC  B 1 8 ? -1.166  -4.069  7.033   1.00 7.76  ? 8   DC  B C2    1 
ATOM   315 O  O2    . DC  B 1 8 ? -1.273  -3.071  7.759   1.00 8.47  ? 8   DC  B O2    1 
ATOM   316 N  N3    . DC  B 1 8 ? -1.854  -4.183  5.872   1.00 7.06  ? 8   DC  B N3    1 
ATOM   317 C  C4    . DC  B 1 8 ? -1.740  -5.292  5.133   1.00 7.59  ? 8   DC  B C4    1 
ATOM   318 N  N4    . DC  B 1 8 ? -2.435  -5.362  3.994   1.00 7.56  ? 8   DC  B N4    1 
ATOM   319 C  C5    . DC  B 1 8 ? -0.922  -6.385  5.541   1.00 7.70  ? 8   DC  B C5    1 
ATOM   320 C  C6    . DC  B 1 8 ? -0.247  -6.257  6.691   1.00 7.50  ? 8   DC  B C6    1 
HETATM 321 AG AG    . AG  C 2 . ? -1.893  -1.206  3.016   0.90 9.04  ? 101 AG  A AG    1 
HETATM 322 AG AG    . AG  D 2 . ? -3.219  -2.560  5.556   0.95 7.78  ? 102 AG  A AG    1 
HETATM 323 AG AG    . AG  E 2 . ? 14.914  10.853  4.112   0.89 7.36  ? 103 AG  A AG    1 
HETATM 324 N  N1    . SPM F 3 . ? 6.718   -16.622 -2.074  0.60 20.81 ? 101 SPM B N1    1 
HETATM 325 C  C2    . SPM F 3 . ? 6.219   -15.248 -1.939  0.60 20.52 ? 101 SPM B C2    1 
HETATM 326 C  C3    . SPM F 3 . ? 5.055   -15.019 -2.902  0.60 20.20 ? 101 SPM B C3    1 
HETATM 327 C  C4    . SPM F 3 . ? 4.480   -13.619 -2.674  0.60 20.10 ? 101 SPM B C4    1 
HETATM 328 N  N5    . SPM F 3 . ? 3.400   -13.388 -3.642  0.60 19.72 ? 101 SPM B N5    1 
HETATM 329 C  C6    . SPM F 3 . ? 2.993   -11.971 -3.610  0.60 19.84 ? 101 SPM B C6    1 
HETATM 330 C  C7    . SPM F 3 . ? 1.682   -11.879 -4.394  0.60 20.01 ? 101 SPM B C7    1 
HETATM 331 C  C8    . SPM F 3 . ? 1.276   -10.433 -4.707  1.00 19.32 ? 101 SPM B C8    1 
HETATM 332 C  C9    . SPM F 3 . ? 0.585   -10.502 -6.064  1.00 19.39 ? 101 SPM B C9    1 
HETATM 333 N  N10   . SPM F 3 . ? -0.117  -9.267  -6.413  1.00 19.39 ? 101 SPM B N10   1 
HETATM 334 C  C11   . SPM F 3 . ? -0.487  -9.427  -7.838  1.00 20.30 ? 101 SPM B C11   1 
HETATM 335 C  C12   . SPM F 3 . ? -1.802  -8.741  -8.191  1.00 20.67 ? 101 SPM B C12   1 
HETATM 336 C  C13   . SPM F 3 . ? -3.035  -9.545  -7.767  1.00 19.04 ? 101 SPM B C13   1 
HETATM 337 N  N14   . SPM F 3 . ? -3.150  -10.848 -8.439  1.00 18.17 ? 101 SPM B N14   1 
HETATM 338 O  O     . HOH G 4 . ? -7.589  5.921   7.746   1.00 19.21 ? 201 HOH A O     1 
HETATM 339 O  O     . HOH G 4 . ? -7.754  2.527   8.908   1.00 13.10 ? 202 HOH A O     1 
HETATM 340 O  O     . HOH G 4 . ? 5.770   3.610   8.212   1.00 16.09 ? 203 HOH A O     1 
HETATM 341 O  O     . HOH G 4 . ? -12.641 0.474   8.822   1.00 15.47 ? 204 HOH A O     1 
HETATM 342 O  O     . HOH G 4 . ? 8.265   9.964   7.264   1.00 31.21 ? 205 HOH A O     1 
HETATM 343 O  O     . HOH G 4 . ? 6.037   -1.391  -7.215  1.00 10.38 ? 206 HOH A O     1 
HETATM 344 O  O     . HOH G 4 . ? -1.712  3.417   8.804   1.00 15.09 ? 207 HOH A O     1 
HETATM 345 O  O     . HOH G 4 . ? 11.803  6.858   -0.257  1.00 16.77 ? 208 HOH A O     1 
HETATM 346 O  O     . HOH G 4 . ? -8.335  6.966   2.180   1.00 25.05 ? 209 HOH A O     1 
HETATM 347 O  O     . HOH G 4 . ? 4.227   7.567   -4.213  0.59 7.27  ? 210 HOH A O     1 
HETATM 348 O  O     . HOH G 4 . ? 10.257  10.462  5.516   1.00 22.39 ? 211 HOH A O     1 
HETATM 349 O  O     . HOH G 4 . ? -4.209  8.285   6.410   1.00 21.07 ? 212 HOH A O     1 
HETATM 350 O  O     . HOH G 4 . ? 7.945   0.763   5.087   1.00 18.16 ? 213 HOH A O     1 
HETATM 351 O  O     . HOH G 4 . ? -1.956  9.525   -2.068  1.00 20.14 ? 214 HOH A O     1 
HETATM 352 O  O     . HOH G 4 . ? 0.882   7.289   10.650  1.00 19.68 ? 215 HOH A O     1 
HETATM 353 O  O     . HOH G 4 . ? 7.572   8.933   1.967   1.00 15.75 ? 216 HOH A O     1 
HETATM 354 O  O     . HOH G 4 . ? 4.144   5.616   9.269   1.00 28.59 ? 217 HOH A O     1 
HETATM 355 O  O     . HOH G 4 . ? 14.299  3.806   0.018   1.00 17.42 ? 218 HOH A O     1 
HETATM 356 O  O     . HOH G 4 . ? 1.041   3.907   8.435   1.00 13.91 ? 219 HOH A O     1 
HETATM 357 O  O     . HOH G 4 . ? -2.038  8.510   8.396   1.00 18.46 ? 220 HOH A O     1 
HETATM 358 O  O     . HOH G 4 . ? 3.373   9.927   2.391   1.00 15.18 ? 221 HOH A O     1 
HETATM 359 O  O     . HOH G 4 . ? -9.363  -0.139  0.264   1.00 17.26 ? 222 HOH A O     1 
HETATM 360 O  O     . HOH G 4 . ? 9.617   0.531   -2.083  1.00 19.39 ? 223 HOH A O     1 
HETATM 361 O  O     . HOH G 4 . ? -5.336  3.512   9.528   1.00 13.59 ? 224 HOH A O     1 
HETATM 362 O  O     . HOH G 4 . ? 11.427  2.829   -2.296  1.00 21.08 ? 225 HOH A O     1 
HETATM 363 O  O     . HOH G 4 . ? 4.919   1.088   7.695   1.00 17.40 ? 226 HOH A O     1 
HETATM 364 O  O     . HOH G 4 . ? -5.498  6.916   -3.649  1.00 19.25 ? 227 HOH A O     1 
HETATM 365 O  O     . HOH G 4 . ? -9.118  1.847   -1.817  1.00 31.75 ? 228 HOH A O     1 
HETATM 366 O  O     . HOH G 4 . ? 11.793  9.247   1.284   1.00 19.11 ? 229 HOH A O     1 
HETATM 367 O  O     . HOH G 4 . ? -7.889  -5.826  -0.724  1.00 21.37 ? 230 HOH A O     1 
HETATM 368 O  O     . HOH G 4 . ? -10.162 -2.075  -1.692  1.00 24.22 ? 231 HOH A O     1 
HETATM 369 O  O     . HOH G 4 . ? -3.391  10.643  4.985   1.00 22.26 ? 232 HOH A O     1 
HETATM 370 O  O     . HOH G 4 . ? 9.778   7.876   -1.700  1.00 21.08 ? 233 HOH A O     1 
HETATM 371 O  O     . HOH G 4 . ? -8.191  5.310   10.662  1.00 23.61 ? 234 HOH A O     1 
HETATM 372 O  O     . HOH G 4 . ? -1.980  6.172   10.286  1.00 26.02 ? 235 HOH A O     1 
HETATM 373 O  O     . HOH G 4 . ? -4.930  8.021   -6.124  1.00 26.96 ? 236 HOH A O     1 
HETATM 374 O  O     . HOH G 4 . ? 4.774   12.272  2.924   1.00 24.16 ? 237 HOH A O     1 
HETATM 375 O  O     . HOH G 4 . ? 7.017   2.644   10.691  1.00 27.40 ? 238 HOH A O     1 
HETATM 376 O  O     . HOH G 4 . ? -4.565  9.150   -2.583  1.00 28.34 ? 239 HOH A O     1 
HETATM 377 O  O     . HOH G 4 . ? -5.173  11.468  -4.238  1.00 24.05 ? 240 HOH A O     1 
HETATM 378 O  O     . HOH H 4 . ? 1.449   -10.933 3.449   1.00 11.55 ? 201 HOH B O     1 
HETATM 379 O  O     . HOH H 4 . ? 5.333   -10.717 8.991   1.00 17.18 ? 202 HOH B O     1 
HETATM 380 O  O     . HOH H 4 . ? -4.312  -7.881  1.172   1.00 13.70 ? 203 HOH B O     1 
HETATM 381 O  O     . HOH H 4 . ? -8.057  -4.819  -4.811  1.00 15.02 ? 204 HOH B O     1 
HETATM 382 O  O     . HOH H 4 . ? 1.233   -6.045  13.520  1.00 26.99 ? 205 HOH B O     1 
HETATM 383 O  O     . HOH H 4 . ? -7.190  -8.292  -7.163  1.00 19.88 ? 206 HOH B O     1 
HETATM 384 O  O     . HOH H 4 . ? -2.098  -3.077  -10.736 1.00 14.56 ? 207 HOH B O     1 
HETATM 385 O  O     . HOH H 4 . ? 0.957   8.839   -4.343  1.00 9.28  ? 208 HOH B O     1 
HETATM 386 O  O     . HOH H 4 . ? -1.769  -11.197 -2.297  1.00 15.94 ? 209 HOH B O     1 
HETATM 387 O  O     . HOH H 4 . ? 0.326   -5.618  -8.320  1.00 12.19 ? 210 HOH B O     1 
HETATM 388 O  O     . HOH H 4 . ? -9.214  3.736   -10.343 1.00 17.56 ? 211 HOH B O     1 
HETATM 389 O  O     . HOH H 4 . ? -7.645  0.266   -5.462  1.00 17.16 ? 212 HOH B O     1 
HETATM 390 O  O     . HOH H 4 . ? 2.208   -12.234 7.036   1.00 12.82 ? 213 HOH B O     1 
HETATM 391 O  O     . HOH H 4 . ? -7.065  -7.447  -4.487  1.00 15.70 ? 214 HOH B O     1 
HETATM 392 O  O     . HOH H 4 . ? 5.803   -8.217  2.019   1.00 21.89 ? 215 HOH B O     1 
HETATM 393 O  O     . HOH H 4 . ? -5.691  -10.698 -3.596  1.00 17.27 ? 216 HOH B O     1 
HETATM 394 O  O     . HOH H 4 . ? -3.950  5.578   -7.495  1.00 17.63 ? 217 HOH B O     1 
HETATM 395 O  O     . HOH H 4 . ? 4.937   -3.106  6.813   1.00 17.01 ? 218 HOH B O     1 
HETATM 396 O  O     . HOH H 4 . ? 3.533   0.518   -8.624  0.61 7.71  ? 219 HOH B O     1 
HETATM 397 O  O     . HOH H 4 . ? -6.325  -6.019  -15.381 1.00 18.81 ? 220 HOH B O     1 
HETATM 398 O  O     . HOH H 4 . ? -5.392  -7.123  -1.316  1.00 13.87 ? 221 HOH B O     1 
HETATM 399 O  O     . HOH H 4 . ? 6.577   -7.677  6.476   1.00 20.65 ? 222 HOH B O     1 
HETATM 400 O  O     . HOH H 4 . ? -0.769  0.665   9.023   1.00 16.61 ? 223 HOH B O     1 
HETATM 401 O  O     . HOH H 4 . ? 5.758   -11.204 5.045   1.00 20.01 ? 224 HOH B O     1 
HETATM 402 O  O     . HOH H 4 . ? -6.772  3.643   -12.716 1.00 21.27 ? 225 HOH B O     1 
HETATM 403 O  O     . HOH H 4 . ? -3.852  0.844   -12.653 1.00 23.39 ? 226 HOH B O     1 
HETATM 404 O  O     . HOH H 4 . ? 0.539   -10.535 -0.722  1.00 17.29 ? 227 HOH B O     1 
HETATM 405 O  O     . HOH H 4 . ? -7.357  2.370   -3.663  1.00 22.78 ? 228 HOH B O     1 
HETATM 406 O  O     . HOH H 4 . ? 8.543   -3.495  -1.129  1.00 18.62 ? 229 HOH B O     1 
HETATM 407 O  O     . HOH H 4 . ? -8.053  -3.508  -2.389  1.00 15.10 ? 230 HOH B O     1 
HETATM 408 O  O     . HOH H 4 . ? -8.707  3.011   -16.949 1.00 13.08 ? 231 HOH B O     1 
HETATM 409 O  O     . HOH H 4 . ? 6.214   -4.973  -4.988  1.00 20.42 ? 232 HOH B O     1 
HETATM 410 O  O     . HOH H 4 . ? 3.786   -3.257  10.379  1.00 30.13 ? 233 HOH B O     1 
HETATM 411 O  O     . HOH H 4 . ? -9.328  2.268   -6.913  1.00 25.82 ? 234 HOH B O     1 
HETATM 412 O  O     . HOH H 4 . ? -6.671  3.602   -5.638  1.00 43.95 ? 235 HOH B O     1 
HETATM 413 O  O     . HOH H 4 . ? -0.927  -2.542  11.090  1.00 29.86 ? 236 HOH B O     1 
HETATM 414 O  O     . HOH H 4 . ? 4.251   -10.640 2.630   1.00 19.29 ? 237 HOH B O     1 
HETATM 415 O  O     . HOH H 4 . ? 4.450   -13.519 5.947   1.00 23.41 ? 238 HOH B O     1 
HETATM 416 O  O     . HOH H 4 . ? -4.025  2.471   -15.211 1.00 28.68 ? 239 HOH B O     1 
HETATM 417 O  O     . HOH H 4 . ? -1.149  1.574   -12.399 1.00 33.85 ? 240 HOH B O     1 
HETATM 418 O  O     . HOH H 4 . ? 6.233   -5.239  8.008   1.00 24.50 ? 241 HOH B O     1 
HETATM 419 O  O     . HOH H 4 . ? -0.019  -6.866  -10.705 1.00 20.54 ? 242 HOH B O     1 
HETATM 420 O  O     . HOH H 4 . ? 4.829   -12.434 0.575   1.00 26.99 ? 243 HOH B O     1 
# 
loop_
_atom_site_anisotrop.id 
_atom_site_anisotrop.type_symbol 
_atom_site_anisotrop.pdbx_label_atom_id 
_atom_site_anisotrop.pdbx_label_alt_id 
_atom_site_anisotrop.pdbx_label_comp_id 
_atom_site_anisotrop.pdbx_label_asym_id 
_atom_site_anisotrop.pdbx_label_seq_id 
_atom_site_anisotrop.pdbx_PDB_ins_code 
_atom_site_anisotrop.U[1][1] 
_atom_site_anisotrop.U[2][2] 
_atom_site_anisotrop.U[3][3] 
_atom_site_anisotrop.U[1][2] 
_atom_site_anisotrop.U[1][3] 
_atom_site_anisotrop.U[2][3] 
_atom_site_anisotrop.pdbx_auth_seq_id 
_atom_site_anisotrop.pdbx_auth_comp_id 
_atom_site_anisotrop.pdbx_auth_asym_id 
_atom_site_anisotrop.pdbx_auth_atom_id 
1   O  "O5'" . DG  A 1 ? 0.2123 0.1802 0.1874 0.0336  0.0128  -0.0012 1   DG  A "O5'" 
2   C  "C5'" . DG  A 1 ? 0.1670 0.1378 0.1883 0.0216  0.0196  0.0033  1   DG  A "C5'" 
3   C  "C4'" . DG  A 1 ? 0.1662 0.0915 0.1342 0.0121  0.0213  -0.0046 1   DG  A "C4'" 
4   O  "O4'" . DG  A 1 ? 0.1676 0.0904 0.1248 0.0164  0.0173  -0.0037 1   DG  A "O4'" 
5   C  "C3'" . DG  A 1 ? 0.1708 0.0963 0.1336 0.0096  0.0180  0.0017  1   DG  A "C3'" 
6   O  "O3'" . DG  A 1 ? 0.1662 0.0925 0.1352 0.0190  0.0261  0.0043  1   DG  A "O3'" 
7   C  "C2'" . DG  A 1 ? 0.1592 0.1089 0.1300 0.0161  0.0139  -0.0007 1   DG  A "C2'" 
8   C  "C1'" . DG  A 1 ? 0.1540 0.0997 0.1232 0.0260  0.0093  -0.0087 1   DG  A "C1'" 
9   N  N9    . DG  A 1 ? 0.1568 0.1042 0.1179 0.0339  -0.0022 -0.0102 1   DG  A N9    
10  C  C8    . DG  A 1 ? 0.1749 0.0689 0.1366 0.0758  -0.0224 -0.0103 1   DG  A C8    
11  N  N7    . DG  A 1 ? 0.1607 0.1181 0.1218 0.0425  -0.0094 -0.0161 1   DG  A N7    
12  C  C5    . DG  A 1 ? 0.1433 0.1175 0.1006 0.0327  -0.0055 -0.0070 1   DG  A C5    
13  C  C6    . DG  A 1 ? 0.1367 0.1209 0.0892 0.0209  -0.0023 -0.0117 1   DG  A C6    
14  O  O6    . DG  A 1 ? 0.1380 0.1429 0.1151 0.0192  -0.0124 -0.0241 1   DG  A O6    
15  N  N1    . DG  A 1 ? 0.1287 0.1116 0.0797 0.0168  0.0024  -0.0187 1   DG  A N1    
16  C  C2    . DG  A 1 ? 0.1307 0.0994 0.0785 0.0192  0.0022  -0.0225 1   DG  A C2    
17  N  N2    . DG  A 1 ? 0.1232 0.1032 0.0954 0.0116  -0.0116 -0.0240 1   DG  A N2    
18  N  N3    . DG  A 1 ? 0.1438 0.0963 0.0883 0.0194  -0.0001 -0.0148 1   DG  A N3    
19  C  C4    . DG  A 1 ? 0.1484 0.1031 0.0971 0.0269  -0.0004 -0.0108 1   DG  A C4    
20  P  P     . DC  A 2 ? 0.1701 0.0932 0.1403 0.0072  0.0231  -0.0007 2   DC  A P     
21  O  OP1   . DC  A 2 ? 0.1803 0.0979 0.1587 -0.0019 0.0179  -0.0123 2   DC  A OP1   
22  O  OP2   . DC  A 2 ? 0.1845 0.1022 0.1685 0.0012  0.0145  0.0195  2   DC  A OP2   
23  O  "O5'" . DC  A 2 ? 0.1457 0.1052 0.1048 0.0109  0.0099  0.0013  2   DC  A "O5'" 
24  C  "C5'" . DC  A 2 ? 0.1299 0.0924 0.0930 -0.0009 0.0078  -0.0058 2   DC  A "C5'" 
25  C  "C4'" . DC  A 2 ? 0.1125 0.0866 0.0776 -0.0123 -0.0067 -0.0154 2   DC  A "C4'" 
26  O  "O4'" . DC  A 2 ? 0.1185 0.0997 0.0742 -0.0213 -0.0105 -0.0121 2   DC  A "O4'" 
27  C  "C3'" . DC  A 2 ? 0.1153 0.0924 0.0765 -0.0127 -0.0039 -0.0143 2   DC  A "C3'" 
28  O  "O3'" . DC  A 2 ? 0.1213 0.0673 0.0890 -0.0107 -0.0098 -0.0199 2   DC  A "O3'" 
29  C  "C2'" . DC  A 2 ? 0.1126 0.0974 0.0792 -0.0132 -0.0056 -0.0032 2   DC  A "C2'" 
30  C  "C1'" . DC  A 2 ? 0.1040 0.0962 0.0753 -0.0126 -0.0009 -0.0116 2   DC  A "C1'" 
31  N  N1    . DC  A 2 ? 0.1051 0.0923 0.0729 -0.0074 -0.0027 -0.0121 2   DC  A N1    
32  C  C2    . DC  A 2 ? 0.1025 0.0945 0.0676 -0.0056 -0.0064 -0.0186 2   DC  A C2    
33  O  O2    . DC  A 2 ? 0.1018 0.0938 0.0912 -0.0055 -0.0183 -0.0287 2   DC  A O2    
34  N  N3    . DC  A 2 ? 0.1026 0.0947 0.0689 -0.0062 -0.0077 -0.0180 2   DC  A N3    
35  C  C4    . DC  A 2 ? 0.1050 0.1000 0.0879 -0.0019 -0.0053 -0.0117 2   DC  A C4    
36  N  N4    . DC  A 2 ? 0.1083 0.1070 0.1046 0.0023  -0.0139 -0.0140 2   DC  A N4    
37  C  C5    . DC  A 2 ? 0.1088 0.0975 0.0942 -0.0024 -0.0033 -0.0062 2   DC  A C5    
38  C  C6    . DC  A 2 ? 0.1088 0.0948 0.0911 -0.0063 -0.0032 -0.0050 2   DC  A C6    
39  P  P     . DA  A 3 ? 0.1167 0.0712 0.0809 -0.0116 -0.0082 -0.0129 3   DA  A P     
40  O  OP1   . DA  A 3 ? 0.1342 0.0753 0.0915 -0.0180 -0.0127 -0.0219 3   DA  A OP1   
41  O  OP2   . DA  A 3 ? 0.1271 0.0932 0.0828 -0.0075 -0.0114 -0.0060 3   DA  A OP2   
42  O  "O5'" . DA  A 3 ? 0.1153 0.0941 0.0823 -0.0071 -0.0030 -0.0050 3   DA  A "O5'" 
43  C  "C5'" . DA  A 3 ? 0.1171 0.1018 0.0805 -0.0054 -0.0055 -0.0052 3   DA  A "C5'" 
44  C  "C4'" . DA  A 3 ? 0.1132 0.0946 0.0906 -0.0132 -0.0188 -0.0090 3   DA  A "C4'" 
45  O  "O4'" . DA  A 3 ? 0.1146 0.0917 0.0879 -0.0189 -0.0172 -0.0044 3   DA  A "O4'" 
46  C  "C3'" . DA  A 3 ? 0.1115 0.0809 0.0962 -0.0101 -0.0182 -0.0117 3   DA  A "C3'" 
47  O  "O3'" . DA  A 3 ? 0.1276 0.0781 0.1125 -0.0061 -0.0359 -0.0210 3   DA  A "O3'" 
48  C  "C2'" . DA  A 3 ? 0.1045 0.0791 0.0931 -0.0104 -0.0134 -0.0086 3   DA  A "C2'" 
49  C  "C1'" . DA  A 3 ? 0.1080 0.0841 0.0876 -0.0158 -0.0213 -0.0037 3   DA  A "C1'" 
50  N  N9    . DA  A 3 ? 0.1073 0.0760 0.0781 -0.0142 -0.0153 -0.0073 3   DA  A N9    
51  C  C8    . DA  A 3 ? 0.1092 0.0850 0.0763 -0.0112 -0.0185 -0.0054 3   DA  A C8    
52  N  N7    . DA  A 3 ? 0.1079 0.0687 0.0782 -0.0153 -0.0145 -0.0105 3   DA  A N7    
53  C  C5    . DA  A 3 ? 0.1092 0.0623 0.0796 -0.0154 -0.0146 -0.0059 3   DA  A C5    
54  C  C6    . DA  A 3 ? 0.1145 0.0585 0.0784 -0.0132 -0.0105 -0.0039 3   DA  A C6    
55  N  N6    . DA  A 3 ? 0.1127 0.0624 0.0874 -0.0087 -0.0127 -0.0074 3   DA  A N6    
56  N  N1    . DA  A 3 ? 0.1125 0.0676 0.0863 -0.0116 -0.0083 -0.0081 3   DA  A N1    
57  C  C2    . DA  A 3 ? 0.1112 0.0761 0.0894 -0.0031 -0.0074 -0.0087 3   DA  A C2    
58  N  N3    . DA  A 3 ? 0.1126 0.0743 0.0916 -0.0090 -0.0145 -0.0081 3   DA  A N3    
59  C  C4    . DA  A 3 ? 0.1039 0.0673 0.0804 -0.0180 -0.0120 -0.0057 3   DA  A C4    
60  P  P     . DC  A 4 ? 0.1288 0.1007 0.1295 -0.0045 -0.0402 -0.0186 4   DC  A P     
61  O  OP1   . DC  A 4 ? 0.1295 0.1295 0.1610 -0.0080 -0.0249 -0.0063 4   DC  A OP1   
62  O  OP2   . DC  A 4 ? 0.1532 0.1093 0.1502 0.0165  -0.0330 -0.0173 4   DC  A OP2   
63  O  "O5'" . DC  A 4 ? 0.1493 0.0908 0.1238 -0.0207 -0.0375 -0.0120 4   DC  A "O5'" 
64  C  "C5'" . DC  A 4 ? 0.1313 0.0885 0.1280 -0.0170 -0.0284 -0.0133 4   DC  A "C5'" 
65  C  "C4'" . DC  A 4 ? 0.1241 0.0947 0.1213 -0.0180 -0.0287 -0.0138 4   DC  A "C4'" 
66  O  "O4'" . DC  A 4 ? 0.1265 0.0876 0.1160 -0.0165 -0.0415 -0.0205 4   DC  A "O4'" 
67  C  "C3'" . DC  A 4 ? 0.1191 0.0974 0.1218 -0.0196 -0.0440 -0.0219 4   DC  A "C3'" 
68  O  "O3'" . DC  A 4 ? 0.1287 0.0951 0.1406 -0.0179 -0.0233 -0.0217 4   DC  A "O3'" 
69  C  "C2'" . DC  A 4 ? 0.1231 0.1017 0.1248 -0.0127 -0.0325 -0.0151 4   DC  A "C2'" 
70  C  "C1'" . DC  A 4 ? 0.1188 0.0914 0.1248 -0.0170 -0.0295 -0.0138 4   DC  A "C1'" 
71  N  N1    . DC  A 4 ? 0.1212 0.0826 0.1181 -0.0170 -0.0268 -0.0264 4   DC  A N1    
72  C  C2    . DC  A 4 ? 0.1313 0.0740 0.1182 -0.0097 -0.0252 -0.0289 4   DC  A C2    
73  O  O2    . DC  A 4 ? 0.1236 0.0942 0.1352 -0.0046 -0.0313 -0.0453 4   DC  A O2    
74  N  N3    . DC  A 4 ? 0.1251 0.0816 0.1186 -0.0050 -0.0239 -0.0273 4   DC  A N3    
75  C  C4    . DC  A 4 ? 0.1007 0.0885 0.1128 -0.0044 -0.0198 -0.0217 4   DC  A C4    
76  N  N4    . DC  A 4 ? 0.1126 0.0928 0.1171 -0.0060 -0.0104 -0.0145 4   DC  A N4    
77  C  C5    . DC  A 4 ? 0.1435 0.0798 0.1219 -0.0042 -0.0178 -0.0243 4   DC  A C5    
78  C  C6    . DC  A 4 ? 0.1401 0.1041 0.1201 -0.0064 -0.0195 -0.0313 4   DC  A C6    
79  P  P     . DG  A 5 ? 0.1341 0.1006 0.1582 -0.0196 -0.0172 -0.0234 5   DG  A P     
80  O  OP1   . DG  A 5 ? 0.1685 0.1113 0.1706 -0.0128 -0.0184 -0.0353 5   DG  A OP1   
81  O  OP2   . DG  A 5 ? 0.1519 0.1134 0.1668 -0.0190 -0.0193 -0.0057 5   DG  A OP2   
82  O  "O5'" . DG  A 5 ? 0.1214 0.0899 0.1554 -0.0177 -0.0112 -0.0194 5   DG  A "O5'" 
83  C  "C5'" . DG  A 5 ? 0.1271 0.1015 0.1410 -0.0129 -0.0007 -0.0080 5   DG  A "C5'" 
84  C  "C4'" . DG  A 5 ? 0.1250 0.0811 0.1054 -0.0071 0.0007  -0.0180 5   DG  A "C4'" 
85  O  "O4'" . DG  A 5 ? 0.1274 0.0830 0.0945 -0.0182 0.0031  -0.0124 5   DG  A "O4'" 
86  C  "C3'" . DG  A 5 ? 0.1209 0.0858 0.0992 -0.0153 -0.0050 -0.0182 5   DG  A "C3'" 
87  O  "O3'" . DG  A 5 ? 0.1306 0.0901 0.0999 -0.0099 0.0011  -0.0099 5   DG  A "O3'" 
88  C  "C2'" . DG  A 5 ? 0.1167 0.0852 0.0879 -0.0142 -0.0061 -0.0160 5   DG  A "C2'" 
89  C  "C1'" . DG  A 5 ? 0.1170 0.0761 0.0880 -0.0167 -0.0085 -0.0175 5   DG  A "C1'" 
90  N  N9    . DG  A 5 ? 0.1167 0.0751 0.0803 -0.0172 -0.0109 -0.0147 5   DG  A N9    
91  C  C8    . DG  A 5 ? 0.1231 0.0847 0.0929 -0.0133 -0.0138 -0.0066 5   DG  A C8    
92  N  N7    . DG  A 5 ? 0.1242 0.0815 0.0894 -0.0151 -0.0228 -0.0102 5   DG  A N7    
93  C  C5    . DG  A 5 ? 0.1207 0.0698 0.0792 -0.0215 -0.0145 -0.0097 5   DG  A C5    
94  C  C6    . DG  A 5 ? 0.1262 0.0642 0.0803 -0.0148 -0.0171 -0.0068 5   DG  A C6    
95  O  O6    . DG  A 5 ? 0.1423 0.0714 0.1000 -0.0016 -0.0293 -0.0145 5   DG  A O6    
96  N  N1    . DG  A 5 ? 0.1225 0.0661 0.0766 -0.0156 -0.0140 -0.0025 5   DG  A N1    
97  C  C2    . DG  A 5 ? 0.1179 0.0657 0.0767 -0.0185 -0.0161 -0.0047 5   DG  A C2    
98  N  N2    . DG  A 5 ? 0.1099 0.0772 0.0888 -0.0163 -0.0185 -0.0031 5   DG  A N2    
99  N  N3    . DG  A 5 ? 0.1229 0.0668 0.0823 -0.0191 -0.0172 -0.0092 5   DG  A N3    
100 C  C4    . DG  A 5 ? 0.1213 0.0678 0.0776 -0.0224 -0.0151 -0.0092 5   DG  A C4    
101 P  P     . DC  A 6 ? 0.1402 0.0982 0.0948 -0.0138 0.0033  -0.0291 6   DC  A P     
102 O  OP1   . DC  A 6 ? 0.1498 0.0997 0.1126 -0.0110 0.0115  -0.0434 6   DC  A OP1   
103 O  OP2   . DC  A 6 ? 0.1515 0.1209 0.0940 -0.0131 -0.0049 -0.0279 6   DC  A OP2   
104 O  "O5'" . DC  A 6 ? 0.1381 0.0875 0.0874 -0.0071 -0.0009 -0.0227 6   DC  A "O5'" 
105 C  "C5'" . DC  A 6 ? 0.1174 0.0884 0.0921 -0.0034 0.0025  -0.0214 6   DC  A "C5'" 
106 C  "C4'" . DC  A 6 ? 0.1262 0.0836 0.0970 -0.0062 -0.0024 -0.0159 6   DC  A "C4'" 
107 O  "O4'" . DC  A 6 ? 0.1340 0.0692 0.0973 -0.0098 0.0014  -0.0206 6   DC  A "O4'" 
108 C  "C3'" . DC  A 6 ? 0.1296 0.0932 0.0993 -0.0024 0.0048  -0.0113 6   DC  A "C3'" 
109 O  "O3'" . DC  A 6 ? 0.1339 0.0903 0.1245 0.0003  0.0163  -0.0060 6   DC  A "O3'" 
110 C  "C2'" . DC  A 6 ? 0.1252 0.0884 0.1100 -0.0165 -0.0026 -0.0142 6   DC  A "C2'" 
111 C  "C1'" . DC  A 6 ? 0.1264 0.0744 0.0959 -0.0147 -0.0046 -0.0190 6   DC  A "C1'" 
112 N  N1    . DC  A 6 ? 0.1338 0.0737 0.0965 -0.0176 -0.0104 -0.0145 6   DC  A N1    
113 C  C2    . DC  A 6 ? 0.1320 0.0715 0.1008 -0.0175 -0.0105 -0.0143 6   DC  A C2    
114 O  O2    . DC  A 6 ? 0.1421 0.0739 0.1055 -0.0052 -0.0165 -0.0220 6   DC  A O2    
115 N  N3    . DC  A 6 ? 0.1300 0.0677 0.1032 -0.0189 -0.0097 -0.0141 6   DC  A N3    
116 C  C4    . DC  A 6 ? 0.1319 0.0755 0.1045 -0.0262 -0.0119 -0.0057 6   DC  A C4    
117 N  N4    . DC  A 6 ? 0.1446 0.0810 0.1194 -0.0189 -0.0179 0.0003  6   DC  A N4    
118 C  C5    . DC  A 6 ? 0.1406 0.0819 0.1028 -0.0216 -0.0066 -0.0053 6   DC  A C5    
119 C  C6    . DC  A 6 ? 0.1329 0.0844 0.0960 -0.0247 -0.0102 -0.0109 6   DC  A C6    
120 P  P     . DG  A 7 ? 0.1383 0.0785 0.1204 -0.0097 0.0120  -0.0167 7   DG  A P     
121 O  OP1   . DG  A 7 ? 0.1682 0.0923 0.1360 -0.0002 0.0202  -0.0283 7   DG  A OP1   
122 O  OP2   . DG  A 7 ? 0.1496 0.0759 0.1186 -0.0069 0.0102  -0.0205 7   DG  A OP2   
123 O  "O5'" . DG  A 7 ? 0.1323 0.0888 0.1191 0.0002  0.0064  -0.0139 7   DG  A "O5'" 
124 C  "C5'" . DG  A 7 ? 0.1317 0.1039 0.1207 0.0035  0.0079  -0.0059 7   DG  A "C5'" 
125 C  "C4'" . DG  A 7 ? 0.1342 0.1153 0.1186 -0.0008 0.0035  -0.0021 7   DG  A "C4'" 
126 O  "O4'" . DG  A 7 ? 0.1466 0.1148 0.1175 -0.0038 0.0078  -0.0038 7   DG  A "O4'" 
127 C  "C3'" . DG  A 7 ? 0.1275 0.1076 0.1141 0.0053  0.0018  -0.0030 7   DG  A "C3'" 
128 O  "O3'" . DG  A 7 ? 0.1354 0.1103 0.1212 0.0171  -0.0033 -0.0034 7   DG  A "O3'" 
129 C  "C2'" . DG  A 7 ? 0.1396 0.1172 0.1083 0.0039  0.0022  -0.0054 7   DG  A "C2'" 
130 C  "C1'" . DG  A 7 ? 0.1436 0.1142 0.1014 0.0015  0.0032  -0.0072 7   DG  A "C1'" 
131 N  N9    . DG  A 7 ? 0.1360 0.1152 0.0836 -0.0021 -0.0023 -0.0078 7   DG  A N9    
132 C  C8    . DG  A 7 ? 0.1371 0.1186 0.0856 -0.0004 0.0010  -0.0030 7   DG  A C8    
133 N  N7    . DG  A 7 ? 0.1415 0.1227 0.0803 0.0035  -0.0021 -0.0063 7   DG  A N7    
134 C  C5    . DG  A 7 ? 0.1328 0.1301 0.0685 0.0022  -0.0021 -0.0010 7   DG  A C5    
135 C  C6    . DG  A 7 ? 0.1385 0.1307 0.0723 0.0018  -0.0069 0.0034  7   DG  A C6    
136 O  O6    . DG  A 7 ? 0.1566 0.1362 0.0986 0.0119  -0.0071 0.0163  7   DG  A O6    
137 N  N1    . DG  A 7 ? 0.1431 0.1239 0.0954 0.0020  -0.0100 -0.0038 7   DG  A N1    
138 C  C2    . DG  A 7 ? 0.1421 0.1203 0.1032 -0.0032 -0.0161 -0.0049 7   DG  A C2    
139 N  N2    . DG  A 7 ? 0.1528 0.1397 0.1453 -0.0104 -0.0262 -0.0163 7   DG  A N2    
140 N  N3    . DG  A 7 ? 0.1318 0.1211 0.0890 0.0002  -0.0056 -0.0141 7   DG  A N3    
141 C  C4    . DG  A 7 ? 0.1333 0.1145 0.0754 -0.0025 -0.0052 -0.0039 7   DG  A C4    
142 P  P     . DC  A 8 ? 0.1528 0.1113 0.1359 0.0226  0.0130  -0.0060 8   DC  A P     
143 O  OP1   . DC  A 8 ? 0.1664 0.1405 0.1759 0.0393  0.0159  0.0112  8   DC  A OP1   
144 O  OP2   . DC  A 8 ? 0.1867 0.1272 0.1301 0.0126  0.0046  -0.0105 8   DC  A OP2   
145 O  "O5'" . DC  A 8 ? 0.1463 0.1160 0.1512 -0.0011 -0.0020 -0.0002 8   DC  A "O5'" 
146 C  "C5'" . DC  A 8 ? 0.1476 0.1260 0.1496 -0.0071 0.0041  -0.0052 8   DC  A "C5'" 
147 C  "C4'" . DC  A 8 ? 0.1534 0.1259 0.1345 -0.0088 0.0051  -0.0043 8   DC  A "C4'" 
148 O  "O4'" . DC  A 8 ? 0.1495 0.1207 0.1147 -0.0058 -0.0034 -0.0101 8   DC  A "O4'" 
149 C  "C3'" . DC  A 8 ? 0.1585 0.1196 0.1301 -0.0054 0.0099  -0.0091 8   DC  A "C3'" 
150 O  "O3'" . DC  A 8 ? 0.1867 0.1454 0.1559 -0.0202 0.0287  -0.0048 8   DC  A "O3'" 
151 C  "C2'" . DC  A 8 ? 0.1515 0.1154 0.1223 -0.0086 0.0091  -0.0005 8   DC  A "C2'" 
152 C  "C1'" . DC  A 8 ? 0.1470 0.1023 0.1159 -0.0134 0.0032  -0.0077 8   DC  A "C1'" 
153 N  N1    . DC  A 8 ? 0.1353 0.0896 0.0901 -0.0004 0.0055  -0.0108 8   DC  A N1    
154 C  C2    . DC  A 8 ? 0.1357 0.0844 0.0837 -0.0036 0.0089  -0.0170 8   DC  A C2    
155 O  O2    . DC  A 8 ? 0.1479 0.0834 0.1018 0.0052  0.0129  -0.0198 8   DC  A O2    
156 N  N3    . DC  A 8 ? 0.1302 0.0870 0.0809 0.0010  0.0048  -0.0132 8   DC  A N3    
157 C  C4    . DC  A 8 ? 0.1366 0.0890 0.0684 0.0017  0.0111  -0.0131 8   DC  A C4    
158 N  N4    . DC  A 8 ? 0.1348 0.0979 0.0836 0.0015  0.0083  -0.0099 8   DC  A N4    
159 C  C5    . DC  A 8 ? 0.1341 0.0973 0.0954 0.0043  0.0053  -0.0103 8   DC  A C5    
160 C  C6    . DC  A 8 ? 0.1402 0.0893 0.1024 0.0011  0.0044  -0.0124 8   DC  A C6    
161 O  "O5'" . DG  B 1 ? 0.1975 0.1549 0.1735 -0.0166 -0.0007 0.0234  1   DG  B "O5'" 
162 C  "C5'" . DG  B 1 ? 0.1678 0.0976 0.1419 0.0199  -0.0011 0.0090  1   DG  B "C5'" 
163 C  "C4'" . DG  B 1 ? 0.1401 0.0812 0.1234 0.0071  0.0002  -0.0055 1   DG  B "C4'" 
164 O  "O4'" . DG  B 1 ? 0.1362 0.0816 0.1180 0.0083  0.0010  -0.0043 1   DG  B "O4'" 
165 C  "C3'" . DG  B 1 ? 0.1331 0.0987 0.1190 0.0117  0.0002  -0.0045 1   DG  B "C3'" 
166 O  "O3'" . DG  B 1 ? 0.1419 0.0876 0.1055 0.0162  -0.0004 -0.0049 1   DG  B "O3'" 
167 C  "C2'" . DG  B 1 ? 0.1319 0.1018 0.1247 0.0074  0.0017  -0.0016 1   DG  B "C2'" 
168 C  "C1'" . DG  B 1 ? 0.1258 0.0858 0.1161 0.0013  -0.0071 -0.0054 1   DG  B "C1'" 
169 N  N9    . DG  B 1 ? 0.1283 0.0713 0.1317 0.0063  -0.0109 -0.0091 1   DG  B N9    
170 C  C8    . DG  B 1 ? 0.1223 0.0740 0.1459 0.0315  -0.0016 -0.0193 1   DG  B C8    
171 N  N7    . DG  B 1 ? 0.1375 0.0774 0.1477 0.0055  -0.0142 -0.0099 1   DG  B N7    
172 C  C5    . DG  B 1 ? 0.1228 0.0707 0.1250 -0.0047 -0.0122 0.0010  1   DG  B C5    
173 C  C6    . DG  B 1 ? 0.1267 0.0702 0.1241 -0.0111 -0.0140 -0.0010 1   DG  B C6    
174 O  O6    . DG  B 1 ? 0.1532 0.0786 0.1367 -0.0201 -0.0246 -0.0087 1   DG  B O6    
175 N  N1    . DG  B 1 ? 0.1182 0.0666 0.1131 -0.0221 -0.0136 0.0054  1   DG  B N1    
176 C  C2    . DG  B 1 ? 0.1219 0.0659 0.0998 -0.0144 -0.0066 -0.0023 1   DG  B C2    
177 N  N2    . DG  B 1 ? 0.1250 0.0890 0.1091 -0.0031 -0.0103 -0.0097 1   DG  B N2    
178 N  N3    . DG  B 1 ? 0.1231 0.0712 0.0994 -0.0024 -0.0058 -0.0033 1   DG  B N3    
179 C  C4    . DG  B 1 ? 0.1255 0.0715 0.1124 0.0014  -0.0070 -0.0066 1   DG  B C4    
180 P  P     . DC  B 2 ? 0.1667 0.1075 0.1050 0.0314  0.0089  -0.0036 2   DC  B P     
181 O  OP1   . DC  B 2 ? 0.1931 0.1144 0.1037 0.0272  -0.0040 -0.0138 2   DC  B OP1   
182 O  OP2   . DC  B 2 ? 0.1766 0.1629 0.1476 0.0516  0.0179  0.0115  2   DC  B OP2   
183 O  "O5'" . DC  B 2 ? 0.1306 0.1011 0.1094 0.0165  0.0066  0.0078  2   DC  B "O5'" 
184 C  "C5'" . DC  B 2 ? 0.1171 0.0812 0.0975 -0.0001 -0.0047 -0.0031 2   DC  B "C5'" 
185 C  "C4'" . DC  B 2 ? 0.1016 0.0768 0.0760 -0.0113 -0.0106 -0.0126 2   DC  B "C4'" 
186 O  "O4'" . DC  B 2 ? 0.1197 0.1006 0.0720 -0.0281 -0.0129 -0.0106 2   DC  B "O4'" 
187 C  "C3'" . DC  B 2 ? 0.1117 0.0789 0.0755 -0.0083 -0.0133 -0.0077 2   DC  B "C3'" 
188 O  "O3'" . DC  B 2 ? 0.1224 0.0733 0.0742 -0.0017 -0.0168 -0.0179 2   DC  B "O3'" 
189 C  "C2'" . DC  B 2 ? 0.1108 0.0866 0.0784 -0.0088 -0.0096 -0.0099 2   DC  B "C2'" 
190 C  "C1'" . DC  B 2 ? 0.1145 0.0779 0.0767 -0.0144 -0.0108 -0.0091 2   DC  B "C1'" 
191 N  N1    . DC  B 2 ? 0.1120 0.0687 0.0796 -0.0087 -0.0105 -0.0117 2   DC  B N1    
192 C  C2    . DC  B 2 ? 0.1144 0.0640 0.0773 -0.0106 -0.0087 -0.0085 2   DC  B C2    
193 O  O2    . DC  B 2 ? 0.1138 0.0773 0.0811 -0.0062 -0.0170 -0.0208 2   DC  B O2    
194 N  N3    . DC  B 2 ? 0.1125 0.0684 0.0861 -0.0114 -0.0106 -0.0091 2   DC  B N3    
195 C  C4    . DC  B 2 ? 0.1145 0.0779 0.0897 -0.0051 -0.0154 -0.0119 2   DC  B C4    
196 N  N4    . DC  B 2 ? 0.1062 0.0900 0.1096 0.0046  -0.0199 -0.0154 2   DC  B N4    
197 C  C5    . DC  B 2 ? 0.1142 0.0806 0.0925 0.0001  -0.0091 -0.0149 2   DC  B C5    
198 C  C6    . DC  B 2 ? 0.1130 0.0798 0.0915 -0.0031 -0.0078 -0.0094 2   DC  B C6    
199 P  P     . DA  B 3 ? 0.1223 0.0718 0.0723 -0.0099 -0.0170 -0.0154 3   DA  B P     
200 O  OP1   . DA  B 3 ? 0.1326 0.0778 0.0873 -0.0121 -0.0183 -0.0222 3   DA  B OP1   
201 O  OP2   . DA  B 3 ? 0.1281 0.0885 0.0782 -0.0117 -0.0127 -0.0139 3   DA  B OP2   
202 O  "O5'" . DA  B 3 ? 0.1191 0.0833 0.0861 -0.0086 -0.0168 -0.0061 3   DA  B "O5'" 
203 C  "C5'" . DA  B 3 ? 0.1188 0.0865 0.0936 -0.0090 -0.0141 -0.0079 3   DA  B "C5'" 
204 C  "C4'" . DA  B 3 ? 0.1056 0.0876 0.0888 -0.0158 -0.0168 -0.0177 3   DA  B "C4'" 
205 O  "O4'" . DA  B 3 ? 0.1178 0.0949 0.0803 -0.0194 -0.0182 -0.0157 3   DA  B "O4'" 
206 C  "C3'" . DA  B 3 ? 0.1147 0.0939 0.0977 -0.0037 -0.0245 -0.0161 3   DA  B "C3'" 
207 O  "O3'" . DA  B 3 ? 0.1191 0.1013 0.1062 0.0021  -0.0322 -0.0342 3   DA  B "O3'" 
208 C  "C2'" . DA  B 3 ? 0.1103 0.0895 0.0851 -0.0014 -0.0157 -0.0125 3   DA  B "C2'" 
209 C  "C1'" . DA  B 3 ? 0.1040 0.0890 0.0849 -0.0078 -0.0179 -0.0175 3   DA  B "C1'" 
210 N  N9    . DA  B 3 ? 0.1039 0.0829 0.0744 -0.0126 -0.0124 -0.0170 3   DA  B N9    
211 C  C8    . DA  B 3 ? 0.1097 0.0815 0.0738 -0.0096 -0.0101 -0.0151 3   DA  B C8    
212 N  N7    . DA  B 3 ? 0.1047 0.0746 0.0755 -0.0044 -0.0085 -0.0166 3   DA  B N7    
213 C  C5    . DA  B 3 ? 0.1045 0.0738 0.0639 -0.0035 -0.0055 -0.0154 3   DA  B C5    
214 C  C6    . DA  B 3 ? 0.1022 0.0763 0.0688 -0.0104 -0.0013 -0.0102 3   DA  B C6    
215 N  N6    . DA  B 3 ? 0.1008 0.0765 0.0767 -0.0032 -0.0028 -0.0135 3   DA  B N6    
216 N  N1    . DA  B 3 ? 0.1090 0.0748 0.0784 -0.0089 -0.0014 -0.0108 3   DA  B N1    
217 C  C2    . DA  B 3 ? 0.1109 0.0805 0.0823 -0.0043 -0.0053 -0.0054 3   DA  B C2    
218 N  N3    . DA  B 3 ? 0.1113 0.0828 0.0911 -0.0045 -0.0099 -0.0105 3   DA  B N3    
219 C  C4    . DA  B 3 ? 0.1063 0.0790 0.0689 -0.0075 -0.0076 -0.0154 3   DA  B C4    
220 P  P     . DC  B 4 ? 0.1336 0.0903 0.1287 0.0024  -0.0463 -0.0180 4   DC  B P     
221 O  OP1   . DC  B 4 ? 0.1685 0.1244 0.1480 0.0068  -0.0322 0.0102  4   DC  B OP1   
222 O  OP2   . DC  B 4 ? 0.1464 0.1042 0.1718 0.0169  -0.0408 -0.0196 4   DC  B OP2   
223 O  "O5'" . DC  B 4 ? 0.1347 0.1023 0.1042 -0.0080 -0.0235 -0.0273 4   DC  B "O5'" 
224 C  "C5'" . DC  B 4 ? 0.1300 0.1156 0.1031 -0.0074 -0.0197 -0.0296 4   DC  B "C5'" 
225 C  "C4'" . DC  B 4 ? 0.1296 0.1124 0.0945 -0.0027 -0.0261 -0.0213 4   DC  B "C4'" 
226 O  "O4'" . DC  B 4 ? 0.1207 0.1107 0.0999 0.0020  -0.0316 -0.0258 4   DC  B "O4'" 
227 C  "C3'" . DC  B 4 ? 0.1291 0.1062 0.1018 -0.0060 -0.0389 -0.0219 4   DC  B "C3'" 
228 O  "O3'" . DC  B 4 ? 0.1613 0.1072 0.1062 -0.0061 -0.0529 -0.0195 4   DC  B "O3'" 
229 C  "C2'" . DC  B 4 ? 0.1233 0.1084 0.1124 -0.0022 -0.0277 -0.0167 4   DC  B "C2'" 
230 C  "C1'" . DC  B 4 ? 0.1236 0.1062 0.1006 -0.0012 -0.0250 -0.0200 4   DC  B "C1'" 
231 N  N1    . DC  B 4 ? 0.1164 0.0948 0.1000 -0.0077 -0.0265 -0.0239 4   DC  B N1    
232 C  C2    . DC  B 4 ? 0.1117 0.0875 0.1043 -0.0047 -0.0289 -0.0248 4   DC  B C2    
233 O  O2    . DC  B 4 ? 0.1379 0.0889 0.1057 0.0024  -0.0279 -0.0235 4   DC  B O2    
234 N  N3    . DC  B 4 ? 0.1039 0.0903 0.0971 -0.0115 -0.0239 -0.0262 4   DC  B N3    
235 C  C4    . DC  B 4 ? 0.1059 0.0905 0.1045 -0.0067 -0.0128 -0.0189 4   DC  B C4    
236 N  N4    . DC  B 4 ? 0.1400 0.1049 0.1011 0.0010  -0.0100 -0.0193 4   DC  B N4    
237 C  C5    . DC  B 4 ? 0.1299 0.0943 0.1067 -0.0120 -0.0163 -0.0205 4   DC  B C5    
238 C  C6    . DC  B 4 ? 0.1352 0.0965 0.1096 -0.0041 -0.0182 -0.0196 4   DC  B C6    
239 P  P     . DG  B 5 ? 0.1714 0.1132 0.1146 0.0057  -0.0594 -0.0099 5   DG  B P     
240 O  OP1   . DG  B 5 ? 0.2019 0.1166 0.1447 -0.0077 -0.0629 -0.0021 5   DG  B OP1   
241 O  OP2   . DG  B 5 ? 0.1644 0.1325 0.1334 0.0113  -0.0509 -0.0035 5   DG  B OP2   
242 O  "O5'" . DG  B 5 ? 0.1471 0.1140 0.1025 0.0146  -0.0336 -0.0200 5   DG  B "O5'" 
243 C  "C5'" . DG  B 5 ? 0.1461 0.1133 0.0918 0.0085  -0.0161 -0.0065 5   DG  B "C5'" 
244 C  "C4'" . DG  B 5 ? 0.1224 0.0885 0.0836 -0.0009 -0.0098 -0.0180 5   DG  B "C4'" 
245 O  "O4'" . DG  B 5 ? 0.1262 0.0903 0.0816 -0.0071 -0.0163 -0.0153 5   DG  B "O4'" 
246 C  "C3'" . DG  B 5 ? 0.1253 0.0872 0.0887 -0.0030 -0.0162 -0.0111 5   DG  B "C3'" 
247 O  "O3'" . DG  B 5 ? 0.1427 0.0864 0.0900 0.0023  -0.0172 -0.0109 5   DG  B "O3'" 
248 C  "C2'" . DG  B 5 ? 0.1192 0.0894 0.0884 -0.0066 -0.0149 -0.0112 5   DG  B "C2'" 
249 C  "C1'" . DG  B 5 ? 0.1183 0.0865 0.0831 -0.0057 -0.0149 -0.0185 5   DG  B "C1'" 
250 N  N9    . DG  B 5 ? 0.1089 0.0886 0.0773 -0.0063 -0.0153 -0.0166 5   DG  B N9    
251 C  C8    . DG  B 5 ? 0.1106 0.0937 0.0808 -0.0026 -0.0133 -0.0145 5   DG  B C8    
252 N  N7    . DG  B 5 ? 0.1069 0.0958 0.0823 -0.0020 -0.0105 -0.0232 5   DG  B N7    
253 C  C5    . DG  B 5 ? 0.1065 0.0954 0.0705 -0.0044 -0.0073 -0.0209 5   DG  B C5    
254 C  C6    . DG  B 5 ? 0.1071 0.0943 0.0767 0.0003  -0.0078 -0.0224 5   DG  B C6    
255 O  O6    . DG  B 5 ? 0.1046 0.0967 0.1108 0.0025  -0.0153 -0.0337 5   DG  B O6    
256 N  N1    . DG  B 5 ? 0.1071 0.0915 0.0786 -0.0044 -0.0073 -0.0198 5   DG  B N1    
257 C  C2    . DG  B 5 ? 0.1011 0.0886 0.0703 -0.0081 -0.0051 -0.0155 5   DG  B C2    
258 N  N2    . DG  B 5 ? 0.0997 0.1030 0.0788 -0.0034 -0.0074 -0.0177 5   DG  B N2    
259 N  N3    . DG  B 5 ? 0.1004 0.0909 0.0718 -0.0148 -0.0083 -0.0172 5   DG  B N3    
260 C  C4    . DG  B 5 ? 0.1005 0.0924 0.0693 -0.0084 -0.0103 -0.0176 5   DG  B C4    
261 P  P     . DC  B 6 ? 0.1488 0.0803 0.0917 -0.0021 -0.0133 -0.0140 6   DC  B P     
262 O  OP1   . DC  B 6 ? 0.1744 0.0833 0.1080 0.0058  -0.0121 -0.0188 6   DC  B OP1   
263 O  OP2   . DC  B 6 ? 0.1473 0.0893 0.1182 -0.0053 -0.0165 -0.0173 6   DC  B OP2   
264 O  "O5'" . DC  B 6 ? 0.1235 0.0751 0.0891 -0.0005 -0.0022 -0.0138 6   DC  B "O5'" 
265 C  "C5'" . DC  B 6 ? 0.1251 0.0831 0.0936 -0.0004 -0.0077 -0.0103 6   DC  B "C5'" 
266 C  "C4'" . DC  B 6 ? 0.1245 0.0778 0.0915 0.0033  -0.0057 -0.0087 6   DC  B "C4'" 
267 O  "O4'" . DC  B 6 ? 0.1333 0.0720 0.0871 -0.0040 -0.0050 -0.0103 6   DC  B "O4'" 
268 C  "C3'" . DC  B 6 ? 0.1279 0.0825 0.0872 0.0030  -0.0097 -0.0081 6   DC  B "C3'" 
269 O  "O3'" . DC  B 6 ? 0.1433 0.0831 0.0931 0.0063  -0.0096 -0.0043 6   DC  B "O3'" 
270 C  "C2'" . DC  B 6 ? 0.1212 0.0879 0.0847 0.0008  -0.0062 -0.0128 6   DC  B "C2'" 
271 C  "C1'" . DC  B 6 ? 0.1257 0.0827 0.0890 0.0018  -0.0122 -0.0152 6   DC  B "C1'" 
272 N  N1    . DC  B 6 ? 0.1217 0.0933 0.0759 -0.0002 -0.0076 -0.0174 6   DC  B N1    
273 C  C2    . DC  B 6 ? 0.1344 0.0919 0.0783 -0.0031 -0.0166 -0.0174 6   DC  B C2    
274 O  O2    . DC  B 6 ? 0.1421 0.0898 0.1025 -0.0053 -0.0218 -0.0260 6   DC  B O2    
275 N  N3    . DC  B 6 ? 0.1288 0.1006 0.0750 -0.0005 -0.0054 -0.0268 6   DC  B N3    
276 C  C4    . DC  B 6 ? 0.1221 0.1085 0.0901 -0.0017 -0.0091 -0.0106 6   DC  B C4    
277 N  N4    . DC  B 6 ? 0.1281 0.1193 0.1035 0.0067  -0.0119 -0.0165 6   DC  B N4    
278 C  C5    . DC  B 6 ? 0.1288 0.1102 0.0860 -0.0003 -0.0100 -0.0184 6   DC  B C5    
279 C  C6    . DC  B 6 ? 0.1264 0.1062 0.0850 -0.0055 -0.0128 -0.0173 6   DC  B C6    
280 P  P     . DG  B 7 ? 0.1564 0.0790 0.0832 0.0031  -0.0190 -0.0131 7   DG  B P     
281 O  OP1   . DG  B 7 ? 0.1779 0.0770 0.1032 0.0030  -0.0126 -0.0115 7   DG  B OP1   
282 O  OP2   . DG  B 7 ? 0.1572 0.0928 0.0923 0.0000  -0.0137 -0.0131 7   DG  B OP2   
283 O  "O5'" . DG  B 7 ? 0.1493 0.0842 0.0950 0.0038  -0.0193 -0.0138 7   DG  B "O5'" 
284 C  "C5'" . DG  B 7 ? 0.1514 0.0935 0.0963 0.0003  -0.0077 -0.0094 7   DG  B "C5'" 
285 C  "C4'" . DG  B 7 ? 0.1376 0.0906 0.1019 -0.0052 -0.0041 -0.0028 7   DG  B "C4'" 
286 O  "O4'" . DG  B 7 ? 0.1580 0.0900 0.1024 -0.0063 -0.0039 -0.0020 7   DG  B "O4'" 
287 C  "C3'" . DG  B 7 ? 0.1314 0.0858 0.1024 -0.0055 -0.0051 0.0022  7   DG  B "C3'" 
288 O  "O3'" . DG  B 7 ? 0.1395 0.0897 0.1182 0.0001  -0.0125 -0.0007 7   DG  B "O3'" 
289 C  "C2'" . DG  B 7 ? 0.1351 0.0864 0.1050 -0.0065 -0.0061 -0.0005 7   DG  B "C2'" 
290 C  "C1'" . DG  B 7 ? 0.1337 0.0842 0.1033 -0.0141 -0.0025 0.0013  7   DG  B "C1'" 
291 N  N9    . DG  B 7 ? 0.1275 0.0788 0.1002 -0.0197 -0.0081 0.0011  7   DG  B N9    
292 C  C8    . DG  B 7 ? 0.1325 0.0853 0.0987 -0.0168 -0.0090 0.0019  7   DG  B C8    
293 N  N7    . DG  B 7 ? 0.1244 0.0992 0.0899 -0.0118 0.0024  0.0098  7   DG  B N7    
294 C  C5    . DG  B 7 ? 0.1268 0.0864 0.0999 -0.0218 -0.0081 0.0102  7   DG  B C5    
295 C  C6    . DG  B 7 ? 0.1378 0.0831 0.1120 -0.0237 -0.0026 0.0079  7   DG  B C6    
296 O  O6    . DG  B 7 ? 0.1460 0.1006 0.1353 -0.0118 -0.0018 0.0136  7   DG  B O6    
297 N  N1    . DG  B 7 ? 0.1467 0.0713 0.1203 -0.0214 -0.0105 0.0028  7   DG  B N1    
298 C  C2    . DG  B 7 ? 0.1415 0.0869 0.1115 -0.0186 -0.0198 -0.0070 7   DG  B C2    
299 N  N2    . DG  B 7 ? 0.1553 0.1162 0.1245 -0.0117 -0.0338 -0.0169 7   DG  B N2    
300 N  N3    . DG  B 7 ? 0.1296 0.0800 0.1103 -0.0150 -0.0205 -0.0008 7   DG  B N3    
301 C  C4    . DG  B 7 ? 0.1244 0.0791 0.0978 -0.0241 -0.0085 0.0016  7   DG  B C4    
302 P  P     . DC  B 8 ? 0.1570 0.0868 0.1042 0.0098  -0.0166 -0.0011 8   DC  B P     
303 O  OP1   . DC  B 8 ? 0.1595 0.1251 0.1364 0.0240  -0.0192 0.0031  8   DC  B OP1   
304 O  OP2   . DC  B 8 ? 0.1637 0.0886 0.1092 0.0052  -0.0109 -0.0031 8   DC  B OP2   
305 O  "O5'" . DC  B 8 ? 0.1663 0.0993 0.1025 0.0062  -0.0240 -0.0133 8   DC  B "O5'" 
306 C  "C5'" . DC  B 8 ? 0.1493 0.1154 0.1193 -0.0042 -0.0242 -0.0137 8   DC  B "C5'" 
307 C  "C4'" . DC  B 8 ? 0.1639 0.1080 0.1099 0.0005  -0.0223 -0.0065 8   DC  B "C4'" 
308 O  "O4'" . DC  B 8 ? 0.1600 0.1034 0.1031 -0.0110 -0.0182 -0.0045 8   DC  B "O4'" 
309 C  "C3'" . DC  B 8 ? 0.1760 0.1119 0.0935 -0.0006 -0.0144 -0.0024 8   DC  B "C3'" 
310 O  "O3'" . DC  B 8 ? 0.2192 0.1106 0.0946 -0.0016 -0.0215 -0.0033 8   DC  B "O3'" 
311 C  "C2'" . DC  B 8 ? 0.1602 0.1006 0.1001 -0.0117 -0.0094 0.0016  8   DC  B "C2'" 
312 C  "C1'" . DC  B 8 ? 0.1590 0.0954 0.0949 -0.0100 -0.0129 -0.0004 8   DC  B "C1'" 
313 N  N1    . DC  B 8 ? 0.1406 0.0663 0.0920 -0.0135 -0.0040 -0.0052 8   DC  B N1    
314 C  C2    . DC  B 8 ? 0.1305 0.0726 0.0916 -0.0099 -0.0012 -0.0084 8   DC  B C2    
315 O  O2    . DC  B 8 ? 0.1401 0.0729 0.1087 -0.0061 0.0004  -0.0143 8   DC  B O2    
316 N  N3    . DC  B 8 ? 0.1186 0.0674 0.0821 -0.0152 0.0077  0.0000  8   DC  B N3    
317 C  C4    . DC  B 8 ? 0.1266 0.0669 0.0947 -0.0075 -0.0048 -0.0038 8   DC  B C4    
318 N  N4    . DC  B 8 ? 0.1199 0.0707 0.0967 -0.0091 -0.0050 0.0035  8   DC  B N4    
319 C  C5    . DC  B 8 ? 0.1259 0.0712 0.0952 -0.0069 -0.0081 -0.0022 8   DC  B C5    
320 C  C6    . DC  B 8 ? 0.1301 0.0609 0.0939 -0.0109 -0.0071 -0.0020 8   DC  B C6    
321 AG AG    . AG  C . ? 0.1299 0.1165 0.0970 -0.0035 -0.0101 0.0089  101 AG  A AG    
322 AG AG    . AG  D . ? 0.1396 0.0663 0.0894 0.0073  0.0096  -0.0073 102 AG  A AG    
323 AG AG    . AG  E . ? 0.1031 0.0629 0.1137 0.0001  -0.0266 -0.0263 103 AG  A AG    
324 N  N1    . SPM F . ? 0.2716 0.2569 0.2620 -0.0021 -0.0040 0.0047  101 SPM B N1    
325 C  C2    . SPM F . ? 0.2614 0.2594 0.2586 -0.0011 -0.0032 0.0019  101 SPM B C2    
326 C  C3    . SPM F . ? 0.2582 0.2515 0.2576 0.0005  -0.0012 -0.0010 101 SPM B C3    
327 C  C4    . SPM F . ? 0.2581 0.2514 0.2544 0.0027  -0.0034 0.0001  101 SPM B C4    
328 N  N5    . SPM F . ? 0.2525 0.2437 0.2530 0.0055  -0.0006 -0.0013 101 SPM B N5    
329 C  C6    . SPM F . ? 0.2605 0.2420 0.2511 0.0008  0.0041  -0.0044 101 SPM B C6    
330 C  C7    . SPM F . ? 0.2589 0.2390 0.2624 0.0040  0.0036  -0.0010 101 SPM B C7    
331 C  C8    . SPM F . ? 0.2436 0.2377 0.2528 0.0047  -0.0044 -0.0099 101 SPM B C8    
332 C  C9    . SPM F . ? 0.2501 0.2377 0.2488 0.0003  -0.0012 -0.0114 101 SPM B C9    
333 N  N10   . SPM F . ? 0.2450 0.2484 0.2433 0.0041  -0.0043 -0.0069 101 SPM B N10   
334 C  C11   . SPM F . ? 0.2656 0.2653 0.2403 -0.0123 0.0048  -0.0058 101 SPM B C11   
335 C  C12   . SPM F . ? 0.2726 0.2590 0.2535 -0.0073 0.0009  -0.0052 101 SPM B C12   
336 C  C13   . SPM F . ? 0.2672 0.2271 0.2289 0.0027  -0.0034 -0.0094 101 SPM B C13   
337 N  N14   . SPM F . ? 0.2455 0.2257 0.2188 0.0028  0.0063  -0.0105 101 SPM B N14   
338 O  O     . HOH G . ? 0.2231 0.1625 0.3444 -0.0008 0.0813  -0.0648 201 HOH A O     
339 O  O     . HOH G . ? 0.2167 0.1170 0.1639 -0.0062 -0.0132 0.0081  202 HOH A O     
340 O  O     . HOH G . ? 0.2265 0.1959 0.1889 -0.0541 0.0143  -0.0009 203 HOH A O     
341 O  O     . HOH G . ? 0.2226 0.1923 0.1729 0.0253  0.0199  -0.0163 204 HOH A O     
342 O  O     . HOH G . ? 0.5135 0.2691 0.4029 -0.1023 0.1183  -0.0465 205 HOH A O     
343 O  O     . HOH G . ? 0.1742 0.1117 0.1085 -0.0040 -0.0325 -0.0048 206 HOH A O     
344 O  O     . HOH G . ? 0.2153 0.1766 0.1815 -0.0331 -0.0125 0.0179  207 HOH A O     
345 O  O     . HOH G . ? 0.2500 0.1674 0.2195 0.0009  -0.0541 0.0123  208 HOH A O     
346 O  O     . HOH G . ? 0.2444 0.2640 0.4434 0.0034  0.0000  0.0137  209 HOH A O     
347 O  O     . HOH G . ? 0.1141 0.0778 0.0843 -0.0040 -0.0047 -0.0095 210 HOH A O     
348 O  O     . HOH G . ? 0.2289 0.2160 0.4057 0.0353  0.0876  -0.0557 211 HOH A O     
349 O  O     . HOH G . ? 0.3944 0.1329 0.2731 -0.0101 0.0436  -0.0239 212 HOH A O     
350 O  O     . HOH G . ? 0.2442 0.2038 0.2418 0.0344  -0.0838 0.0194  213 HOH A O     
351 O  O     . HOH G . ? 0.3697 0.1853 0.2099 -0.0370 0.0020  0.0157  214 HOH A O     
352 O  O     . HOH G . ? 0.4270 0.1736 0.1471 0.0564  0.0169  -0.0268 215 HOH A O     
353 O  O     . HOH G . ? 0.1806 0.2139 0.2036 -0.0691 -0.0602 0.0142  216 HOH A O     
354 O  O     . HOH G . ? 0.4000 0.4268 0.2595 0.0936  -0.0180 0.0142  217 HOH A O     
355 O  O     . HOH G . ? 0.1855 0.2993 0.1770 0.0004  -0.0344 -0.0278 218 HOH A O     
356 O  O     . HOH G . ? 0.2314 0.1473 0.1498 0.0013  -0.0035 -0.0070 219 HOH A O     
357 O  O     . HOH G . ? 0.2577 0.2035 0.2402 -0.0146 0.0224  -0.0953 220 HOH A O     
358 O  O     . HOH G . ? 0.2487 0.1202 0.2075 0.0178  0.0223  -0.0367 221 HOH A O     
359 O  O     . HOH G . ? 0.2166 0.2390 0.1999 0.0559  -0.0695 -0.0374 222 HOH A O     
360 O  O     . HOH G . ? 0.1953 0.2097 0.3315 0.0516  -0.0858 -0.0504 223 HOH A O     
361 O  O     . HOH G . ? 0.2264 0.1651 0.1248 -0.0639 0.0152  -0.0150 224 HOH A O     
362 O  O     . HOH G . ? 0.2067 0.3574 0.2368 -0.0233 -0.0299 -0.0328 225 HOH A O     
363 O  O     . HOH G . ? 0.3110 0.1808 0.1691 -0.0836 -0.0890 0.0065  226 HOH A O     
364 O  O     . HOH G . ? 0.2469 0.1864 0.2981 0.0705  -0.0657 0.0034  227 HOH A O     
365 O  O     . HOH G . ? 0.4392 0.2883 0.4788 -0.1291 -0.0642 0.0091  228 HOH A O     
366 O  O     . HOH G . ? 0.2335 0.2421 0.2503 0.0287  -0.0748 -0.0303 229 HOH A O     
367 O  O     . HOH G . ? 0.2635 0.2764 0.2719 0.0043  -0.0447 0.0004  230 HOH A O     
368 O  O     . HOH G . ? 0.3190 0.3033 0.2976 0.0581  -0.0835 -0.0422 231 HOH A O     
369 O  O     . HOH G . ? 0.2823 0.2132 0.3503 -0.0003 -0.0114 -0.0760 232 HOH A O     
370 O  O     . HOH G . ? 0.2315 0.2071 0.3623 -0.0225 -0.1465 0.0486  233 HOH A O     
371 O  O     . HOH G . ? 0.4327 0.2526 0.2116 0.0059  0.0074  0.0222  234 HOH A O     
372 O  O     . HOH G . ? 0.3944 0.3632 0.2306 -0.0365 0.0847  -0.0202 235 HOH A O     
373 O  O     . HOH G . ? 0.3906 0.2008 0.4329 0.0955  0.0422  0.0363  236 HOH A O     
374 O  O     . HOH G . ? 0.4507 0.1951 0.2717 -0.0217 0.0665  -0.0923 237 HOH A O     
375 O  O     . HOH G . ? 0.4189 0.3842 0.2379 -0.0632 0.0219  0.0144  238 HOH A O     
376 O  O     . HOH G . ? 0.3599 0.3305 0.3863 0.0159  -0.0813 0.0487  239 HOH A O     
377 O  O     . HOH G . ? 0.3848 0.2694 0.2594 0.0926  0.0191  0.0294  240 HOH A O     
378 O  O     . HOH H . ? 0.2159 0.0961 0.1267 0.0234  -0.0170 -0.0097 201 HOH B O     
379 O  O     . HOH H . ? 0.2170 0.2351 0.2006 -0.0077 -0.0572 0.0611  202 HOH B O     
380 O  O     . HOH H . ? 0.1701 0.1771 0.1733 0.0018  -0.0127 -0.0301 203 HOH B O     
381 O  O     . HOH H . ? 0.2101 0.1929 0.1677 -0.0084 -0.0031 0.0322  204 HOH B O     
382 O  O     . HOH H . ? 0.5274 0.2573 0.2405 0.0023  -0.1025 -0.0858 205 HOH B O     
383 O  O     . HOH H . ? 0.3263 0.1956 0.2331 0.0054  -0.0342 -0.0049 206 HOH B O     
384 O  O     . HOH H . ? 0.2065 0.2083 0.1382 -0.0267 -0.0687 -0.0272 207 HOH B O     
385 O  O     . HOH H . ? 0.1405 0.0871 0.1247 -0.0038 -0.0141 -0.0118 208 HOH B O     
386 O  O     . HOH H . ? 0.3549 0.1295 0.1210 0.0291  -0.0244 -0.0158 209 HOH B O     
387 O  O     . HOH H . ? 0.2517 0.0950 0.1162 0.0170  -0.0247 -0.0207 210 HOH B O     
388 O  O     . HOH H . ? 0.1917 0.1545 0.3208 -0.0088 -0.1060 0.0040  211 HOH B O     
389 O  O     . HOH H . ? 0.1665 0.1931 0.2922 0.0389  -0.0746 -0.0625 212 HOH B O     
390 O  O     . HOH H . ? 0.2230 0.1063 0.1576 0.0174  0.0053  0.0180  213 HOH B O     
391 O  O     . HOH H . ? 0.1923 0.1910 0.2131 -0.0058 -0.0092 0.0187  214 HOH B O     
392 O  O     . HOH H . ? 0.2602 0.2859 0.2854 0.0694  -0.0135 0.0251  215 HOH B O     
393 O  O     . HOH H . ? 0.2541 0.1479 0.2538 -0.0478 0.0225  -0.0398 216 HOH B O     
394 O  O     . HOH H . ? 0.1857 0.2008 0.2832 0.0455  -0.0713 0.0065  217 HOH B O     
395 O  O     . HOH H . ? 0.1849 0.1731 0.2882 0.0043  -0.0384 -0.0433 218 HOH B O     
396 O  O     . HOH H . ? 0.1287 0.0839 0.0804 -0.0049 0.0028  -0.0053 219 HOH B O     
397 O  O     . HOH H . ? 0.3447 0.1961 0.1736 0.0944  -0.0163 -0.0314 220 HOH B O     
398 O  O     . HOH H . ? 0.2021 0.1610 0.1636 0.0089  0.0019  -0.0316 221 HOH B O     
399 O  O     . HOH H . ? 0.1892 0.2572 0.3378 -0.0491 -0.0439 0.0295  222 HOH B O     
400 O  O     . HOH H . ? 0.2753 0.1920 0.1636 -0.0365 -0.0031 -0.0150 223 HOH B O     
401 O  O     . HOH H . ? 0.2743 0.2341 0.2518 0.0291  0.0278  0.0086  224 HOH B O     
402 O  O     . HOH H . ? 0.3247 0.1929 0.2904 0.0111  -0.0852 -0.0237 225 HOH B O     
403 O  O     . HOH H . ? 0.2695 0.3435 0.2756 0.0532  0.0173  0.0517  226 HOH B O     
404 O  O     . HOH H . ? 0.3191 0.1773 0.1603 0.0544  0.0178  -0.0550 227 HOH B O     
405 O  O     . HOH H . ? 0.2360 0.3079 0.3214 -0.0247 -0.0752 -0.0531 228 HOH B O     
406 O  O     . HOH H . ? 0.2077 0.2203 0.2795 0.0898  -0.0146 -0.0040 229 HOH B O     
407 O  O     . HOH H . ? 0.1959 0.2166 0.1612 -0.0336 -0.0286 -0.0310 230 HOH B O     
408 O  O     . HOH H . ? 0.2138 0.1310 0.1522 -0.0146 0.0251  -0.0222 231 HOH B O     
409 O  O     . HOH H . ? 0.2984 0.2360 0.2411 0.0216  0.0293  -0.0386 232 HOH B O     
410 O  O     . HOH H . ? 0.3861 0.3740 0.3846 0.0426  -0.1436 0.0146  233 HOH B O     
411 O  O     . HOH H . ? 0.3945 0.2540 0.3326 -0.0604 -0.1334 -0.1008 234 HOH B O     
412 O  O     . HOH H . ? 0.4467 0.4713 0.7516 0.0844  0.0676  -0.2268 235 HOH B O     
413 O  O     . HOH H . ? 0.3379 0.3283 0.4682 0.1655  -0.0956 -0.1823 236 HOH B O     
414 O  O     . HOH H . ? 0.2780 0.2339 0.2209 0.0529  0.0398  0.0079  237 HOH B O     
415 O  O     . HOH H . ? 0.3127 0.2642 0.3124 0.0829  0.0551  0.0289  238 HOH B O     
416 O  O     . HOH H . ? 0.4060 0.3803 0.3033 -0.0924 0.0480  -0.0016 239 HOH B O     
417 O  O     . HOH H . ? 0.3473 0.6631 0.2756 -0.1683 -0.1208 0.1396  240 HOH B O     
418 O  O     . HOH H . ? 0.2935 0.2551 0.3821 -0.0240 -0.0677 0.0011  241 HOH B O     
419 O  O     . HOH H . ? 0.4168 0.1814 0.1819 0.0267  -0.0302 -0.0629 242 HOH B O     
420 O  O     . HOH H . ? 0.3651 0.4135 0.2467 -0.0438 0.0039  -0.0824 243 HOH B O     
# 
